data_1CN3
#
_entry.id   1CN3
#
_cell.length_a   219.000
_cell.length_b   219.000
_cell.length_c   99.000
_cell.angle_alpha   90.00
_cell.angle_beta   90.00
_cell.angle_gamma   120.00
#
_symmetry.space_group_name_H-M   'P 31 2 1'
#
loop_
_entity.id
_entity.type
_entity.pdbx_description
1 polymer 'COAT PROTEIN VP1'
2 polymer 'FRAGMENT OF COAT PROTEIN VP2'
#
loop_
_entity_poly.entity_id
_entity_poly.type
_entity_poly.pdbx_seq_one_letter_code
_entity_poly.pdbx_strand_id
1 'polypeptide(L)'
;MEVLDLVTGPDSVTEIEAFLNPRMGQPPTPESLTEGGQYYGWSRGINLATSDTEDSPGNNTLPTWSMAKLQLPMLNEDLT
CDTLQMWEAVSVKTEVVGSGSLLDVHGFNKPTDTVNTKGISTPVEGSQYHVFAVGGEPLDLQGLVTDARTKYKEEGVVTI
KTITKKDMVNKDQVLNPISKAKLDKDGMYPVEIWHPDPAKNENTRYFGNYTGGTTTPPVLQFTNTLTTVLLDENGVGPLC
KGEGLYLSCVDIMGWRVTRNYDVHHWRGLPRYFKITLRKRWVK
;
A,B,C,D,E
2 'polypeptide(L)' GGGGGGGGAASHQRVTPDWMLPLILGLYG F
#
# COMPACT_ATOMS: atom_id res chain seq x y z
N MET A 1 -10.08 12.03 40.24
CA MET A 1 -10.68 12.41 38.92
C MET A 1 -11.68 11.37 38.50
N GLU A 2 -12.86 11.47 39.10
CA GLU A 2 -13.90 10.56 38.73
C GLU A 2 -14.67 11.17 37.54
N VAL A 3 -14.84 10.39 36.48
CA VAL A 3 -15.56 10.92 35.35
C VAL A 3 -16.97 10.38 35.44
N LEU A 4 -17.94 11.30 35.44
CA LEU A 4 -19.33 10.90 35.56
C LEU A 4 -20.07 10.92 34.23
N ASP A 5 -21.33 11.31 34.28
CA ASP A 5 -22.23 11.39 33.10
C ASP A 5 -21.90 12.59 32.17
N LEU A 6 -22.46 12.56 30.98
CA LEU A 6 -22.34 13.65 30.04
C LEU A 6 -23.36 14.70 30.52
N VAL A 7 -23.02 15.98 30.42
CA VAL A 7 -23.92 17.02 30.82
C VAL A 7 -24.92 17.22 29.68
N THR A 8 -26.22 17.39 29.98
CA THR A 8 -27.20 17.60 28.89
C THR A 8 -27.78 19.00 29.04
N GLY A 9 -28.53 19.41 28.02
CA GLY A 9 -29.11 20.73 28.10
C GLY A 9 -28.48 21.68 27.11
N PRO A 10 -29.01 22.92 27.05
CA PRO A 10 -28.53 23.99 26.16
C PRO A 10 -27.01 24.19 26.27
N ASP A 11 -26.34 24.23 25.09
CA ASP A 11 -24.87 24.41 25.04
C ASP A 11 -24.01 23.42 25.81
N SER A 12 -24.34 22.13 25.76
CA SER A 12 -23.55 21.17 26.48
C SER A 12 -22.50 20.61 25.46
N VAL A 13 -22.77 20.87 24.19
CA VAL A 13 -21.91 20.46 23.13
C VAL A 13 -21.43 21.67 22.38
N THR A 14 -20.18 21.68 21.91
CA THR A 14 -19.61 22.80 21.21
C THR A 14 -18.53 22.37 20.23
N GLU A 15 -18.30 23.17 19.21
CA GLU A 15 -17.30 22.89 18.19
C GLU A 15 -16.27 23.97 18.17
N ILE A 16 -15.03 23.60 17.96
CA ILE A 16 -13.95 24.58 17.98
C ILE A 16 -13.14 24.31 16.69
N GLU A 17 -12.78 25.36 15.96
CA GLU A 17 -12.00 25.24 14.72
C GLU A 17 -10.68 25.97 14.89
N ALA A 18 -9.66 25.54 14.15
CA ALA A 18 -8.37 26.22 14.20
C ALA A 18 -7.51 25.64 13.10
N PHE A 19 -6.59 26.44 12.60
CA PHE A 19 -5.67 25.95 11.59
C PHE A 19 -4.33 26.30 12.23
N LEU A 20 -3.36 25.38 12.18
CA LEU A 20 -2.04 25.67 12.72
C LEU A 20 -1.15 25.76 11.48
N ASN A 21 -0.44 26.87 11.32
CA ASN A 21 0.45 27.02 10.21
C ASN A 21 1.72 26.29 10.50
N PRO A 22 2.39 25.81 9.45
CA PRO A 22 3.62 25.06 9.74
C PRO A 22 4.74 25.91 10.26
N ARG A 23 5.68 25.27 10.96
CA ARG A 23 6.88 25.92 11.51
C ARG A 23 8.12 25.24 10.97
N MET A 24 8.46 25.51 9.69
CA MET A 24 9.59 24.84 9.04
C MET A 24 10.95 25.41 9.27
N GLY A 25 11.00 26.66 9.72
CA GLY A 25 12.29 27.27 10.01
C GLY A 25 12.28 28.78 9.80
N GLN A 26 11.71 29.20 8.69
CA GLN A 26 11.63 30.62 8.44
C GLN A 26 10.43 31.12 9.19
N PRO A 27 10.61 32.08 10.11
CA PRO A 27 9.47 32.63 10.86
C PRO A 27 8.56 33.37 9.93
N PRO A 28 7.32 33.66 10.39
CA PRO A 28 6.26 34.39 9.65
C PRO A 28 6.71 35.78 9.22
N THR A 29 7.59 36.39 10.02
CA THR A 29 8.11 37.71 9.67
C THR A 29 9.64 37.57 9.61
N PRO A 30 10.30 38.44 8.84
CA PRO A 30 9.73 39.54 8.04
C PRO A 30 8.80 39.04 6.98
N GLU A 31 7.81 39.84 6.61
CA GLU A 31 6.87 39.41 5.58
C GLU A 31 7.36 39.66 4.20
N SER A 32 8.35 40.55 4.11
CA SER A 32 8.91 40.94 2.83
C SER A 32 9.29 39.72 2.02
N LEU A 33 8.86 39.71 0.75
CA LEU A 33 9.14 38.61 -0.16
C LEU A 33 10.53 38.72 -0.71
N THR A 34 11.28 39.70 -0.22
CA THR A 34 12.67 39.85 -0.62
C THR A 34 13.56 39.78 0.60
N GLU A 35 13.00 39.81 1.78
CA GLU A 35 13.88 39.77 2.93
C GLU A 35 13.76 38.48 3.74
N GLY A 36 13.22 37.42 3.15
CA GLY A 36 13.16 36.19 3.89
C GLY A 36 11.78 35.65 3.92
N GLY A 37 10.81 36.54 3.85
CA GLY A 37 9.42 36.16 3.87
C GLY A 37 9.04 35.19 2.78
N GLN A 38 9.79 35.18 1.67
CA GLN A 38 9.51 34.28 0.58
C GLN A 38 9.77 32.84 1.02
N TYR A 39 10.42 32.62 2.17
CA TYR A 39 10.63 31.25 2.65
C TYR A 39 9.63 30.82 3.69
N TYR A 40 8.65 31.64 4.00
CA TYR A 40 7.72 31.26 5.01
C TYR A 40 6.85 30.08 4.44
N GLY A 41 6.78 28.97 5.22
CA GLY A 41 6.12 27.76 4.81
C GLY A 41 7.22 26.72 4.48
N TRP A 42 8.48 27.20 4.45
CA TRP A 42 9.65 26.38 4.19
C TRP A 42 10.74 26.62 5.23
N SER A 43 11.74 25.75 5.24
CA SER A 43 12.87 25.97 6.12
C SER A 43 13.88 26.75 5.26
N ARG A 44 14.95 27.24 5.88
CA ARG A 44 15.98 27.91 5.11
C ARG A 44 16.88 26.74 4.66
N GLY A 45 17.89 27.00 3.86
CA GLY A 45 18.77 25.97 3.31
C GLY A 45 19.37 25.08 4.37
N ILE A 46 19.22 23.78 4.20
CA ILE A 46 19.75 22.88 5.18
C ILE A 46 21.30 22.92 5.10
N ASN A 47 21.98 23.25 6.19
CA ASN A 47 23.43 23.30 6.19
C ASN A 47 23.90 22.00 6.85
N LEU A 48 24.96 21.40 6.32
CA LEU A 48 25.49 20.14 6.79
C LEU A 48 26.67 20.23 7.74
N ALA A 49 26.86 19.19 8.54
CA ALA A 49 27.97 19.12 9.49
C ALA A 49 29.24 19.32 8.69
N THR A 50 30.31 19.86 9.30
CA THR A 50 31.55 20.04 8.56
C THR A 50 32.49 18.91 8.88
N SER A 51 32.16 18.11 9.91
CA SER A 51 32.94 16.96 10.25
C SER A 51 32.08 16.08 11.10
N ASP A 52 32.60 14.89 11.44
CA ASP A 52 31.89 13.94 12.30
C ASP A 52 31.62 14.51 13.72
N THR A 53 32.30 15.61 14.06
CA THR A 53 32.19 16.20 15.41
C THR A 53 31.79 17.64 15.35
N GLU A 54 31.38 18.14 14.18
CA GLU A 54 30.96 19.53 14.03
C GLU A 54 29.67 19.59 13.26
N ASP A 55 28.57 19.47 13.98
CA ASP A 55 27.26 19.48 13.36
C ASP A 55 26.44 20.52 14.09
N SER A 56 26.32 21.69 13.48
CA SER A 56 25.60 22.78 14.05
C SER A 56 24.50 23.26 13.13
N PRO A 57 23.31 22.62 13.19
CA PRO A 57 22.24 23.06 12.31
C PRO A 57 21.71 24.47 12.70
N GLY A 58 21.43 25.30 11.71
CA GLY A 58 20.89 26.58 12.02
C GLY A 58 19.45 26.36 12.47
N ASN A 59 18.95 27.21 13.38
CA ASN A 59 17.59 27.07 13.87
C ASN A 59 16.56 27.14 12.77
N ASN A 60 16.78 27.98 11.77
CA ASN A 60 15.77 28.13 10.74
C ASN A 60 15.88 27.00 9.70
N THR A 61 16.68 25.98 9.95
CA THR A 61 16.72 24.85 9.05
C THR A 61 16.02 23.64 9.71
N LEU A 62 15.51 23.80 10.95
CA LEU A 62 14.95 22.71 11.73
C LEU A 62 13.46 22.83 11.91
N PRO A 63 12.65 21.99 11.21
CA PRO A 63 11.19 22.12 11.45
C PRO A 63 10.89 21.92 12.94
N THR A 64 9.93 22.66 13.48
CA THR A 64 9.59 22.51 14.91
C THR A 64 8.06 22.23 14.97
N TRP A 65 7.63 21.79 16.12
CA TRP A 65 6.22 21.50 16.30
C TRP A 65 5.38 22.76 16.27
N SER A 66 4.19 22.63 15.71
CA SER A 66 3.24 23.73 15.75
C SER A 66 2.33 23.36 16.93
N MET A 67 1.88 24.34 17.67
CA MET A 67 0.94 24.03 18.75
C MET A 67 0.11 25.28 18.99
N ALA A 68 -1.11 25.09 19.49
CA ALA A 68 -1.98 26.18 19.87
C ALA A 68 -2.74 25.69 21.08
N LYS A 69 -3.04 26.60 21.99
CA LYS A 69 -3.82 26.31 23.18
C LYS A 69 -5.06 27.17 22.97
N LEU A 70 -6.19 26.50 22.83
CA LEU A 70 -7.43 27.22 22.63
C LEU A 70 -8.22 27.30 23.93
N GLN A 71 -8.85 28.44 24.13
CA GLN A 71 -9.65 28.71 25.35
C GLN A 71 -11.10 28.27 25.12
N LEU A 72 -11.68 27.46 26.01
CA LEU A 72 -13.07 27.03 25.79
C LEU A 72 -13.94 27.80 26.76
N PRO A 73 -15.27 27.84 26.51
CA PRO A 73 -16.24 28.55 27.37
C PRO A 73 -16.04 28.16 28.81
N MET A 74 -16.12 29.12 29.72
CA MET A 74 -15.92 28.85 31.16
C MET A 74 -17.02 27.94 31.69
N LEU A 75 -16.75 27.24 32.78
CA LEU A 75 -17.76 26.27 33.24
C LEU A 75 -18.27 26.25 34.69
N ASN A 76 -17.34 26.37 35.60
CA ASN A 76 -17.72 26.25 36.99
C ASN A 76 -17.73 27.45 37.95
N GLU A 77 -18.94 27.71 38.45
CA GLU A 77 -19.26 28.75 39.46
C GLU A 77 -18.43 28.40 40.69
N ASP A 78 -18.96 27.37 41.33
CA ASP A 78 -18.40 26.76 42.53
C ASP A 78 -17.21 25.84 42.17
N LEU A 79 -16.00 26.17 42.64
CA LEU A 79 -14.89 25.26 42.35
C LEU A 79 -14.81 24.24 43.52
N THR A 80 -15.33 24.62 44.70
CA THR A 80 -15.37 23.70 45.87
C THR A 80 -16.66 22.82 45.81
N CYS A 81 -17.29 22.74 44.62
CA CYS A 81 -18.49 21.90 44.52
C CYS A 81 -18.06 20.44 44.24
N ASP A 82 -18.66 19.53 45.02
CA ASP A 82 -18.41 18.08 44.91
C ASP A 82 -18.34 17.65 43.43
N THR A 83 -19.30 18.14 42.63
CA THR A 83 -19.37 17.79 41.21
C THR A 83 -19.29 19.02 40.27
N LEU A 84 -18.25 19.02 39.43
CA LEU A 84 -18.02 20.11 38.47
C LEU A 84 -18.18 19.59 37.05
N GLN A 85 -18.07 20.50 36.09
CA GLN A 85 -18.15 20.09 34.70
C GLN A 85 -16.84 20.35 34.02
N MET A 86 -16.48 19.50 33.05
CA MET A 86 -15.26 19.68 32.29
C MET A 86 -15.56 19.51 30.77
N TRP A 87 -14.80 20.19 29.93
CA TRP A 87 -14.98 20.04 28.48
C TRP A 87 -14.22 18.74 28.11
N GLU A 88 -14.86 17.93 27.27
CA GLU A 88 -14.27 16.66 26.84
C GLU A 88 -14.24 16.70 25.32
N ALA A 89 -13.06 16.45 24.76
CA ALA A 89 -12.93 16.46 23.31
C ALA A 89 -13.37 15.05 22.87
N VAL A 90 -14.40 15.04 22.05
CA VAL A 90 -15.01 13.81 21.58
C VAL A 90 -14.42 13.31 20.26
N SER A 91 -14.19 14.27 19.36
CA SER A 91 -13.66 13.91 18.07
C SER A 91 -13.07 15.12 17.41
N VAL A 92 -12.36 14.84 16.33
CA VAL A 92 -11.73 15.89 15.55
C VAL A 92 -11.75 15.56 14.06
N LYS A 93 -12.04 16.58 13.25
CA LYS A 93 -11.95 16.46 11.81
C LYS A 93 -10.64 17.24 11.57
N THR A 94 -9.64 16.60 10.99
CA THR A 94 -8.42 17.37 10.76
C THR A 94 -8.00 17.25 9.31
N GLU A 95 -7.32 18.23 8.77
CA GLU A 95 -6.94 18.14 7.38
C GLU A 95 -5.69 18.93 7.08
N VAL A 96 -4.79 18.39 6.28
CA VAL A 96 -3.55 19.13 5.89
C VAL A 96 -3.94 19.76 4.53
N VAL A 97 -3.91 21.08 4.51
CA VAL A 97 -4.36 21.82 3.37
C VAL A 97 -3.22 22.28 2.45
N GLY A 98 -3.42 22.21 1.11
CA GLY A 98 -2.44 22.69 0.19
C GLY A 98 -1.59 21.73 -0.60
N SER A 99 -1.87 20.45 -0.59
CA SER A 99 -0.99 19.57 -1.31
C SER A 99 -1.00 19.89 -2.79
N GLY A 100 -2.11 20.42 -3.31
CA GLY A 100 -2.21 20.80 -4.71
C GLY A 100 -1.16 21.85 -5.09
N SER A 101 -0.72 22.64 -4.12
CA SER A 101 0.29 23.65 -4.46
C SER A 101 1.61 22.98 -4.85
N LEU A 102 1.75 21.70 -4.49
CA LEU A 102 2.93 20.96 -4.81
C LEU A 102 2.98 20.63 -6.30
N LEU A 103 1.88 20.91 -6.97
CA LEU A 103 1.75 20.67 -8.39
C LEU A 103 2.42 21.82 -9.17
N ASP A 104 2.95 22.83 -8.49
CA ASP A 104 3.64 23.90 -9.20
C ASP A 104 5.00 23.30 -9.50
N VAL A 105 5.27 22.94 -10.74
CA VAL A 105 6.53 22.40 -11.13
C VAL A 105 7.08 23.34 -12.22
N HIS A 106 6.72 24.62 -12.13
CA HIS A 106 7.18 25.58 -13.12
C HIS A 106 8.18 26.57 -12.45
N GLY A 107 8.49 26.40 -11.17
CA GLY A 107 9.43 27.31 -10.53
C GLY A 107 10.89 27.15 -10.98
N PHE A 108 11.80 27.58 -10.12
CA PHE A 108 13.24 27.58 -10.38
C PHE A 108 14.02 26.54 -9.55
N ASN A 109 13.40 25.43 -9.16
CA ASN A 109 14.13 24.44 -8.42
C ASN A 109 15.02 23.72 -9.40
N LYS A 110 15.83 22.81 -8.87
CA LYS A 110 16.67 21.96 -9.65
C LYS A 110 15.74 21.34 -10.71
N PRO A 111 16.12 21.45 -11.99
CA PRO A 111 15.26 20.89 -13.01
C PRO A 111 15.43 19.39 -13.14
N THR A 112 14.46 18.74 -13.76
CA THR A 112 14.54 17.32 -13.99
C THR A 112 15.53 16.96 -15.10
N ASP A 113 15.77 17.84 -16.07
CA ASP A 113 16.80 17.55 -17.08
C ASP A 113 18.00 18.45 -16.67
N THR A 114 18.96 17.90 -15.91
CA THR A 114 20.06 18.73 -15.49
C THR A 114 21.11 18.89 -16.55
N VAL A 115 21.14 18.02 -17.55
CA VAL A 115 22.09 18.22 -18.63
C VAL A 115 21.79 19.51 -19.38
N ASN A 116 20.53 19.81 -19.67
CA ASN A 116 20.24 21.04 -20.41
C ASN A 116 19.52 22.09 -19.60
N THR A 117 19.31 21.79 -18.32
CA THR A 117 18.57 22.68 -17.44
C THR A 117 17.22 22.89 -18.03
N LYS A 118 16.50 21.78 -18.18
CA LYS A 118 15.15 21.75 -18.78
C LYS A 118 14.25 20.77 -17.99
N GLY A 119 13.10 20.44 -18.58
CA GLY A 119 12.17 19.49 -18.03
C GLY A 119 11.23 20.27 -17.17
N ILE A 120 11.10 19.89 -15.90
CA ILE A 120 10.26 20.66 -15.03
C ILE A 120 11.11 21.01 -13.77
N SER A 121 10.60 21.89 -12.95
CA SER A 121 11.21 22.29 -11.72
C SER A 121 10.89 21.12 -10.81
N THR A 122 11.89 20.38 -10.30
CA THR A 122 11.58 19.22 -9.46
C THR A 122 10.63 19.53 -8.31
N PRO A 123 9.52 18.79 -8.21
CA PRO A 123 8.57 19.07 -7.11
C PRO A 123 9.13 18.58 -5.74
N VAL A 124 8.43 18.98 -4.69
CA VAL A 124 8.79 18.60 -3.33
C VAL A 124 8.76 17.06 -3.24
N GLU A 125 9.76 16.48 -2.58
CA GLU A 125 9.91 15.01 -2.50
C GLU A 125 10.72 14.76 -1.29
N GLY A 126 10.77 13.49 -0.90
CA GLY A 126 11.59 13.17 0.22
C GLY A 126 10.85 12.69 1.43
N SER A 127 11.50 12.90 2.58
CA SER A 127 11.00 12.52 3.88
C SER A 127 9.76 13.33 4.24
N GLN A 128 8.77 12.62 4.76
CA GLN A 128 7.50 13.25 5.13
C GLN A 128 7.23 12.85 6.55
N TYR A 129 6.52 13.72 7.27
CA TYR A 129 6.27 13.46 8.68
C TYR A 129 5.00 14.15 9.03
N HIS A 130 4.01 13.41 9.44
CA HIS A 130 2.73 13.98 9.77
C HIS A 130 2.30 13.54 11.14
N VAL A 131 2.11 14.48 12.03
CA VAL A 131 1.67 14.16 13.38
C VAL A 131 0.70 15.18 13.84
N PHE A 132 -0.33 14.75 14.53
CA PHE A 132 -1.22 15.74 15.13
C PHE A 132 -1.67 15.15 16.49
N ALA A 133 -2.00 16.05 17.42
CA ALA A 133 -2.46 15.59 18.69
C ALA A 133 -3.53 16.58 19.14
N VAL A 134 -4.47 16.08 19.95
CA VAL A 134 -5.50 16.90 20.56
C VAL A 134 -5.49 16.40 22.03
N GLY A 135 -5.36 17.32 22.99
CA GLY A 135 -5.33 16.92 24.38
C GLY A 135 -5.78 18.04 25.30
N GLY A 136 -5.95 17.68 26.56
CA GLY A 136 -6.41 18.62 27.55
C GLY A 136 -5.28 19.29 28.33
N GLU A 137 -4.05 19.05 27.91
CA GLU A 137 -2.86 19.65 28.51
C GLU A 137 -1.77 19.53 27.40
N PRO A 138 -0.62 20.19 27.58
CA PRO A 138 0.41 20.11 26.53
C PRO A 138 0.84 18.70 26.20
N LEU A 139 1.22 18.49 24.94
CA LEU A 139 1.65 17.16 24.51
C LEU A 139 2.98 16.90 25.25
N ASP A 140 3.08 15.74 25.88
CA ASP A 140 4.29 15.32 26.56
C ASP A 140 5.25 14.80 25.45
N LEU A 141 6.50 15.27 25.52
CA LEU A 141 7.55 14.97 24.58
C LEU A 141 8.66 14.13 25.18
N GLN A 142 9.20 13.20 24.39
CA GLN A 142 10.31 12.37 24.84
C GLN A 142 11.37 12.77 23.84
N GLY A 143 12.55 13.18 24.27
CA GLY A 143 13.58 13.55 23.35
C GLY A 143 14.35 12.31 22.90
N LEU A 144 14.83 12.26 21.65
CA LEU A 144 15.62 11.14 21.14
C LEU A 144 16.19 11.78 19.86
N VAL A 145 17.52 11.73 19.71
CA VAL A 145 18.17 12.34 18.56
C VAL A 145 19.02 11.31 17.81
N THR A 146 19.40 11.73 16.61
CA THR A 146 20.24 10.94 15.77
C THR A 146 21.63 10.93 16.39
N ASP A 147 22.06 12.12 16.81
CA ASP A 147 23.39 12.29 17.34
C ASP A 147 23.43 13.18 18.59
N ALA A 148 23.81 12.58 19.73
CA ALA A 148 23.90 13.34 20.99
C ALA A 148 25.02 14.39 20.94
N ARG A 149 25.79 14.41 19.86
CA ARG A 149 26.89 15.35 19.74
C ARG A 149 26.48 16.56 18.95
N THR A 150 25.29 16.54 18.39
CA THR A 150 24.82 17.67 17.62
C THR A 150 24.81 18.93 18.47
N LYS A 151 25.33 20.04 17.91
CA LYS A 151 25.43 21.32 18.57
C LYS A 151 24.30 22.24 18.19
N TYR A 152 23.14 22.00 18.80
CA TYR A 152 21.97 22.85 18.56
C TYR A 152 22.25 24.22 19.20
N LYS A 153 21.77 25.27 18.58
CA LYS A 153 21.93 26.60 19.13
C LYS A 153 21.31 26.57 20.54
N GLU A 154 21.87 27.33 21.46
CA GLU A 154 21.35 27.40 22.81
C GLU A 154 20.18 28.30 22.86
N GLU A 155 20.08 29.25 21.95
CA GLU A 155 18.92 30.13 21.97
C GLU A 155 18.05 29.98 20.74
N GLY A 156 16.77 30.17 20.93
CA GLY A 156 15.89 30.09 19.78
C GLY A 156 15.18 28.78 19.54
N VAL A 157 15.57 27.76 20.27
CA VAL A 157 14.98 26.43 20.14
C VAL A 157 15.06 25.81 21.52
N VAL A 158 14.09 24.93 21.80
CA VAL A 158 14.12 24.17 23.02
C VAL A 158 14.64 22.78 22.64
N THR A 159 15.79 22.41 23.18
CA THR A 159 16.42 21.14 22.90
C THR A 159 16.57 20.42 24.22
N ILE A 160 17.12 19.22 24.21
CA ILE A 160 17.26 18.44 25.45
C ILE A 160 18.09 19.22 26.47
N LYS A 161 19.18 19.84 26.02
CA LYS A 161 20.01 20.61 26.91
C LYS A 161 19.24 21.80 27.56
N THR A 162 18.33 22.40 26.82
CA THR A 162 17.52 23.48 27.41
C THR A 162 16.83 22.91 28.65
N ILE A 163 16.37 21.69 28.54
CA ILE A 163 15.62 21.10 29.62
C ILE A 163 16.47 20.57 30.75
N THR A 164 17.50 19.83 30.40
CA THR A 164 18.33 19.23 31.43
C THR A 164 19.43 20.15 31.96
N LYS A 165 19.74 21.22 31.25
CA LYS A 165 20.79 22.13 31.70
C LYS A 165 22.15 21.47 31.54
N LYS A 166 22.17 20.30 30.93
CA LYS A 166 23.43 19.60 30.71
C LYS A 166 23.53 19.18 29.27
N ASP A 167 24.71 18.78 28.86
CA ASP A 167 24.89 18.28 27.52
C ASP A 167 24.19 16.91 27.32
N MET A 168 23.78 16.62 26.08
CA MET A 168 23.16 15.35 25.80
C MET A 168 24.12 14.27 26.09
N VAL A 169 23.59 13.09 26.39
CA VAL A 169 24.43 11.90 26.69
C VAL A 169 24.15 10.84 25.58
N ASN A 170 24.97 9.81 25.50
CA ASN A 170 24.79 8.84 24.47
C ASN A 170 23.42 8.23 24.54
N LYS A 171 22.85 8.13 25.77
CA LYS A 171 21.49 7.56 25.96
C LYS A 171 20.41 8.36 25.20
N ASP A 172 20.73 9.58 24.83
CA ASP A 172 19.75 10.41 24.12
C ASP A 172 19.55 10.02 22.67
N GLN A 173 20.36 9.08 22.18
CA GLN A 173 20.21 8.54 20.83
C GLN A 173 19.23 7.37 20.89
N VAL A 174 18.85 6.93 22.08
CA VAL A 174 17.85 5.87 22.31
C VAL A 174 16.85 6.47 23.31
N LEU A 175 16.18 5.64 24.12
CA LEU A 175 15.25 6.19 25.08
C LEU A 175 15.91 6.53 26.42
N ASN A 176 16.04 7.84 26.72
CA ASN A 176 16.60 8.30 27.98
C ASN A 176 15.37 9.01 28.65
N PRO A 177 14.80 8.38 29.71
CA PRO A 177 13.65 8.91 30.43
C PRO A 177 13.82 10.29 31.01
N ILE A 178 15.04 10.75 31.17
CA ILE A 178 15.30 12.07 31.71
C ILE A 178 14.99 13.14 30.70
N SER A 179 15.13 12.82 29.41
CA SER A 179 14.91 13.80 28.37
C SER A 179 13.46 13.94 27.97
N LYS A 180 12.69 14.64 28.81
CA LYS A 180 11.29 14.87 28.60
C LYS A 180 11.01 16.35 28.62
N ALA A 181 9.96 16.78 27.93
CA ALA A 181 9.57 18.18 27.89
C ALA A 181 8.05 18.21 27.61
N LYS A 182 7.46 19.40 27.50
CA LYS A 182 6.05 19.48 27.19
C LYS A 182 5.97 20.44 26.05
N LEU A 183 5.08 20.19 25.09
CA LEU A 183 5.00 21.07 23.91
C LEU A 183 4.14 22.27 24.37
N ASP A 184 4.84 23.26 24.91
CA ASP A 184 4.16 24.43 25.42
C ASP A 184 4.46 25.70 24.67
N LYS A 185 5.20 25.59 23.55
CA LYS A 185 5.52 26.73 22.73
C LYS A 185 5.44 26.31 21.28
N ASP A 186 4.92 27.20 20.45
CA ASP A 186 4.79 26.96 19.04
C ASP A 186 6.15 27.29 18.34
N GLY A 187 6.55 26.51 17.35
CA GLY A 187 7.77 26.81 16.64
C GLY A 187 9.06 26.83 17.42
N MET A 188 9.21 25.97 18.43
CA MET A 188 10.40 26.01 19.23
C MET A 188 11.04 24.67 19.50
N TYR A 189 10.20 23.63 19.49
CA TYR A 189 10.63 22.26 19.73
C TYR A 189 10.88 21.53 18.41
N PRO A 190 12.16 21.28 18.08
CA PRO A 190 12.43 20.60 16.83
C PRO A 190 11.89 19.17 16.78
N VAL A 191 11.23 18.84 15.66
CA VAL A 191 10.69 17.50 15.52
C VAL A 191 11.75 16.40 15.35
N GLU A 192 13.00 16.78 15.06
CA GLU A 192 14.04 15.75 14.96
C GLU A 192 14.55 15.46 16.36
N ILE A 193 14.05 16.20 17.36
CA ILE A 193 14.46 15.93 18.75
C ILE A 193 13.32 15.39 19.65
N TRP A 194 12.16 15.98 19.48
CA TRP A 194 11.02 15.75 20.38
C TRP A 194 9.91 14.94 19.81
N HIS A 195 9.60 13.83 20.46
CA HIS A 195 8.60 12.93 19.97
C HIS A 195 7.51 12.75 20.99
N PRO A 196 6.29 12.41 20.53
CA PRO A 196 5.22 12.20 21.53
C PRO A 196 5.73 11.14 22.54
N ASP A 197 5.55 11.38 23.83
CA ASP A 197 5.99 10.45 24.86
C ASP A 197 4.88 9.42 25.09
N PRO A 198 5.11 8.13 24.74
CA PRO A 198 4.05 7.14 24.94
C PRO A 198 3.86 6.76 26.41
N ALA A 199 4.81 7.11 27.28
CA ALA A 199 4.71 6.77 28.67
C ALA A 199 3.87 7.81 29.35
N LYS A 200 3.52 8.91 28.68
CA LYS A 200 2.68 9.89 29.32
C LYS A 200 1.47 10.18 28.44
N ASN A 201 1.13 11.42 28.18
CA ASN A 201 -0.01 11.72 27.31
C ASN A 201 -1.29 10.95 27.60
N GLU A 202 -1.59 10.79 28.87
CA GLU A 202 -2.80 10.15 29.34
C GLU A 202 -4.05 10.91 28.88
N ASN A 203 -3.86 12.21 28.72
CA ASN A 203 -4.97 13.11 28.40
C ASN A 203 -4.86 13.77 27.03
N THR A 204 -4.11 13.12 26.15
CA THR A 204 -3.89 13.61 24.80
C THR A 204 -3.98 12.42 23.84
N ARG A 205 -4.51 12.61 22.66
CA ARG A 205 -4.51 11.51 21.69
C ARG A 205 -3.55 11.99 20.57
N TYR A 206 -2.59 11.19 20.16
CA TYR A 206 -1.73 11.70 19.07
C TYR A 206 -1.60 10.63 18.02
N PHE A 207 -1.35 11.06 16.80
CA PHE A 207 -1.29 10.11 15.70
C PHE A 207 -0.21 10.60 14.76
N GLY A 208 0.81 9.78 14.49
CA GLY A 208 1.81 10.26 13.54
C GLY A 208 2.30 9.18 12.62
N ASN A 209 2.88 9.62 11.52
CA ASN A 209 3.46 8.67 10.56
C ASN A 209 4.68 9.34 9.91
N TYR A 210 5.68 8.54 9.67
CA TYR A 210 6.92 8.95 9.09
C TYR A 210 7.23 8.15 7.80
N THR A 211 7.71 8.83 6.75
CA THR A 211 8.14 8.18 5.52
C THR A 211 9.45 8.77 5.24
N GLY A 212 10.47 7.94 5.13
CA GLY A 212 11.79 8.50 4.89
C GLY A 212 12.16 8.59 3.43
N GLY A 213 13.45 8.58 3.19
CA GLY A 213 13.93 8.62 1.82
C GLY A 213 14.35 9.98 1.40
N THR A 214 15.03 10.07 0.25
CA THR A 214 15.49 11.37 -0.22
C THR A 214 14.60 11.89 -1.38
N THR A 215 13.97 11.01 -2.14
CA THR A 215 13.17 11.45 -3.26
C THR A 215 11.82 10.78 -3.29
N THR A 216 11.43 10.24 -2.14
CA THR A 216 10.16 9.58 -1.98
C THR A 216 9.01 10.50 -2.36
N PRO A 217 8.09 10.00 -3.21
CA PRO A 217 6.94 10.83 -3.59
C PRO A 217 5.99 11.13 -2.38
N PRO A 218 5.67 12.40 -2.19
CA PRO A 218 4.75 12.76 -1.11
C PRO A 218 3.38 12.26 -1.50
N VAL A 219 2.63 11.83 -0.54
CA VAL A 219 1.28 11.31 -0.76
C VAL A 219 0.43 12.00 0.31
N LEU A 220 -0.77 12.40 -0.07
CA LEU A 220 -1.64 13.05 0.89
C LEU A 220 -3.08 12.97 0.49
N GLN A 221 -3.95 12.65 1.46
CA GLN A 221 -5.39 12.61 1.22
C GLN A 221 -6.03 13.68 2.01
N PHE A 222 -7.12 14.21 1.49
CA PHE A 222 -7.85 15.23 2.19
C PHE A 222 -9.30 15.09 1.82
N THR A 223 -10.16 15.15 2.84
CA THR A 223 -11.60 15.04 2.67
C THR A 223 -12.25 15.66 3.90
N ASN A 224 -13.43 16.23 3.77
CA ASN A 224 -14.09 16.83 4.89
C ASN A 224 -15.13 15.85 5.41
N THR A 225 -14.99 14.60 5.04
CA THR A 225 -15.96 13.62 5.45
C THR A 225 -15.49 12.62 6.47
N LEU A 226 -14.34 12.82 7.05
CA LEU A 226 -13.79 11.86 8.00
C LEU A 226 -13.63 12.47 9.38
N THR A 227 -13.89 11.66 10.41
CA THR A 227 -13.74 12.12 11.78
C THR A 227 -12.88 11.18 12.55
N THR A 228 -12.05 11.72 13.43
CA THR A 228 -11.24 10.89 14.31
C THR A 228 -11.89 10.98 15.70
N VAL A 229 -12.34 9.85 16.21
CA VAL A 229 -12.93 9.76 17.55
C VAL A 229 -11.76 9.85 18.57
N LEU A 230 -11.92 10.69 19.57
CA LEU A 230 -10.87 10.89 20.54
C LEU A 230 -11.14 10.16 21.83
N LEU A 231 -12.27 9.48 21.92
CA LEU A 231 -12.65 8.74 23.13
C LEU A 231 -11.77 7.55 23.37
N ASP A 232 -11.39 7.29 24.63
CA ASP A 232 -10.56 6.10 24.90
C ASP A 232 -11.41 4.84 25.07
N GLU A 233 -10.77 3.78 25.55
CA GLU A 233 -11.48 2.50 25.72
C GLU A 233 -12.61 2.68 26.70
N ASN A 234 -12.55 3.69 27.56
CA ASN A 234 -13.70 3.88 28.42
C ASN A 234 -14.74 4.89 27.95
N GLY A 235 -14.62 5.38 26.73
CA GLY A 235 -15.58 6.31 26.21
C GLY A 235 -15.31 7.69 26.68
N VAL A 236 -14.11 7.92 27.17
CA VAL A 236 -13.77 9.25 27.66
C VAL A 236 -12.73 9.91 26.75
N GLY A 237 -12.98 11.15 26.36
CA GLY A 237 -12.04 11.82 25.50
C GLY A 237 -11.12 12.68 26.34
N PRO A 238 -10.15 13.35 25.71
CA PRO A 238 -9.26 14.22 26.47
C PRO A 238 -10.14 15.24 27.26
N LEU A 239 -9.84 15.50 28.57
CA LEU A 239 -10.61 16.44 29.40
C LEU A 239 -9.80 17.72 29.55
N CYS A 240 -10.41 18.90 29.27
CA CYS A 240 -9.69 20.16 29.33
C CYS A 240 -9.62 20.66 30.72
N LYS A 241 -8.47 20.35 31.33
CA LYS A 241 -8.10 20.68 32.71
C LYS A 241 -8.32 22.14 33.10
N GLY A 242 -7.71 23.06 32.37
CA GLY A 242 -7.95 24.45 32.70
C GLY A 242 -8.85 25.02 31.62
N GLU A 243 -9.72 24.21 30.99
CA GLU A 243 -10.60 24.63 29.86
C GLU A 243 -9.71 25.11 28.67
N GLY A 244 -8.46 24.65 28.64
CA GLY A 244 -7.51 25.00 27.59
C GLY A 244 -7.43 23.76 26.75
N LEU A 245 -7.68 23.89 25.46
CA LEU A 245 -7.59 22.72 24.57
C LEU A 245 -6.27 22.81 23.80
N TYR A 246 -5.44 21.78 23.86
CA TYR A 246 -4.17 21.82 23.15
C TYR A 246 -4.17 21.12 21.77
N LEU A 247 -3.75 21.86 20.74
CA LEU A 247 -3.64 21.32 19.39
C LEU A 247 -2.16 21.32 19.06
N SER A 248 -1.67 20.19 18.56
CA SER A 248 -0.29 20.04 18.16
C SER A 248 -0.17 19.32 16.82
N CYS A 249 0.84 19.76 16.03
CA CYS A 249 1.07 19.07 14.75
C CYS A 249 2.35 19.44 14.07
N VAL A 250 2.66 18.65 13.05
CA VAL A 250 3.80 18.89 12.17
C VAL A 250 3.44 18.13 10.93
N ASP A 251 3.58 18.82 9.79
CA ASP A 251 3.27 18.24 8.46
C ASP A 251 4.30 18.61 7.42
N ILE A 252 5.31 17.76 7.32
CA ILE A 252 6.45 17.97 6.42
C ILE A 252 6.14 17.13 5.21
N MET A 253 6.19 17.78 4.07
CA MET A 253 5.93 17.21 2.75
C MET A 253 7.16 16.71 2.01
N GLY A 254 8.33 17.14 2.48
CA GLY A 254 9.58 16.76 1.88
C GLY A 254 10.39 18.00 1.69
N TRP A 255 11.24 17.96 0.69
CA TRP A 255 12.11 19.11 0.37
C TRP A 255 12.00 19.55 -1.09
N ARG A 256 12.29 20.82 -1.31
CA ARG A 256 12.45 21.30 -2.69
C ARG A 256 14.00 21.46 -2.70
N VAL A 257 14.60 21.34 -3.88
CA VAL A 257 16.04 21.52 -3.94
C VAL A 257 16.41 22.58 -4.98
N THR A 258 17.26 23.51 -4.59
CA THR A 258 17.63 24.56 -5.49
C THR A 258 18.62 24.11 -6.56
N ARG A 259 18.88 25.05 -7.47
CA ARG A 259 19.79 24.86 -8.55
C ARG A 259 21.22 25.19 -8.08
N ASN A 260 21.39 25.56 -6.83
CA ASN A 260 22.75 25.82 -6.33
C ASN A 260 23.12 24.87 -5.25
N TYR A 261 24.01 23.96 -5.58
CA TYR A 261 24.52 23.00 -4.63
C TYR A 261 23.47 22.11 -4.00
N ASP A 262 22.38 21.86 -4.72
CA ASP A 262 21.37 21.00 -4.21
C ASP A 262 20.90 21.40 -2.83
N VAL A 263 20.83 22.69 -2.55
CA VAL A 263 20.35 23.10 -1.24
C VAL A 263 18.87 22.69 -1.09
N HIS A 264 18.59 21.98 0.00
CA HIS A 264 17.26 21.52 0.30
C HIS A 264 16.56 22.43 1.29
N HIS A 265 15.27 22.64 1.05
CA HIS A 265 14.41 23.39 1.97
C HIS A 265 13.23 22.51 2.28
N TRP A 266 12.93 22.33 3.55
CA TRP A 266 11.75 21.56 3.98
C TRP A 266 10.53 22.35 3.63
N ARG A 267 9.46 21.61 3.31
CA ARG A 267 8.19 22.23 2.96
C ARG A 267 7.22 21.63 3.97
N GLY A 268 6.42 22.51 4.58
CA GLY A 268 5.40 22.09 5.52
C GLY A 268 4.10 22.69 5.04
N LEU A 269 2.98 22.11 5.45
CA LEU A 269 1.68 22.64 5.03
C LEU A 269 0.86 22.82 6.32
N PRO A 270 -0.12 23.74 6.33
CA PRO A 270 -0.98 24.00 7.49
C PRO A 270 -1.97 22.85 7.74
N ARG A 271 -2.37 22.70 9.00
CA ARG A 271 -3.33 21.67 9.35
C ARG A 271 -4.54 22.32 9.97
N TYR A 272 -5.70 21.86 9.53
CA TYR A 272 -6.96 22.36 10.03
C TYR A 272 -7.46 21.35 11.06
N PHE A 273 -8.12 21.87 12.08
CA PHE A 273 -8.70 21.07 13.18
C PHE A 273 -10.12 21.57 13.46
N LYS A 274 -11.10 20.68 13.54
CA LYS A 274 -12.46 21.05 13.96
C LYS A 274 -12.71 20.00 15.02
N ILE A 275 -12.70 20.46 16.27
CA ILE A 275 -12.89 19.60 17.44
C ILE A 275 -14.31 19.75 18.01
N THR A 276 -14.93 18.63 18.25
CA THR A 276 -16.24 18.65 18.86
C THR A 276 -16.01 18.30 20.33
N LEU A 277 -16.52 19.17 21.20
CA LEU A 277 -16.38 18.98 22.65
C LEU A 277 -17.75 18.86 23.34
N ARG A 278 -17.79 18.13 24.45
CA ARG A 278 -19.07 18.04 25.15
C ARG A 278 -18.74 18.23 26.63
N LYS A 279 -19.71 18.67 27.43
CA LYS A 279 -19.45 18.86 28.84
C LYS A 279 -19.63 17.54 29.52
N ARG A 280 -18.75 17.30 30.46
CA ARG A 280 -18.75 16.06 31.23
C ARG A 280 -18.83 16.43 32.71
N TRP A 281 -19.61 15.67 33.49
CA TRP A 281 -19.67 15.90 34.95
C TRP A 281 -18.46 15.19 35.54
N VAL A 282 -17.73 15.86 36.41
CA VAL A 282 -16.60 15.17 37.01
C VAL A 282 -16.68 15.36 38.50
N LYS A 283 -16.30 14.32 39.22
CA LYS A 283 -16.33 14.33 40.66
C LYS A 283 -14.88 14.56 41.07
N MET B 1 -32.57 26.85 9.09
CA MET B 1 -32.53 25.68 8.16
C MET B 1 -32.78 24.40 8.93
N GLU B 2 -34.04 24.14 9.19
CA GLU B 2 -34.39 22.94 9.87
C GLU B 2 -34.62 21.84 8.82
N VAL B 3 -33.94 20.70 8.99
CA VAL B 3 -34.10 19.64 8.04
C VAL B 3 -35.10 18.65 8.66
N LEU B 4 -36.17 18.36 7.91
CA LEU B 4 -37.20 17.49 8.40
C LEU B 4 -37.13 16.11 7.81
N ASP B 5 -38.28 15.50 7.55
CA ASP B 5 -38.40 14.14 6.98
C ASP B 5 -38.08 14.12 5.47
N LEU B 6 -37.90 12.90 4.94
CA LEU B 6 -37.68 12.68 3.52
C LEU B 6 -39.07 12.76 2.90
N VAL B 7 -39.19 13.38 1.76
CA VAL B 7 -40.47 13.46 1.08
C VAL B 7 -40.74 12.07 0.42
N THR B 8 -41.96 11.56 0.49
CA THR B 8 -42.24 10.29 -0.17
C THR B 8 -43.25 10.50 -1.28
N GLY B 9 -43.46 9.47 -2.10
CA GLY B 9 -44.40 9.61 -3.18
C GLY B 9 -43.72 9.63 -4.54
N PRO B 10 -44.51 9.73 -5.61
CA PRO B 10 -44.03 9.76 -6.99
C PRO B 10 -42.94 10.82 -7.21
N ASP B 11 -41.82 10.39 -7.81
CA ASP B 11 -40.70 11.28 -8.13
C ASP B 11 -40.08 12.01 -6.94
N SER B 12 -39.91 11.33 -5.83
CA SER B 12 -39.33 12.00 -4.69
C SER B 12 -37.81 11.72 -4.74
N VAL B 13 -37.44 10.73 -5.54
CA VAL B 13 -36.08 10.36 -5.74
C VAL B 13 -35.71 10.56 -7.21
N THR B 14 -34.47 10.99 -7.48
CA THR B 14 -34.04 11.20 -8.84
C THR B 14 -32.53 10.98 -9.02
N GLU B 15 -32.11 10.66 -10.23
CA GLU B 15 -30.70 10.45 -10.52
C GLU B 15 -30.24 11.44 -11.53
N ILE B 16 -29.02 11.94 -11.38
CA ILE B 16 -28.48 12.94 -12.29
C ILE B 16 -27.11 12.43 -12.73
N GLU B 17 -26.80 12.49 -14.03
CA GLU B 17 -25.51 12.03 -14.57
C GLU B 17 -24.78 13.17 -15.21
N ALA B 18 -23.46 13.12 -15.23
CA ALA B 18 -22.69 14.18 -15.89
C ALA B 18 -21.27 13.71 -15.96
N PHE B 19 -20.55 14.18 -16.96
CA PHE B 19 -19.13 13.85 -17.07
C PHE B 19 -18.51 15.26 -17.13
N LEU B 20 -17.41 15.51 -16.44
CA LEU B 20 -16.74 16.80 -16.50
C LEU B 20 -15.42 16.51 -17.19
N ASN B 21 -15.16 17.17 -18.30
CA ASN B 21 -13.94 16.96 -19.01
C ASN B 21 -12.83 17.69 -18.30
N PRO B 22 -11.57 17.19 -18.45
CA PRO B 22 -10.50 17.87 -17.76
C PRO B 22 -10.17 19.23 -18.30
N ARG B 23 -9.55 20.05 -17.48
CA ARG B 23 -9.13 21.40 -17.85
C ARG B 23 -7.64 21.53 -17.58
N MET B 24 -6.81 20.95 -18.45
CA MET B 24 -5.38 20.93 -18.21
C MET B 24 -4.62 22.12 -18.67
N GLY B 25 -5.25 22.93 -19.52
CA GLY B 25 -4.55 24.12 -20.03
C GLY B 25 -4.95 24.48 -21.47
N GLN B 26 -4.94 23.50 -22.36
CA GLN B 26 -5.34 23.73 -23.68
C GLN B 26 -6.84 23.70 -23.69
N PRO B 27 -7.51 24.81 -24.10
CA PRO B 27 -8.99 24.85 -24.16
C PRO B 27 -9.49 23.88 -25.23
N PRO B 28 -10.79 23.58 -25.17
CA PRO B 28 -11.47 22.67 -26.09
C PRO B 28 -11.34 23.10 -27.55
N THR B 29 -11.25 24.40 -27.74
CA THR B 29 -11.10 24.94 -29.11
C THR B 29 -9.83 25.74 -29.10
N PRO B 30 -9.19 25.90 -30.26
CA PRO B 30 -9.59 25.37 -31.60
C PRO B 30 -9.65 23.88 -31.63
N GLU B 31 -10.51 23.30 -32.44
CA GLU B 31 -10.60 21.85 -32.48
C GLU B 31 -9.56 21.25 -33.39
N SER B 32 -9.02 22.09 -34.28
CA SER B 32 -8.05 21.64 -35.25
C SER B 32 -6.93 20.87 -34.64
N LEU B 33 -6.64 19.69 -35.18
CA LEU B 33 -5.58 18.85 -34.63
C LEU B 33 -4.23 19.37 -35.07
N THR B 34 -4.23 20.49 -35.75
CA THR B 34 -2.97 21.11 -36.18
C THR B 34 -2.86 22.49 -35.58
N GLU B 35 -3.92 23.01 -35.04
CA GLU B 35 -3.80 24.31 -34.48
C GLU B 35 -3.87 24.39 -32.98
N GLY B 36 -3.63 23.26 -32.28
CA GLY B 36 -3.65 23.31 -30.84
C GLY B 36 -4.60 22.30 -30.26
N GLY B 37 -5.61 21.98 -31.04
CA GLY B 37 -6.59 21.03 -30.60
C GLY B 37 -6.03 19.69 -30.27
N GLN B 38 -4.87 19.37 -30.82
CA GLN B 38 -4.23 18.09 -30.53
C GLN B 38 -3.75 18.06 -29.05
N TYR B 39 -3.75 19.19 -28.36
CA TYR B 39 -3.37 19.18 -26.94
C TYR B 39 -4.54 19.17 -26.00
N TYR B 40 -5.78 19.09 -26.51
CA TYR B 40 -6.94 19.12 -25.65
C TYR B 40 -6.95 17.80 -24.81
N GLY B 41 -7.06 17.94 -23.48
CA GLY B 41 -6.95 16.81 -22.57
C GLY B 41 -5.57 16.88 -21.89
N TRP B 42 -4.70 17.80 -22.39
CA TRP B 42 -3.33 18.02 -21.87
C TRP B 42 -3.11 19.48 -21.65
N SER B 43 -2.03 19.80 -20.97
CA SER B 43 -1.66 21.20 -20.81
C SER B 43 -0.70 21.45 -21.97
N ARG B 44 -0.34 22.72 -22.17
CA ARG B 44 0.68 23.02 -23.17
C ARG B 44 2.01 22.83 -22.40
N GLY B 45 3.16 22.94 -23.10
CA GLY B 45 4.47 22.74 -22.48
C GLY B 45 4.72 23.57 -21.24
N ILE B 46 5.08 22.92 -20.16
CA ILE B 46 5.30 23.66 -18.91
C ILE B 46 6.56 24.51 -19.06
N ASN B 47 6.44 25.82 -18.90
CA ASN B 47 7.55 26.75 -19.03
C ASN B 47 8.04 27.08 -17.61
N LEU B 48 9.35 27.05 -17.41
CA LEU B 48 9.95 27.30 -16.13
C LEU B 48 10.35 28.73 -15.85
N ALA B 49 10.50 29.05 -14.56
CA ALA B 49 10.90 30.37 -14.07
C ALA B 49 12.24 30.65 -14.73
N THR B 50 12.59 31.90 -14.97
CA THR B 50 13.90 32.19 -15.58
C THR B 50 14.86 32.60 -14.47
N SER B 51 14.33 32.82 -13.27
CA SER B 51 15.20 33.15 -12.15
C SER B 51 14.36 32.95 -10.89
N ASP B 52 14.97 33.16 -9.72
CA ASP B 52 14.29 33.02 -8.45
C ASP B 52 13.15 34.04 -8.28
N THR B 53 13.19 35.11 -9.09
CA THR B 53 12.20 36.16 -8.96
C THR B 53 11.41 36.40 -10.23
N GLU B 54 11.57 35.51 -11.22
CA GLU B 54 10.83 35.59 -12.46
C GLU B 54 10.17 34.28 -12.78
N ASP B 55 8.95 34.08 -12.28
CA ASP B 55 8.22 32.84 -12.51
C ASP B 55 6.88 33.20 -13.04
N SER B 56 6.73 33.15 -14.36
CA SER B 56 5.45 33.49 -15.00
C SER B 56 4.89 32.33 -15.79
N PRO B 57 4.16 31.42 -15.12
CA PRO B 57 3.60 30.30 -15.86
C PRO B 57 2.53 30.76 -16.88
N GLY B 58 2.52 30.15 -18.06
CA GLY B 58 1.49 30.50 -19.02
C GLY B 58 0.20 29.88 -18.52
N ASN B 59 -0.92 30.54 -18.78
CA ASN B 59 -2.22 30.00 -18.35
C ASN B 59 -2.51 28.62 -18.88
N ASN B 60 -2.11 28.34 -20.12
CA ASN B 60 -2.40 27.03 -20.66
C ASN B 60 -1.44 25.94 -20.18
N THR B 61 -0.61 26.25 -19.18
CA THR B 61 0.27 25.25 -18.64
C THR B 61 -0.20 24.87 -17.21
N LEU B 62 -1.29 25.49 -16.77
CA LEU B 62 -1.77 25.32 -15.41
C LEU B 62 -3.09 24.59 -15.33
N PRO B 63 -3.09 23.31 -14.86
CA PRO B 63 -4.41 22.66 -14.78
C PRO B 63 -5.34 23.51 -13.87
N THR B 64 -6.62 23.53 -14.19
CA THR B 64 -7.59 24.26 -13.37
C THR B 64 -8.70 23.29 -13.01
N TRP B 65 -9.51 23.71 -12.05
CA TRP B 65 -10.62 22.88 -11.64
C TRP B 65 -11.67 22.78 -12.70
N SER B 66 -12.30 21.61 -12.79
CA SER B 66 -13.46 21.43 -13.66
C SER B 66 -14.63 21.61 -12.70
N MET B 67 -15.73 22.17 -13.19
CA MET B 67 -16.89 22.29 -12.33
C MET B 67 -18.11 22.42 -13.27
N ALA B 68 -19.27 21.97 -12.79
CA ALA B 68 -20.50 22.12 -13.52
C ALA B 68 -21.54 22.35 -12.49
N LYS B 69 -22.52 23.16 -12.81
CA LYS B 69 -23.67 23.42 -11.94
C LYS B 69 -24.85 22.82 -12.72
N LEU B 70 -25.47 21.81 -12.14
CA LEU B 70 -26.58 21.15 -12.78
C LEU B 70 -27.90 21.62 -12.20
N GLN B 71 -28.87 21.82 -13.08
CA GLN B 71 -30.22 22.26 -12.69
C GLN B 71 -31.10 21.06 -12.30
N LEU B 72 -31.74 21.06 -11.12
CA LEU B 72 -32.59 19.91 -10.79
C LEU B 72 -34.05 20.35 -10.95
N PRO B 73 -34.98 19.39 -11.01
CA PRO B 73 -36.43 19.66 -11.17
C PRO B 73 -36.86 20.67 -10.14
N MET B 74 -37.73 21.61 -10.54
CA MET B 74 -38.22 22.67 -9.64
C MET B 74 -39.05 22.05 -8.54
N LEU B 75 -39.18 22.75 -7.42
CA LEU B 75 -39.88 22.14 -6.29
C LEU B 75 -41.01 22.87 -5.53
N ASN B 76 -40.78 24.14 -5.27
CA ASN B 76 -41.74 24.85 -4.48
C ASN B 76 -42.63 25.93 -5.08
N GLU B 77 -43.94 25.66 -4.99
CA GLU B 77 -45.07 26.55 -5.40
C GLU B 77 -44.91 27.82 -4.58
N ASP B 78 -45.31 27.60 -3.32
CA ASP B 78 -45.28 28.57 -2.24
C ASP B 78 -43.85 28.71 -1.68
N LEU B 79 -43.24 29.89 -1.82
CA LEU B 79 -41.92 30.05 -1.21
C LEU B 79 -42.08 30.58 0.24
N THR B 80 -43.24 31.23 0.50
CA THR B 80 -43.55 31.72 1.87
C THR B 80 -44.25 30.59 2.69
N CYS B 81 -44.13 29.34 2.22
CA CYS B 81 -44.76 28.24 2.96
C CYS B 81 -43.80 27.79 4.09
N ASP B 82 -44.36 27.67 5.30
CA ASP B 82 -43.62 27.27 6.52
C ASP B 82 -42.66 26.07 6.18
N THR B 83 -43.18 25.10 5.41
CA THR B 83 -42.39 23.91 5.06
C THR B 83 -42.25 23.71 3.53
N LEU B 84 -41.00 23.75 3.05
CA LEU B 84 -40.68 23.57 1.64
C LEU B 84 -39.92 22.28 1.43
N GLN B 85 -39.65 21.98 0.17
CA GLN B 85 -38.86 20.79 -0.14
C GLN B 85 -37.56 21.20 -0.76
N MET B 86 -36.52 20.41 -0.55
CA MET B 86 -35.22 20.68 -1.15
C MET B 86 -34.64 19.38 -1.69
N TRP B 87 -33.83 19.45 -2.73
CA TRP B 87 -33.18 18.26 -3.26
C TRP B 87 -31.95 17.98 -2.36
N GLU B 88 -31.77 16.72 -1.97
CA GLU B 88 -30.68 16.33 -1.13
C GLU B 88 -29.86 15.29 -1.88
N ALA B 89 -28.55 15.52 -2.01
CA ALA B 89 -27.69 14.56 -2.70
C ALA B 89 -27.35 13.51 -1.63
N VAL B 90 -27.74 12.28 -1.93
CA VAL B 90 -27.60 11.14 -1.04
C VAL B 90 -26.30 10.39 -1.29
N SER B 91 -25.98 10.19 -2.56
CA SER B 91 -24.78 9.46 -2.91
C SER B 91 -24.36 9.73 -4.34
N VAL B 92 -23.13 9.34 -4.65
CA VAL B 92 -22.62 9.52 -5.98
C VAL B 92 -21.77 8.33 -6.37
N LYS B 93 -21.90 7.92 -7.63
CA LYS B 93 -21.05 6.89 -8.24
C LYS B 93 -20.18 7.81 -9.11
N THR B 94 -18.87 7.79 -8.95
CA THR B 94 -18.03 8.66 -9.77
C THR B 94 -16.92 7.84 -10.37
N GLU B 95 -16.41 8.20 -11.53
CA GLU B 95 -15.38 7.37 -12.13
C GLU B 95 -14.53 8.20 -13.05
N VAL B 96 -13.21 7.99 -13.03
CA VAL B 96 -12.27 8.68 -13.92
C VAL B 96 -12.11 7.71 -15.08
N VAL B 97 -12.48 8.18 -16.26
CA VAL B 97 -12.49 7.33 -17.45
C VAL B 97 -11.29 7.54 -18.38
N GLY B 98 -10.76 6.45 -18.91
CA GLY B 98 -9.68 6.55 -19.85
C GLY B 98 -8.31 6.15 -19.45
N SER B 99 -8.10 5.57 -18.27
CA SER B 99 -6.73 5.24 -17.88
C SER B 99 -6.08 4.30 -18.87
N GLY B 100 -6.87 3.45 -19.51
CA GLY B 100 -6.34 2.51 -20.51
C GLY B 100 -5.67 3.24 -21.70
N SER B 101 -6.06 4.50 -21.96
CA SER B 101 -5.43 5.23 -23.04
C SER B 101 -3.97 5.49 -22.71
N LEU B 102 -3.62 5.40 -21.43
CA LEU B 102 -2.26 5.65 -20.98
C LEU B 102 -1.37 4.48 -21.41
N LEU B 103 -1.99 3.43 -21.90
CA LEU B 103 -1.28 2.26 -22.39
C LEU B 103 -0.74 2.48 -23.83
N ASP B 104 -1.00 3.64 -24.41
CA ASP B 104 -0.46 3.95 -25.70
C ASP B 104 1.01 4.36 -25.43
N VAL B 105 1.95 3.51 -25.73
CA VAL B 105 3.35 3.80 -25.52
C VAL B 105 4.03 3.69 -26.90
N HIS B 106 3.27 3.97 -27.95
CA HIS B 106 3.81 3.89 -29.30
C HIS B 106 3.93 5.29 -29.90
N GLY B 107 3.59 6.34 -29.17
CA GLY B 107 3.69 7.70 -29.69
C GLY B 107 5.12 8.23 -29.88
N PHE B 108 5.25 9.55 -29.85
CA PHE B 108 6.51 10.21 -30.07
C PHE B 108 7.08 10.91 -28.84
N ASN B 109 6.77 10.43 -27.64
CA ASN B 109 7.30 11.08 -26.45
C ASN B 109 8.73 10.64 -26.32
N LYS B 110 9.38 11.21 -25.34
CA LYS B 110 10.76 10.83 -25.01
C LYS B 110 10.77 9.30 -24.93
N PRO B 111 11.72 8.65 -25.64
CA PRO B 111 11.74 7.19 -25.60
C PRO B 111 12.46 6.68 -24.37
N THR B 112 12.17 5.43 -24.01
CA THR B 112 12.82 4.83 -22.88
C THR B 112 14.33 4.52 -23.14
N ASP B 113 14.75 4.29 -24.38
CA ASP B 113 16.17 4.08 -24.68
C ASP B 113 16.61 5.40 -25.35
N THR B 114 17.12 6.34 -24.58
CA THR B 114 17.53 7.61 -25.15
C THR B 114 18.87 7.55 -25.85
N VAL B 115 19.69 6.55 -25.57
CA VAL B 115 20.91 6.41 -26.34
C VAL B 115 20.63 6.11 -27.79
N ASN B 116 19.66 5.26 -28.13
CA ASN B 116 19.42 4.99 -29.53
C ASN B 116 18.12 5.51 -30.01
N THR B 117 17.38 6.18 -29.13
CA THR B 117 16.04 6.67 -29.46
C THR B 117 15.20 5.48 -29.85
N LYS B 118 15.09 4.54 -28.91
CA LYS B 118 14.33 3.31 -29.07
C LYS B 118 13.55 2.97 -27.81
N GLY B 119 13.01 1.74 -27.74
CA GLY B 119 12.28 1.24 -26.61
C GLY B 119 10.87 1.59 -26.81
N ILE B 120 10.27 2.32 -25.91
CA ILE B 120 8.89 2.69 -26.09
C ILE B 120 8.80 4.17 -25.82
N SER B 121 7.66 4.74 -26.17
CA SER B 121 7.36 6.14 -25.95
C SER B 121 7.04 6.18 -24.47
N THR B 122 7.80 6.92 -23.67
CA THR B 122 7.50 6.93 -22.26
C THR B 122 6.08 7.27 -21.92
N PRO B 123 5.41 6.41 -21.14
CA PRO B 123 4.03 6.75 -20.78
C PRO B 123 3.92 7.89 -19.75
N VAL B 124 2.74 8.42 -19.58
CA VAL B 124 2.45 9.48 -18.61
C VAL B 124 2.83 8.95 -17.21
N GLU B 125 3.55 9.79 -16.46
CA GLU B 125 4.07 9.44 -15.16
C GLU B 125 4.19 10.71 -14.37
N GLY B 126 4.41 10.58 -13.06
CA GLY B 126 4.63 11.79 -12.30
C GLY B 126 3.59 12.04 -11.26
N SER B 127 3.42 13.31 -10.99
CA SER B 127 2.48 13.79 -9.99
C SER B 127 1.03 13.59 -10.42
N GLN B 128 0.22 13.08 -9.49
CA GLN B 128 -1.18 12.80 -9.75
C GLN B 128 -1.99 13.52 -8.71
N TYR B 129 -3.21 13.94 -9.09
CA TYR B 129 -4.03 14.69 -8.18
C TYR B 129 -5.42 14.39 -8.59
N HIS B 130 -6.19 13.86 -7.66
CA HIS B 130 -7.58 13.50 -7.93
C HIS B 130 -8.45 14.04 -6.85
N VAL B 131 -9.38 14.91 -7.20
CA VAL B 131 -10.30 15.48 -6.25
C VAL B 131 -11.64 15.60 -6.90
N PHE B 132 -12.68 15.29 -6.13
CA PHE B 132 -14.03 15.54 -6.66
C PHE B 132 -14.87 16.02 -5.47
N ALA B 133 -15.91 16.79 -5.79
CA ALA B 133 -16.79 17.31 -4.76
C ALA B 133 -18.21 17.35 -5.35
N VAL B 134 -19.18 17.19 -4.48
CA VAL B 134 -20.59 17.28 -4.86
C VAL B 134 -21.16 18.11 -3.70
N GLY B 135 -21.80 19.23 -4.05
CA GLY B 135 -22.37 20.10 -3.02
C GLY B 135 -23.58 20.84 -3.54
N GLY B 136 -24.25 21.51 -2.62
CA GLY B 136 -25.43 22.27 -2.93
C GLY B 136 -25.14 23.72 -3.26
N GLU B 137 -23.87 24.10 -3.28
CA GLU B 137 -23.42 25.46 -3.62
C GLU B 137 -21.98 25.29 -4.15
N PRO B 138 -21.37 26.37 -4.69
CA PRO B 138 -20.00 26.23 -5.20
C PRO B 138 -19.02 25.73 -4.14
N LEU B 139 -18.02 24.98 -4.59
CA LEU B 139 -16.99 24.51 -3.65
C LEU B 139 -16.26 25.74 -3.13
N ASP B 140 -16.09 25.81 -1.82
CA ASP B 140 -15.34 26.89 -1.19
C ASP B 140 -13.86 26.50 -1.32
N LEU B 141 -13.05 27.45 -1.79
CA LEU B 141 -11.59 27.30 -2.02
C LEU B 141 -10.75 28.14 -1.06
N GLN B 142 -9.62 27.58 -0.66
CA GLN B 142 -8.70 28.30 0.20
C GLN B 142 -7.48 28.40 -0.66
N GLY B 143 -6.93 29.59 -0.90
CA GLY B 143 -5.74 29.68 -1.76
C GLY B 143 -4.50 29.38 -0.96
N LEU B 144 -3.47 28.79 -1.56
CA LEU B 144 -2.18 28.49 -0.84
C LEU B 144 -1.29 28.14 -1.99
N VAL B 145 -0.16 28.83 -2.08
CA VAL B 145 0.74 28.59 -3.21
C VAL B 145 2.14 28.19 -2.74
N THR B 146 2.90 27.69 -3.71
CA THR B 146 4.27 27.34 -3.47
C THR B 146 5.06 28.63 -3.25
N ASP B 147 4.77 29.62 -4.09
CA ASP B 147 5.50 30.84 -4.06
C ASP B 147 4.57 32.05 -4.27
N ALA B 148 4.50 32.91 -3.25
CA ALA B 148 3.70 34.14 -3.30
C ALA B 148 4.28 35.14 -4.32
N ARG B 149 5.44 34.83 -4.89
CA ARG B 149 6.06 35.74 -5.85
C ARG B 149 5.71 35.35 -7.27
N THR B 150 5.09 34.20 -7.47
CA THR B 150 4.74 33.77 -8.79
C THR B 150 3.89 34.82 -9.47
N LYS B 151 4.22 35.08 -10.75
CA LYS B 151 3.52 36.05 -11.58
C LYS B 151 2.50 35.41 -12.46
N TYR B 152 1.37 35.08 -11.90
CA TYR B 152 0.30 34.52 -12.69
C TYR B 152 -0.27 35.64 -13.58
N LYS B 153 -0.69 35.29 -14.79
CA LYS B 153 -1.30 36.23 -15.71
C LYS B 153 -2.48 36.84 -14.96
N GLU B 154 -2.76 38.12 -15.21
CA GLU B 154 -3.92 38.78 -14.59
C GLU B 154 -5.19 38.40 -15.30
N GLU B 155 -5.12 38.04 -16.57
CA GLU B 155 -6.33 37.66 -17.26
C GLU B 155 -6.33 36.20 -17.63
N GLY B 156 -7.53 35.61 -17.65
CA GLY B 156 -7.64 34.25 -18.07
C GLY B 156 -7.61 33.19 -16.98
N VAL B 157 -7.30 33.59 -15.76
CA VAL B 157 -7.26 32.67 -14.65
C VAL B 157 -7.68 33.48 -13.45
N VAL B 158 -8.30 32.79 -12.49
CA VAL B 158 -8.68 33.43 -11.23
C VAL B 158 -7.61 33.00 -10.23
N THR B 159 -6.85 33.97 -9.74
CA THR B 159 -5.80 33.70 -8.78
C THR B 159 -6.10 34.47 -7.51
N ILE B 160 -5.27 34.37 -6.50
CA ILE B 160 -5.55 35.07 -5.25
C ILE B 160 -5.64 36.59 -5.50
N LYS B 161 -4.80 37.12 -6.35
CA LYS B 161 -4.85 38.55 -6.62
C LYS B 161 -6.16 38.95 -7.29
N THR B 162 -6.72 38.07 -8.10
CA THR B 162 -7.99 38.39 -8.76
C THR B 162 -8.99 38.64 -7.63
N ILE B 163 -8.88 37.87 -6.56
CA ILE B 163 -9.86 37.99 -5.49
C ILE B 163 -9.57 39.14 -4.54
N THR B 164 -8.33 39.24 -4.10
CA THR B 164 -7.99 40.26 -3.15
C THR B 164 -7.72 41.64 -3.78
N LYS B 165 -7.42 41.68 -5.06
CA LYS B 165 -7.14 42.98 -5.68
C LYS B 165 -5.76 43.46 -5.26
N LYS B 166 -5.03 42.61 -4.57
CA LYS B 166 -3.71 42.99 -4.14
C LYS B 166 -2.76 41.85 -4.44
N ASP B 167 -1.49 42.11 -4.32
CA ASP B 167 -0.49 41.11 -4.55
C ASP B 167 -0.50 40.07 -3.42
N MET B 168 -0.08 38.86 -3.71
CA MET B 168 -0.02 37.84 -2.71
C MET B 168 0.98 38.26 -1.67
N VAL B 169 0.81 37.74 -0.46
CA VAL B 169 1.70 38.04 0.65
C VAL B 169 2.37 36.75 1.08
N ASN B 170 3.39 36.84 1.90
CA ASN B 170 4.10 35.63 2.25
C ASN B 170 3.18 34.64 2.90
N LYS B 171 2.14 35.11 3.58
CA LYS B 171 1.18 34.21 4.28
C LYS B 171 0.46 33.30 3.30
N ASP B 172 0.47 33.67 2.02
CA ASP B 172 -0.21 32.85 0.99
C ASP B 172 0.50 31.54 0.65
N GLN B 173 1.71 31.37 1.21
CA GLN B 173 2.47 30.13 1.06
C GLN B 173 2.07 29.20 2.22
N VAL B 174 1.29 29.71 3.20
CA VAL B 174 0.72 28.87 4.26
C VAL B 174 -0.78 29.17 4.26
N LEU B 175 -1.45 29.06 5.40
CA LEU B 175 -2.87 29.34 5.43
C LEU B 175 -3.13 30.80 5.76
N ASN B 176 -3.65 31.56 4.78
CA ASN B 176 -3.99 32.95 4.93
C ASN B 176 -5.51 32.93 4.69
N PRO B 177 -6.30 33.10 5.76
CA PRO B 177 -7.79 33.11 5.69
C PRO B 177 -8.39 34.13 4.74
N ILE B 178 -7.62 35.14 4.36
CA ILE B 178 -8.13 36.15 3.46
C ILE B 178 -8.25 35.60 2.05
N SER B 179 -7.36 34.65 1.70
CA SER B 179 -7.35 34.13 0.34
C SER B 179 -8.33 33.02 0.10
N LYS B 180 -9.60 33.41 -0.05
CA LYS B 180 -10.68 32.48 -0.27
C LYS B 180 -11.44 32.81 -1.52
N ALA B 181 -12.06 31.82 -2.15
CA ALA B 181 -12.81 32.07 -3.36
C ALA B 181 -13.86 30.97 -3.46
N LYS B 182 -14.70 30.97 -4.49
CA LYS B 182 -15.67 29.91 -4.67
C LYS B 182 -15.44 29.36 -6.06
N LEU B 183 -15.55 28.06 -6.25
CA LEU B 183 -15.32 27.48 -7.55
C LEU B 183 -16.62 27.69 -8.32
N ASP B 184 -16.69 28.82 -9.00
CA ASP B 184 -17.91 29.17 -9.72
C ASP B 184 -17.69 29.28 -11.23
N LYS B 185 -16.52 28.88 -11.70
CA LYS B 185 -16.24 28.88 -13.13
C LYS B 185 -15.41 27.66 -13.43
N ASP B 186 -15.68 27.06 -14.57
CA ASP B 186 -14.96 25.91 -15.03
C ASP B 186 -13.65 26.35 -15.73
N GLY B 187 -12.56 25.62 -15.51
CA GLY B 187 -11.33 25.92 -16.19
C GLY B 187 -10.71 27.25 -15.92
N MET B 188 -10.82 27.79 -14.71
CA MET B 188 -10.31 29.12 -14.41
C MET B 188 -9.50 29.24 -13.15
N TYR B 189 -9.79 28.36 -12.19
CA TYR B 189 -9.11 28.31 -10.90
C TYR B 189 -8.02 27.26 -10.92
N PRO B 190 -6.76 27.73 -10.92
CA PRO B 190 -5.64 26.75 -10.94
C PRO B 190 -5.59 25.89 -9.69
N VAL B 191 -5.42 24.59 -9.89
CA VAL B 191 -5.35 23.68 -8.76
C VAL B 191 -4.08 23.81 -7.94
N GLU B 192 -3.06 24.49 -8.47
CA GLU B 192 -1.83 24.69 -7.67
C GLU B 192 -2.05 25.90 -6.77
N ILE B 193 -3.21 26.56 -6.89
CA ILE B 193 -3.49 27.72 -6.01
C ILE B 193 -4.68 27.49 -5.08
N TRP B 194 -5.72 26.88 -5.62
CA TRP B 194 -6.99 26.75 -4.90
C TRP B 194 -7.30 25.38 -4.41
N HIS B 195 -7.52 25.29 -3.10
CA HIS B 195 -7.78 24.01 -2.49
C HIS B 195 -9.09 24.02 -1.80
N PRO B 196 -9.72 22.83 -1.63
CA PRO B 196 -11.02 22.81 -0.91
C PRO B 196 -10.76 23.47 0.45
N ASP B 197 -11.65 24.35 0.89
CA ASP B 197 -11.49 25.03 2.17
C ASP B 197 -12.16 24.17 3.23
N PRO B 198 -11.38 23.61 4.17
CA PRO B 198 -12.00 22.76 5.20
C PRO B 198 -12.77 23.58 6.24
N ALA B 199 -12.53 24.90 6.28
CA ALA B 199 -13.24 25.72 7.24
C ALA B 199 -14.62 26.06 6.72
N LYS B 200 -14.96 25.70 5.50
CA LYS B 200 -16.26 26.02 5.00
C LYS B 200 -16.83 24.78 4.39
N ASN B 201 -17.38 24.83 3.19
CA ASN B 201 -17.94 23.60 2.57
C ASN B 201 -18.86 22.75 3.47
N GLU B 202 -19.67 23.45 4.24
CA GLU B 202 -20.66 22.80 5.10
C GLU B 202 -21.66 21.99 4.27
N ASN B 203 -21.88 22.43 3.03
CA ASN B 203 -22.87 21.87 2.16
C ASN B 203 -22.28 21.21 0.93
N THR B 204 -21.05 20.77 1.05
CA THR B 204 -20.38 20.09 -0.05
C THR B 204 -19.57 18.95 0.57
N ARG B 205 -19.44 17.82 -0.12
CA ARG B 205 -18.59 16.75 0.37
C ARG B 205 -17.43 16.73 -0.68
N TYR B 206 -16.16 16.80 -0.25
CA TYR B 206 -15.08 16.69 -1.21
C TYR B 206 -14.12 15.62 -0.79
N PHE B 207 -13.45 15.03 -1.77
CA PHE B 207 -12.51 13.98 -1.49
C PHE B 207 -11.33 14.13 -2.41
N GLY B 208 -10.12 14.27 -1.90
CA GLY B 208 -8.97 14.36 -2.82
C GLY B 208 -7.75 13.59 -2.34
N ASN B 209 -6.86 13.35 -3.27
CA ASN B 209 -5.62 12.68 -2.93
C ASN B 209 -4.56 13.14 -3.90
N TYR B 210 -3.36 13.28 -3.38
CA TYR B 210 -2.19 13.79 -4.11
C TYR B 210 -1.05 12.78 -4.04
N THR B 211 -0.37 12.58 -5.17
CA THR B 211 0.80 11.73 -5.20
C THR B 211 1.82 12.54 -5.95
N GLY B 212 2.96 12.79 -5.34
CA GLY B 212 3.94 13.60 -6.02
C GLY B 212 4.93 12.79 -6.79
N GLY B 213 6.09 13.40 -6.99
CA GLY B 213 7.15 12.72 -7.67
C GLY B 213 7.24 13.17 -9.13
N THR B 214 8.31 12.76 -9.82
CA THR B 214 8.50 13.17 -11.19
C THR B 214 8.24 12.01 -12.11
N THR B 215 8.46 10.78 -11.67
CA THR B 215 8.22 9.64 -12.55
C THR B 215 7.33 8.56 -11.89
N THR B 216 6.61 9.01 -10.89
CA THR B 216 5.76 8.11 -10.13
C THR B 216 4.76 7.43 -11.03
N PRO B 217 4.65 6.10 -10.95
CA PRO B 217 3.64 5.42 -11.80
C PRO B 217 2.20 5.80 -11.43
N PRO B 218 1.41 6.18 -12.41
CA PRO B 218 0.00 6.54 -12.17
C PRO B 218 -0.71 5.24 -11.85
N VAL B 219 -1.66 5.33 -10.94
CA VAL B 219 -2.44 4.19 -10.52
C VAL B 219 -3.90 4.68 -10.58
N LEU B 220 -4.79 3.83 -11.06
CA LEU B 220 -6.19 4.21 -11.08
C LEU B 220 -7.12 2.99 -11.13
N GLN B 221 -8.18 3.02 -10.32
CA GLN B 221 -9.16 1.98 -10.33
C GLN B 221 -10.41 2.50 -10.84
N PHE B 222 -11.21 1.64 -11.47
CA PHE B 222 -12.49 2.11 -11.99
C PHE B 222 -13.40 0.92 -11.96
N THR B 223 -14.62 1.15 -11.48
CA THR B 223 -15.64 0.11 -11.37
C THR B 223 -16.96 0.81 -11.32
N ASN B 224 -18.01 0.16 -11.80
CA ASN B 224 -19.33 0.79 -11.73
C ASN B 224 -20.12 0.20 -10.54
N THR B 225 -19.43 -0.40 -9.62
CA THR B 225 -20.09 -1.06 -8.55
C THR B 225 -19.86 -0.37 -7.22
N LEU B 226 -19.29 0.83 -7.18
CA LEU B 226 -19.03 1.52 -5.93
C LEU B 226 -19.82 2.79 -5.79
N THR B 227 -20.25 3.08 -4.58
CA THR B 227 -21.02 4.29 -4.33
C THR B 227 -20.41 5.05 -3.19
N THR B 228 -20.40 6.37 -3.28
CA THR B 228 -19.92 7.20 -2.20
C THR B 228 -21.20 7.81 -1.60
N VAL B 229 -21.41 7.56 -0.31
CA VAL B 229 -22.54 8.12 0.44
C VAL B 229 -22.17 9.56 0.78
N LEU B 230 -23.07 10.48 0.50
CA LEU B 230 -22.82 11.89 0.74
C LEU B 230 -23.43 12.38 2.01
N LEU B 231 -24.19 11.51 2.68
CA LEU B 231 -24.86 11.86 3.95
C LEU B 231 -23.87 12.18 5.07
N ASP B 232 -24.13 13.20 5.90
CA ASP B 232 -23.20 13.51 7.01
C ASP B 232 -23.53 12.69 8.23
N GLU B 233 -22.91 13.06 9.36
CA GLU B 233 -23.15 12.31 10.59
C GLU B 233 -24.63 12.37 10.97
N ASN B 234 -25.36 13.36 10.49
CA ASN B 234 -26.76 13.37 10.81
C ASN B 234 -27.71 12.76 9.79
N GLY B 235 -27.14 12.10 8.76
CA GLY B 235 -27.95 11.46 7.74
C GLY B 235 -28.43 12.46 6.72
N VAL B 236 -27.81 13.64 6.70
CA VAL B 236 -28.22 14.65 5.74
C VAL B 236 -27.15 14.86 4.64
N GLY B 237 -27.58 14.85 3.39
CA GLY B 237 -26.61 15.05 2.33
C GLY B 237 -26.58 16.51 1.93
N PRO B 238 -25.71 16.86 0.97
CA PRO B 238 -25.68 18.26 0.53
C PRO B 238 -27.11 18.65 0.12
N LEU B 239 -27.61 19.83 0.47
CA LEU B 239 -28.98 20.28 0.06
C LEU B 239 -28.81 21.32 -1.03
N CYS B 240 -29.53 21.18 -2.16
CA CYS B 240 -29.43 22.10 -3.30
C CYS B 240 -30.27 23.31 -3.07
N LYS B 241 -29.58 24.34 -2.58
CA LYS B 241 -30.11 25.64 -2.21
C LYS B 241 -30.95 26.31 -3.28
N GLY B 242 -30.40 26.47 -4.49
CA GLY B 242 -31.21 27.05 -5.55
C GLY B 242 -31.57 25.94 -6.50
N GLU B 243 -31.66 24.67 -6.04
CA GLU B 243 -31.93 23.47 -6.88
C GLU B 243 -30.79 23.33 -7.92
N GLY B 244 -29.61 23.91 -7.59
CA GLY B 244 -28.42 23.89 -8.46
C GLY B 244 -27.51 22.88 -7.79
N LEU B 245 -27.10 21.84 -8.49
CA LEU B 245 -26.22 20.85 -7.89
C LEU B 245 -24.80 21.13 -8.41
N TYR B 246 -23.80 21.28 -7.52
CA TYR B 246 -22.46 21.59 -7.99
C TYR B 246 -21.54 20.39 -8.05
N LEU B 247 -20.89 20.18 -9.20
CA LEU B 247 -19.95 19.08 -9.39
C LEU B 247 -18.61 19.72 -9.66
N SER B 248 -17.59 19.26 -8.90
CA SER B 248 -16.25 19.79 -9.07
C SER B 248 -15.24 18.65 -9.08
N CYS B 249 -14.19 18.82 -9.90
CA CYS B 249 -13.13 17.81 -9.93
C CYS B 249 -11.89 18.24 -10.67
N VAL B 250 -10.86 17.43 -10.46
CA VAL B 250 -9.59 17.60 -11.17
C VAL B 250 -8.97 16.20 -11.09
N ASP B 251 -8.52 15.70 -12.22
CA ASP B 251 -7.88 14.38 -12.31
C ASP B 251 -6.64 14.39 -13.18
N ILE B 252 -5.51 14.65 -12.54
CA ILE B 252 -4.22 14.74 -13.21
C ILE B 252 -3.57 13.41 -13.07
N MET B 253 -3.15 12.87 -14.20
CA MET B 253 -2.52 11.55 -14.27
C MET B 253 -0.99 11.62 -14.23
N GLY B 254 -0.45 12.81 -14.44
CA GLY B 254 1.00 12.97 -14.47
C GLY B 254 1.32 13.76 -15.74
N TRP B 255 2.53 13.57 -16.24
CA TRP B 255 2.95 14.27 -17.48
C TRP B 255 3.47 13.33 -18.55
N ARG B 256 3.39 13.81 -19.79
CA ARG B 256 4.07 13.09 -20.87
C ARG B 256 5.23 14.03 -21.10
N VAL B 257 6.36 13.50 -21.55
CA VAL B 257 7.49 14.39 -21.86
C VAL B 257 7.94 14.22 -23.31
N THR B 258 8.14 15.33 -23.99
CA THR B 258 8.54 15.29 -25.39
C THR B 258 10.00 14.97 -25.57
N ARG B 259 10.36 14.81 -26.83
CA ARG B 259 11.73 14.53 -27.24
C ARG B 259 12.51 15.83 -27.39
N ASN B 260 11.89 16.98 -27.10
CA ASN B 260 12.63 18.23 -27.19
C ASN B 260 12.66 18.90 -25.87
N TYR B 261 13.85 18.88 -25.29
CA TYR B 261 14.09 19.54 -24.00
C TYR B 261 13.24 19.06 -22.87
N ASP B 262 12.84 17.78 -22.93
CA ASP B 262 12.04 17.22 -21.88
C ASP B 262 10.83 18.07 -21.54
N VAL B 263 10.19 18.68 -22.54
CA VAL B 263 9.01 19.47 -22.23
C VAL B 263 7.90 18.56 -21.71
N HIS B 264 7.38 18.90 -20.54
CA HIS B 264 6.28 18.18 -19.91
C HIS B 264 4.93 18.77 -20.21
N HIS B 265 3.96 17.88 -20.41
CA HIS B 265 2.57 18.29 -20.61
C HIS B 265 1.75 17.49 -19.63
N TRP B 266 0.94 18.17 -18.84
CA TRP B 266 0.02 17.49 -17.88
C TRP B 266 -1.03 16.74 -18.67
N ARG B 267 -1.42 15.58 -18.14
CA ARG B 267 -2.46 14.77 -18.73
C ARG B 267 -3.60 14.71 -17.69
N GLY B 268 -4.82 14.99 -18.13
CA GLY B 268 -5.96 14.92 -17.26
C GLY B 268 -6.96 13.99 -17.92
N LEU B 269 -7.87 13.39 -17.14
CA LEU B 269 -8.85 12.49 -17.68
C LEU B 269 -10.21 12.97 -17.19
N PRO B 270 -11.30 12.72 -17.96
CA PRO B 270 -12.65 13.13 -17.58
C PRO B 270 -13.19 12.30 -16.40
N ARG B 271 -14.11 12.91 -15.62
CA ARG B 271 -14.70 12.20 -14.52
C ARG B 271 -16.21 12.10 -14.73
N TYR B 272 -16.74 10.93 -14.49
CA TYR B 272 -18.14 10.74 -14.58
C TYR B 272 -18.75 10.79 -13.18
N PHE B 273 -19.96 11.30 -13.11
CA PHE B 273 -20.72 11.46 -11.86
C PHE B 273 -22.14 10.96 -12.06
N LYS B 274 -22.67 10.13 -11.15
CA LYS B 274 -24.07 9.75 -11.21
C LYS B 274 -24.49 10.00 -9.78
N ILE B 275 -25.29 11.05 -9.58
CA ILE B 275 -25.74 11.46 -8.25
C ILE B 275 -27.17 11.08 -8.03
N THR B 276 -27.42 10.47 -6.89
CA THR B 276 -28.79 10.11 -6.51
C THR B 276 -29.25 11.18 -5.53
N LEU B 277 -30.40 11.76 -5.83
CA LEU B 277 -30.94 12.81 -4.99
C LEU B 277 -32.32 12.42 -4.49
N ARG B 278 -32.73 12.97 -3.35
CA ARG B 278 -34.06 12.68 -2.83
C ARG B 278 -34.62 13.98 -2.32
N LYS B 279 -35.93 14.11 -2.27
CA LYS B 279 -36.53 15.35 -1.79
C LYS B 279 -36.58 15.29 -0.29
N ARG B 280 -36.30 16.42 0.32
CA ARG B 280 -36.28 16.54 1.77
C ARG B 280 -37.21 17.70 2.17
N TRP B 281 -37.97 17.52 3.23
CA TRP B 281 -38.84 18.58 3.74
C TRP B 281 -37.94 19.50 4.57
N VAL B 282 -38.05 20.80 4.36
CA VAL B 282 -37.22 21.67 5.19
C VAL B 282 -38.12 22.73 5.75
N LYS B 283 -37.83 23.11 6.98
CA LYS B 283 -38.59 24.15 7.64
C LYS B 283 -37.71 25.40 7.54
N MET C 1 -39.52 -3.82 -17.28
CA MET C 1 -38.59 -4.84 -16.72
C MET C 1 -38.74 -4.88 -15.23
N GLU C 2 -39.79 -5.53 -14.80
CA GLU C 2 -40.01 -5.68 -13.37
C GLU C 2 -39.28 -6.93 -12.90
N VAL C 3 -38.45 -6.79 -11.89
CA VAL C 3 -37.76 -7.96 -11.40
C VAL C 3 -38.51 -8.49 -10.19
N LEU C 4 -38.91 -9.75 -10.24
CA LEU C 4 -39.69 -10.36 -9.17
C LEU C 4 -38.84 -11.23 -8.24
N ASP C 5 -39.44 -12.33 -7.77
CA ASP C 5 -38.79 -13.28 -6.86
C ASP C 5 -37.75 -14.17 -7.56
N LEU C 6 -36.95 -14.84 -6.74
CA LEU C 6 -36.00 -15.79 -7.25
C LEU C 6 -36.80 -17.06 -7.53
N VAL C 7 -36.49 -17.77 -8.61
CA VAL C 7 -37.20 -18.99 -8.94
C VAL C 7 -36.64 -20.11 -8.05
N THR C 8 -37.48 -20.99 -7.51
CA THR C 8 -36.93 -22.06 -6.68
C THR C 8 -37.21 -23.38 -7.34
N GLY C 9 -36.62 -24.43 -6.82
CA GLY C 9 -36.87 -25.72 -7.40
C GLY C 9 -35.67 -26.29 -8.10
N PRO C 10 -35.81 -27.50 -8.64
CA PRO C 10 -34.72 -28.20 -9.36
C PRO C 10 -34.09 -27.35 -10.45
N ASP C 11 -32.76 -27.29 -10.47
CA ASP C 11 -32.00 -26.48 -11.46
C ASP C 11 -32.35 -25.01 -11.56
N SER C 12 -32.54 -24.33 -10.43
CA SER C 12 -32.89 -22.93 -10.51
C SER C 12 -31.58 -22.14 -10.42
N VAL C 13 -30.56 -22.83 -9.95
CA VAL C 13 -29.24 -22.27 -9.79
C VAL C 13 -28.27 -23.04 -10.67
N THR C 14 -27.28 -22.37 -11.24
CA THR C 14 -26.31 -23.01 -12.11
C THR C 14 -24.96 -22.29 -12.11
N GLU C 15 -23.91 -23.01 -12.44
CA GLU C 15 -22.58 -22.46 -12.49
C GLU C 15 -22.03 -22.56 -13.87
N ILE C 16 -21.32 -21.55 -14.32
CA ILE C 16 -20.76 -21.51 -15.65
C ILE C 16 -19.26 -21.17 -15.50
N GLU C 17 -18.38 -21.91 -16.17
CA GLU C 17 -16.94 -21.67 -16.12
C GLU C 17 -16.41 -21.29 -17.52
N ALA C 18 -15.34 -20.49 -17.56
CA ALA C 18 -14.74 -20.12 -18.81
C ALA C 18 -13.43 -19.48 -18.54
N PHE C 19 -12.52 -19.60 -19.48
CA PHE C 19 -11.24 -18.95 -19.34
C PHE C 19 -11.16 -18.14 -20.61
N LEU C 20 -10.73 -16.88 -20.53
CA LEU C 20 -10.57 -16.07 -21.72
C LEU C 20 -9.09 -15.89 -21.90
N ASN C 21 -8.55 -16.32 -23.05
CA ASN C 21 -7.12 -16.14 -23.33
C ASN C 21 -6.83 -14.72 -23.67
N PRO C 22 -5.62 -14.23 -23.35
CA PRO C 22 -5.35 -12.83 -23.68
C PRO C 22 -5.28 -12.55 -25.17
N ARG C 23 -5.46 -11.30 -25.52
CA ARG C 23 -5.38 -10.83 -26.91
C ARG C 23 -4.39 -9.68 -26.99
N MET C 24 -3.10 -9.99 -26.94
CA MET C 24 -2.05 -8.99 -26.90
C MET C 24 -1.60 -8.47 -28.24
N GLY C 25 -1.96 -9.17 -29.32
CA GLY C 25 -1.52 -8.70 -30.62
C GLY C 25 -1.23 -9.84 -31.58
N GLN C 26 -0.43 -10.81 -31.14
CA GLN C 26 -0.19 -11.91 -32.01
C GLN C 26 -1.38 -12.85 -31.90
N PRO C 27 -2.07 -13.14 -33.03
CA PRO C 27 -3.22 -14.05 -32.99
C PRO C 27 -2.76 -15.48 -32.62
N PRO C 28 -3.73 -16.35 -32.24
CA PRO C 28 -3.53 -17.75 -31.86
C PRO C 28 -2.86 -18.54 -32.94
N THR C 29 -3.09 -18.17 -34.18
CA THR C 29 -2.46 -18.88 -35.29
C THR C 29 -1.69 -17.81 -36.07
N PRO C 30 -0.65 -18.21 -36.83
CA PRO C 30 -0.15 -19.59 -36.99
C PRO C 30 0.32 -20.15 -35.66
N GLU C 31 0.24 -21.45 -35.48
CA GLU C 31 0.69 -22.05 -34.25
C GLU C 31 2.17 -22.29 -34.22
N SER C 32 2.78 -22.35 -35.42
CA SER C 32 4.18 -22.61 -35.55
C SER C 32 5.01 -21.73 -34.65
N LEU C 33 5.93 -22.36 -33.93
CA LEU C 33 6.78 -21.64 -32.99
C LEU C 33 7.93 -20.97 -33.71
N THR C 34 7.90 -21.04 -35.04
CA THR C 34 8.91 -20.39 -35.85
C THR C 34 8.21 -19.41 -36.78
N GLU C 35 6.91 -19.46 -36.91
CA GLU C 35 6.28 -18.53 -37.80
C GLU C 35 5.45 -17.47 -37.14
N GLY C 36 5.65 -17.25 -35.83
CA GLY C 36 4.91 -16.19 -35.17
C GLY C 36 4.20 -16.68 -33.97
N GLY C 37 3.88 -17.96 -34.01
CA GLY C 37 3.16 -18.55 -32.88
C GLY C 37 3.91 -18.45 -31.57
N GLN C 38 5.23 -18.27 -31.63
CA GLN C 38 6.04 -18.13 -30.43
C GLN C 38 5.70 -16.81 -29.74
N TYR C 39 4.94 -15.93 -30.36
CA TYR C 39 4.52 -14.68 -29.72
C TYR C 39 3.10 -14.71 -29.19
N TYR C 40 2.42 -15.84 -29.30
CA TYR C 40 1.06 -15.90 -28.80
C TYR C 40 1.12 -15.78 -27.26
N GLY C 41 0.35 -14.82 -26.74
CA GLY C 41 0.33 -14.54 -25.32
C GLY C 41 1.02 -13.17 -25.14
N TRP C 42 1.63 -12.68 -26.24
CA TRP C 42 2.37 -11.41 -26.24
C TRP C 42 1.95 -10.59 -27.46
N SER C 43 2.33 -9.33 -27.46
CA SER C 43 2.10 -8.52 -28.62
C SER C 43 3.38 -8.69 -29.49
N ARG C 44 3.37 -8.17 -30.71
CA ARG C 44 4.56 -8.16 -31.53
C ARG C 44 5.30 -6.87 -31.10
N GLY C 45 6.51 -6.65 -31.62
CA GLY C 45 7.32 -5.50 -31.23
C GLY C 45 6.59 -4.19 -31.34
N ILE C 46 6.58 -3.42 -30.24
CA ILE C 46 5.88 -2.14 -30.30
C ILE C 46 6.67 -1.19 -31.24
N ASN C 47 6.05 -0.68 -32.30
CA ASN C 47 6.72 0.24 -33.22
C ASN C 47 6.26 1.65 -32.83
N LEU C 48 7.19 2.59 -32.85
CA LEU C 48 6.94 3.96 -32.44
C LEU C 48 6.65 4.92 -33.58
N ALA C 49 5.97 6.03 -33.23
CA ALA C 49 5.62 7.09 -34.18
C ALA C 49 6.95 7.52 -34.81
N THR C 50 6.96 7.98 -36.08
CA THR C 50 8.21 8.45 -36.70
C THR C 50 8.29 9.98 -36.55
N SER C 51 7.18 10.61 -36.18
CA SER C 51 7.16 12.05 -35.98
C SER C 51 5.94 12.36 -35.16
N ASP C 52 5.77 13.62 -34.84
CA ASP C 52 4.61 14.08 -34.05
C ASP C 52 3.28 13.89 -34.79
N THR C 53 3.36 13.67 -36.11
CA THR C 53 2.15 13.55 -36.91
C THR C 53 2.11 12.25 -37.63
N GLU C 54 3.03 11.34 -37.34
CA GLU C 54 3.05 10.04 -37.98
C GLU C 54 3.12 8.94 -36.95
N ASP C 55 1.94 8.52 -36.45
CA ASP C 55 1.90 7.45 -35.45
C ASP C 55 0.97 6.38 -35.93
N SER C 56 1.52 5.32 -36.52
CA SER C 56 0.76 4.24 -37.03
C SER C 56 1.10 2.94 -36.36
N PRO C 57 0.44 2.63 -35.23
CA PRO C 57 0.76 1.37 -34.56
C PRO C 57 0.28 0.15 -35.35
N GLY C 58 1.10 -0.89 -35.39
CA GLY C 58 0.66 -2.08 -36.07
C GLY C 58 -0.45 -2.73 -35.20
N ASN C 59 -1.42 -3.40 -35.82
CA ASN C 59 -2.50 -4.03 -35.09
C ASN C 59 -2.01 -5.08 -34.13
N ASN C 60 -0.95 -5.80 -34.48
CA ASN C 60 -0.48 -6.84 -33.63
C ASN C 60 0.40 -6.31 -32.51
N THR C 61 0.47 -5.00 -32.34
CA THR C 61 1.23 -4.42 -31.26
C THR C 61 0.24 -3.79 -30.27
N LEU C 62 -1.06 -3.87 -30.55
CA LEU C 62 -2.10 -3.28 -29.71
C LEU C 62 -2.94 -4.26 -28.90
N PRO C 63 -2.72 -4.39 -27.56
CA PRO C 63 -3.59 -5.33 -26.86
C PRO C 63 -5.07 -4.96 -27.09
N THR C 64 -5.94 -5.97 -27.18
CA THR C 64 -7.36 -5.68 -27.38
C THR C 64 -8.10 -6.44 -26.28
N TRP C 65 -9.38 -6.11 -26.11
CA TRP C 65 -10.21 -6.77 -25.15
C TRP C 65 -10.49 -8.20 -25.49
N SER C 66 -10.53 -9.05 -24.47
CA SER C 66 -10.96 -10.45 -24.67
C SER C 66 -12.45 -10.42 -24.31
N MET C 67 -13.27 -11.21 -24.99
CA MET C 67 -14.65 -11.28 -24.61
C MET C 67 -15.18 -12.62 -25.07
N ALA C 68 -16.19 -13.12 -24.37
CA ALA C 68 -16.84 -14.37 -24.76
C ALA C 68 -18.29 -14.18 -24.38
N LYS C 69 -19.19 -14.77 -25.18
CA LYS C 69 -20.60 -14.70 -24.93
C LYS C 69 -20.93 -16.15 -24.71
N LEU C 70 -21.39 -16.47 -23.52
CA LEU C 70 -21.73 -17.84 -23.20
C LEU C 70 -23.24 -18.03 -23.26
N GLN C 71 -23.64 -19.18 -23.78
CA GLN C 71 -25.06 -19.55 -23.90
C GLN C 71 -25.56 -20.23 -22.61
N LEU C 72 -26.64 -19.77 -22.00
CA LEU C 72 -27.13 -20.44 -20.79
C LEU C 72 -28.36 -21.29 -21.15
N PRO C 73 -28.73 -22.25 -20.28
CA PRO C 73 -29.89 -23.13 -20.52
C PRO C 73 -31.08 -22.28 -20.89
N MET C 74 -31.90 -22.76 -21.82
CA MET C 74 -33.10 -22.05 -22.29
C MET C 74 -34.13 -21.99 -21.16
N LEU C 75 -35.01 -21.03 -21.21
CA LEU C 75 -35.94 -20.87 -20.10
C LEU C 75 -37.46 -20.77 -20.30
N ASN C 76 -37.85 -19.96 -21.27
CA ASN C 76 -39.26 -19.71 -21.48
C ASN C 76 -40.02 -20.30 -22.64
N GLU C 77 -40.99 -21.14 -22.26
CA GLU C 77 -41.95 -21.79 -23.19
C GLU C 77 -42.67 -20.62 -23.91
N ASP C 78 -43.55 -20.05 -23.11
CA ASP C 78 -44.41 -18.94 -23.45
C ASP C 78 -43.60 -17.63 -23.40
N LEU C 79 -43.44 -16.97 -24.54
CA LEU C 79 -42.76 -15.69 -24.49
C LEU C 79 -43.82 -14.56 -24.24
N THR C 80 -45.08 -14.83 -24.58
CA THR C 80 -46.17 -13.87 -24.34
C THR C 80 -46.75 -14.10 -22.92
N CYS C 81 -45.99 -14.78 -22.04
CA CYS C 81 -46.49 -15.01 -20.70
C CYS C 81 -46.17 -13.79 -19.83
N ASP C 82 -47.19 -13.29 -19.11
CA ASP C 82 -47.09 -12.14 -18.21
C ASP C 82 -45.77 -12.22 -17.38
N THR C 83 -45.47 -13.41 -16.86
CA THR C 83 -44.27 -13.61 -16.05
C THR C 83 -43.33 -14.68 -16.63
N LEU C 84 -42.09 -14.25 -16.95
CA LEU C 84 -41.06 -15.12 -17.49
C LEU C 84 -39.90 -15.26 -16.51
N GLN C 85 -38.95 -16.13 -16.85
CA GLN C 85 -37.80 -16.32 -16.05
C GLN C 85 -36.56 -15.82 -16.80
N MET C 86 -35.57 -15.29 -16.07
CA MET C 86 -34.34 -14.86 -16.65
C MET C 86 -33.16 -15.36 -15.79
N TRP C 87 -32.03 -15.59 -16.41
CA TRP C 87 -30.83 -15.99 -15.67
C TRP C 87 -30.22 -14.72 -15.07
N GLU C 88 -29.84 -14.80 -13.80
CA GLU C 88 -29.27 -13.65 -13.10
C GLU C 88 -27.88 -14.07 -12.61
N ALA C 89 -26.86 -13.29 -12.95
CA ALA C 89 -25.52 -13.60 -12.52
C ALA C 89 -25.42 -13.01 -11.11
N VAL C 90 -25.16 -13.91 -10.17
CA VAL C 90 -25.12 -13.56 -8.74
C VAL C 90 -23.72 -13.22 -8.28
N SER C 91 -22.78 -14.02 -8.75
CA SER C 91 -21.41 -13.79 -8.32
C SER C 91 -20.45 -14.47 -9.31
N VAL C 92 -19.20 -14.09 -9.17
CA VAL C 92 -18.16 -14.66 -10.01
C VAL C 92 -16.86 -14.86 -9.20
N LYS C 93 -16.21 -15.98 -9.44
CA LYS C 93 -14.88 -16.24 -8.87
C LYS C 93 -14.04 -16.02 -10.17
N THR C 94 -13.08 -15.12 -10.15
CA THR C 94 -12.30 -14.91 -11.35
C THR C 94 -10.81 -14.96 -10.97
N GLU C 95 -9.95 -15.33 -11.89
CA GLU C 95 -8.56 -15.43 -11.53
C GLU C 95 -7.68 -15.28 -12.74
N VAL C 96 -6.58 -14.54 -12.63
CA VAL C 96 -5.64 -14.40 -13.73
C VAL C 96 -4.60 -15.46 -13.44
N VAL C 97 -4.46 -16.38 -14.37
CA VAL C 97 -3.58 -17.52 -14.23
C VAL C 97 -2.22 -17.35 -14.91
N GLY C 98 -1.15 -17.79 -14.24
CA GLY C 98 0.16 -17.76 -14.85
C GLY C 98 1.18 -16.77 -14.39
N SER C 99 0.93 -16.03 -13.35
CA SER C 99 1.94 -15.07 -12.96
C SER C 99 3.27 -15.74 -12.63
N GLY C 100 3.24 -16.99 -12.17
CA GLY C 100 4.46 -17.71 -11.85
C GLY C 100 5.34 -17.88 -13.09
N SER C 101 4.76 -17.81 -14.27
CA SER C 101 5.58 -18.00 -15.48
C SER C 101 6.51 -16.80 -15.69
N LEU C 102 6.18 -15.71 -15.00
CA LEU C 102 6.95 -14.50 -15.08
C LEU C 102 8.25 -14.65 -14.34
N LEU C 103 8.37 -15.73 -13.61
CA LEU C 103 9.57 -16.05 -12.85
C LEU C 103 10.61 -16.67 -13.75
N ASP C 104 10.29 -16.89 -15.03
CA ASP C 104 11.30 -17.37 -15.96
C ASP C 104 12.17 -16.12 -16.26
N VAL C 105 13.39 -16.08 -15.73
CA VAL C 105 14.29 -14.97 -16.00
C VAL C 105 15.55 -15.60 -16.59
N HIS C 106 15.39 -16.72 -17.30
CA HIS C 106 16.53 -17.40 -17.90
C HIS C 106 16.47 -17.29 -19.45
N GLY C 107 15.48 -16.57 -19.98
CA GLY C 107 15.38 -16.41 -21.41
C GLY C 107 16.45 -15.46 -22.04
N PHE C 108 16.11 -14.89 -23.20
CA PHE C 108 16.99 -14.09 -23.99
C PHE C 108 16.55 -12.64 -24.04
N ASN C 109 15.84 -12.14 -23.04
CA ASN C 109 15.46 -10.75 -23.06
C ASN C 109 16.70 -9.91 -22.72
N LYS C 110 16.56 -8.60 -22.79
CA LYS C 110 17.59 -7.73 -22.40
C LYS C 110 18.08 -8.21 -21.01
N PRO C 111 19.39 -8.41 -20.83
CA PRO C 111 19.89 -8.86 -19.54
C PRO C 111 20.04 -7.69 -18.53
N THR C 112 20.08 -8.02 -17.27
CA THR C 112 20.21 -7.03 -16.22
C THR C 112 21.65 -6.46 -16.18
N ASP C 113 22.61 -7.23 -16.63
CA ASP C 113 23.97 -6.68 -16.68
C ASP C 113 24.27 -6.39 -18.17
N THR C 114 24.02 -5.19 -18.64
CA THR C 114 24.17 -4.95 -20.03
C THR C 114 25.61 -4.71 -20.39
N VAL C 115 26.43 -4.41 -19.42
CA VAL C 115 27.85 -4.21 -19.74
C VAL C 115 28.48 -5.52 -20.19
N ASN C 116 28.15 -6.59 -19.54
CA ASN C 116 28.74 -7.86 -19.94
C ASN C 116 27.76 -8.85 -20.54
N THR C 117 26.52 -8.43 -20.66
CA THR C 117 25.43 -9.25 -21.20
C THR C 117 25.30 -10.47 -20.33
N LYS C 118 25.05 -10.21 -19.05
CA LYS C 118 24.93 -11.24 -18.00
C LYS C 118 23.78 -10.88 -17.06
N GLY C 119 23.78 -11.52 -15.89
CA GLY C 119 22.78 -11.27 -14.86
C GLY C 119 21.65 -12.18 -15.14
N ILE C 120 20.46 -11.61 -15.28
CA ILE C 120 19.34 -12.44 -15.60
C ILE C 120 18.64 -11.79 -16.81
N SER C 121 17.72 -12.53 -17.39
CA SER C 121 16.91 -12.06 -18.51
C SER C 121 15.89 -11.18 -17.85
N THR C 122 15.86 -9.88 -18.16
CA THR C 122 14.91 -9.02 -17.47
C THR C 122 13.48 -9.51 -17.49
N PRO C 123 12.85 -9.66 -16.30
CA PRO C 123 11.46 -10.15 -16.33
C PRO C 123 10.47 -9.07 -16.82
N VAL C 124 9.24 -9.50 -17.06
CA VAL C 124 8.18 -8.62 -17.52
C VAL C 124 7.97 -7.53 -16.46
N GLU C 125 7.84 -6.26 -16.87
CA GLU C 125 7.72 -5.13 -15.96
C GLU C 125 7.02 -4.10 -16.70
N GLY C 126 6.54 -3.10 -16.01
CA GLY C 126 5.95 -1.99 -16.71
C GLY C 126 4.52 -1.76 -16.34
N SER C 127 3.79 -1.20 -17.28
CA SER C 127 2.39 -0.85 -17.17
C SER C 127 1.58 -2.13 -17.14
N GLN C 128 0.58 -2.13 -16.26
CA GLN C 128 -0.28 -3.28 -16.04
C GLN C 128 -1.69 -2.75 -16.10
N TYR C 129 -2.60 -3.60 -16.55
CA TYR C 129 -3.98 -3.18 -16.74
C TYR C 129 -4.83 -4.44 -16.59
N HIS C 130 -5.71 -4.40 -15.61
CA HIS C 130 -6.53 -5.57 -15.34
C HIS C 130 -7.94 -5.13 -15.24
N VAL C 131 -8.78 -5.67 -16.12
CA VAL C 131 -10.21 -5.33 -16.13
C VAL C 131 -10.98 -6.56 -16.44
N PHE C 132 -12.13 -6.71 -15.78
CA PHE C 132 -12.99 -7.83 -16.16
C PHE C 132 -14.40 -7.33 -15.94
N ALA C 133 -15.33 -7.90 -16.68
CA ALA C 133 -16.73 -7.52 -16.59
C ALA C 133 -17.55 -8.78 -16.80
N VAL C 134 -18.72 -8.78 -16.17
CA VAL C 134 -19.68 -9.87 -16.32
C VAL C 134 -21.01 -9.10 -16.51
N GLY C 135 -21.74 -9.40 -17.59
CA GLY C 135 -22.99 -8.70 -17.83
C GLY C 135 -23.91 -9.50 -18.66
N GLY C 136 -25.13 -8.99 -18.74
CA GLY C 136 -26.16 -9.67 -19.52
C GLY C 136 -26.28 -9.23 -20.97
N GLU C 137 -25.37 -8.37 -21.42
CA GLU C 137 -25.29 -7.86 -22.77
C GLU C 137 -23.84 -7.40 -22.96
N PRO C 138 -23.42 -7.07 -24.18
CA PRO C 138 -22.03 -6.64 -24.37
C PRO C 138 -21.63 -5.48 -23.53
N LEU C 139 -20.36 -5.43 -23.15
CA LEU C 139 -19.84 -4.33 -22.35
C LEU C 139 -19.92 -3.07 -23.23
N ASP C 140 -20.49 -2.00 -22.71
CA ASP C 140 -20.59 -0.73 -23.39
C ASP C 140 -19.24 -0.06 -23.17
N LEU C 141 -18.66 0.41 -24.30
CA LEU C 141 -17.35 1.06 -24.37
C LEU C 141 -17.44 2.55 -24.69
N GLN C 142 -16.58 3.34 -24.07
CA GLN C 142 -16.52 4.76 -24.33
C GLN C 142 -15.09 4.89 -24.92
N GLY C 143 -14.93 5.48 -26.09
CA GLY C 143 -13.59 5.61 -26.63
C GLY C 143 -12.89 6.86 -26.06
N LEU C 144 -11.55 6.83 -25.89
CA LEU C 144 -10.83 8.01 -25.40
C LEU C 144 -9.44 7.60 -25.69
N VAL C 145 -8.70 8.43 -26.43
CA VAL C 145 -7.34 8.09 -26.82
C VAL C 145 -6.32 9.14 -26.33
N THR C 146 -5.07 8.73 -26.40
CA THR C 146 -3.99 9.60 -26.07
C THR C 146 -3.90 10.71 -27.14
N ASP C 147 -4.04 10.29 -28.37
CA ASP C 147 -3.88 11.16 -29.50
C ASP C 147 -4.90 10.91 -30.63
N ALA C 148 -5.78 11.87 -30.86
CA ALA C 148 -6.78 11.79 -31.91
C ALA C 148 -6.15 11.75 -33.28
N ARG C 149 -4.83 11.95 -33.36
CA ARG C 149 -4.14 11.93 -34.64
C ARG C 149 -3.54 10.58 -34.95
N THR C 150 -3.60 9.67 -34.02
CA THR C 150 -3.08 8.37 -34.28
C THR C 150 -3.76 7.71 -35.47
N LYS C 151 -2.94 7.11 -36.32
CA LYS C 151 -3.39 6.43 -37.52
C LYS C 151 -3.52 4.94 -37.33
N TYR C 152 -4.60 4.54 -36.69
CA TYR C 152 -4.88 3.14 -36.51
C TYR C 152 -5.27 2.52 -37.88
N LYS C 153 -4.84 1.29 -38.13
CA LYS C 153 -5.18 0.61 -39.36
C LYS C 153 -6.72 0.64 -39.47
N GLU C 154 -7.24 0.70 -40.70
CA GLU C 154 -8.67 0.71 -40.88
C GLU C 154 -9.20 -0.68 -40.83
N GLU C 155 -8.37 -1.65 -41.09
CA GLU C 155 -8.84 -3.02 -41.04
C GLU C 155 -8.17 -3.79 -39.95
N GLY C 156 -8.88 -4.74 -39.37
CA GLY C 156 -8.31 -5.60 -38.35
C GLY C 156 -8.51 -5.15 -36.92
N VAL C 157 -9.01 -3.95 -36.72
CA VAL C 157 -9.27 -3.45 -35.37
C VAL C 157 -10.49 -2.59 -35.46
N VAL C 158 -11.24 -2.54 -34.37
CA VAL C 158 -12.36 -1.66 -34.32
C VAL C 158 -11.87 -0.43 -33.52
N THR C 159 -11.90 0.75 -34.16
CA THR C 159 -11.43 1.96 -33.52
C THR C 159 -12.58 2.97 -33.59
N ILE C 160 -12.39 4.18 -33.07
CA ILE C 160 -13.45 5.16 -33.06
C ILE C 160 -13.95 5.43 -34.49
N LYS C 161 -13.01 5.53 -35.43
CA LYS C 161 -13.38 5.78 -36.82
C LYS C 161 -14.22 4.63 -37.42
N THR C 162 -13.96 3.39 -37.01
CA THR C 162 -14.75 2.29 -37.49
C THR C 162 -16.18 2.55 -37.11
N ILE C 163 -16.42 3.14 -35.95
CA ILE C 163 -17.77 3.37 -35.47
C ILE C 163 -18.40 4.64 -36.03
N THR C 164 -17.67 5.74 -36.00
CA THR C 164 -18.23 6.97 -36.45
C THR C 164 -18.17 7.19 -37.98
N LYS C 165 -17.30 6.42 -38.66
CA LYS C 165 -17.18 6.61 -40.09
C LYS C 165 -16.46 7.92 -40.38
N LYS C 166 -15.97 8.57 -39.36
CA LYS C 166 -15.25 9.81 -39.55
C LYS C 166 -13.93 9.77 -38.78
N ASP C 167 -13.04 10.70 -39.08
CA ASP C 167 -11.81 10.78 -38.36
C ASP C 167 -12.05 11.22 -36.89
N MET C 168 -11.15 10.86 -36.00
CA MET C 168 -11.28 11.26 -34.61
C MET C 168 -11.17 12.76 -34.56
N VAL C 169 -11.74 13.33 -33.49
CA VAL C 169 -11.71 14.76 -33.27
C VAL C 169 -10.93 15.05 -31.98
N ASN C 170 -10.54 16.30 -31.76
CA ASN C 170 -9.75 16.54 -30.59
C ASN C 170 -10.50 16.07 -29.30
N LYS C 171 -11.84 16.11 -29.30
CA LYS C 171 -12.64 15.71 -28.16
C LYS C 171 -12.43 14.24 -27.80
N ASP C 172 -11.88 13.45 -28.73
CA ASP C 172 -11.66 12.03 -28.46
C ASP C 172 -10.48 11.77 -27.52
N GLN C 173 -9.73 12.83 -27.18
CA GLN C 173 -8.64 12.75 -26.21
C GLN C 173 -9.22 13.00 -24.79
N VAL C 174 -10.50 13.39 -24.71
CA VAL C 174 -11.23 13.55 -23.44
C VAL C 174 -12.52 12.75 -23.62
N LEU C 175 -13.60 13.13 -22.93
CA LEU C 175 -14.84 12.36 -23.10
C LEU C 175 -15.71 12.95 -24.21
N ASN C 176 -15.84 12.20 -25.31
CA ASN C 176 -16.68 12.60 -26.44
C ASN C 176 -17.76 11.51 -26.45
N PRO C 177 -19.01 11.87 -26.07
CA PRO C 177 -20.14 10.95 -25.98
C PRO C 177 -20.47 10.22 -27.28
N ILE C 178 -20.01 10.76 -28.40
CA ILE C 178 -20.31 10.17 -29.68
C ILE C 178 -19.50 8.93 -29.87
N SER C 179 -18.31 8.88 -29.25
CA SER C 179 -17.43 7.72 -29.45
C SER C 179 -17.73 6.56 -28.53
N LYS C 180 -18.78 5.82 -28.89
CA LYS C 180 -19.22 4.69 -28.09
C LYS C 180 -19.30 3.49 -28.96
N ALA C 181 -19.15 2.31 -28.37
CA ALA C 181 -19.24 1.06 -29.12
C ALA C 181 -19.67 -0.04 -28.10
N LYS C 182 -19.73 -1.29 -28.53
CA LYS C 182 -20.08 -2.36 -27.62
C LYS C 182 -19.01 -3.44 -27.82
N LEU C 183 -18.59 -4.10 -26.75
CA LEU C 183 -17.55 -5.09 -26.89
C LEU C 183 -18.23 -6.34 -27.38
N ASP C 184 -18.32 -6.45 -28.70
CA ASP C 184 -19.03 -7.59 -29.27
C ASP C 184 -18.17 -8.49 -30.07
N LYS C 185 -16.86 -8.24 -30.07
CA LYS C 185 -15.90 -9.11 -30.76
C LYS C 185 -14.68 -9.28 -29.89
N ASP C 186 -14.12 -10.45 -29.89
CA ASP C 186 -12.94 -10.76 -29.13
C ASP C 186 -11.70 -10.33 -29.94
N GLY C 187 -10.69 -9.82 -29.28
CA GLY C 187 -9.49 -9.43 -29.97
C GLY C 187 -9.56 -8.38 -31.06
N MET C 188 -10.47 -7.41 -30.95
CA MET C 188 -10.65 -6.41 -31.99
C MET C 188 -10.68 -4.98 -31.51
N TYR C 189 -11.08 -4.78 -30.26
CA TYR C 189 -11.18 -3.47 -29.62
C TYR C 189 -9.95 -3.15 -28.77
N PRO C 190 -9.11 -2.24 -29.28
CA PRO C 190 -7.91 -1.91 -28.50
C PRO C 190 -8.21 -1.29 -27.14
N VAL C 191 -7.50 -1.81 -26.11
CA VAL C 191 -7.71 -1.27 -24.78
C VAL C 191 -7.17 0.12 -24.59
N GLU C 192 -6.32 0.60 -25.54
CA GLU C 192 -5.82 1.97 -25.40
C GLU C 192 -6.87 2.94 -26.00
N ILE C 193 -7.95 2.38 -26.53
CA ILE C 193 -8.99 3.23 -27.11
C ILE C 193 -10.33 3.11 -26.41
N TRP C 194 -10.67 1.89 -26.06
CA TRP C 194 -12.00 1.58 -25.52
C TRP C 194 -12.07 1.27 -24.07
N HIS C 195 -12.84 2.06 -23.33
CA HIS C 195 -12.93 1.90 -21.91
C HIS C 195 -14.34 1.60 -21.50
N PRO C 196 -14.52 0.91 -20.33
CA PRO C 196 -15.90 0.63 -19.89
C PRO C 196 -16.63 2.00 -19.82
N ASP C 197 -17.87 2.07 -20.37
CA ASP C 197 -18.64 3.32 -20.37
C ASP C 197 -19.43 3.41 -19.04
N PRO C 198 -19.06 4.35 -18.15
CA PRO C 198 -19.78 4.42 -16.89
C PRO C 198 -21.19 4.97 -17.06
N ALA C 199 -21.49 5.56 -18.22
CA ALA C 199 -22.80 6.16 -18.42
C ALA C 199 -23.77 5.08 -18.85
N LYS C 200 -23.27 3.88 -19.14
CA LYS C 200 -24.16 2.83 -19.56
C LYS C 200 -23.89 1.61 -18.70
N ASN C 201 -23.73 0.44 -19.28
CA ASN C 201 -23.45 -0.74 -18.49
C ASN C 201 -24.35 -0.96 -17.28
N GLU C 202 -25.63 -0.66 -17.47
CA GLU C 202 -26.64 -0.86 -16.45
C GLU C 202 -26.75 -2.32 -16.07
N ASN C 203 -26.45 -3.22 -17.01
CA ASN C 203 -26.61 -4.63 -16.85
C ASN C 203 -25.31 -5.39 -16.89
N THR C 204 -24.23 -4.71 -16.51
CA THR C 204 -22.89 -5.31 -16.52
C THR C 204 -22.16 -4.78 -15.30
N ARG C 205 -21.34 -5.60 -14.65
CA ARG C 205 -20.56 -5.11 -13.52
C ARG C 205 -19.12 -5.19 -14.06
N TYR C 206 -18.36 -4.11 -13.98
CA TYR C 206 -16.96 -4.20 -14.43
C TYR C 206 -16.04 -3.67 -13.36
N PHE C 207 -14.81 -4.14 -13.39
CA PHE C 207 -13.85 -3.74 -12.35
C PHE C 207 -12.52 -3.64 -13.02
N GLY C 208 -11.87 -2.49 -12.99
CA GLY C 208 -10.53 -2.43 -13.57
C GLY C 208 -9.54 -1.65 -12.74
N ASN C 209 -8.27 -1.90 -13.01
CA ASN C 209 -7.24 -1.12 -12.34
C ASN C 209 -6.05 -0.98 -13.33
N TYR C 210 -5.42 0.17 -13.25
CA TYR C 210 -4.30 0.50 -14.11
C TYR C 210 -3.08 0.90 -13.27
N THR C 211 -1.89 0.42 -13.64
CA THR C 211 -0.66 0.84 -12.98
C THR C 211 0.25 1.18 -14.15
N GLY C 212 0.76 2.40 -14.16
CA GLY C 212 1.63 2.81 -15.22
C GLY C 212 3.08 2.57 -14.95
N GLY C 213 3.91 3.34 -15.65
CA GLY C 213 5.34 3.22 -15.46
C GLY C 213 5.98 2.40 -16.54
N THR C 214 7.29 2.44 -16.59
CA THR C 214 8.00 1.68 -17.59
C THR C 214 8.62 0.42 -17.03
N THR C 215 8.97 0.42 -15.74
CA THR C 215 9.65 -0.72 -15.17
C THR C 215 8.99 -1.13 -13.84
N THR C 216 7.76 -0.70 -13.66
CA THR C 216 7.00 -0.99 -12.49
C THR C 216 6.88 -2.48 -12.29
N PRO C 217 7.15 -2.96 -11.04
CA PRO C 217 7.02 -4.38 -10.80
C PRO C 217 5.56 -4.85 -10.90
N PRO C 218 5.32 -5.91 -11.68
CA PRO C 218 3.96 -6.44 -11.78
C PRO C 218 3.67 -7.12 -10.41
N VAL C 219 2.44 -7.04 -10.00
CA VAL C 219 1.97 -7.59 -8.76
C VAL C 219 0.67 -8.34 -9.11
N LEU C 220 0.49 -9.52 -8.55
CA LEU C 220 -0.71 -10.27 -8.81
C LEU C 220 -1.03 -11.27 -7.69
N GLN C 221 -2.29 -11.31 -7.28
CA GLN C 221 -2.73 -12.28 -6.31
C GLN C 221 -3.66 -13.23 -6.97
N PHE C 222 -3.70 -14.46 -6.46
CA PHE C 222 -4.57 -15.42 -7.02
C PHE C 222 -4.93 -16.35 -5.89
N THR C 223 -6.21 -16.67 -5.78
CA THR C 223 -6.70 -17.58 -4.75
C THR C 223 -8.04 -18.12 -5.24
N ASN C 224 -8.38 -19.34 -4.89
CA ASN C 224 -9.69 -19.87 -5.32
C ASN C 224 -10.71 -19.69 -4.19
N THR C 225 -10.46 -18.81 -3.27
CA THR C 225 -11.32 -18.66 -2.12
C THR C 225 -12.06 -17.35 -2.09
N LEU C 226 -12.00 -16.56 -3.16
CA LEU C 226 -12.67 -15.28 -3.18
C LEU C 226 -13.77 -15.21 -4.20
N THR C 227 -14.84 -14.53 -3.84
CA THR C 227 -15.97 -14.36 -4.72
C THR C 227 -16.32 -12.91 -4.88
N THR C 228 -16.68 -12.51 -6.08
CA THR C 228 -17.15 -11.13 -6.34
C THR C 228 -18.67 -11.23 -6.51
N VAL C 229 -19.40 -10.54 -5.66
CA VAL C 229 -20.85 -10.50 -5.70
C VAL C 229 -21.19 -9.52 -6.83
N LEU C 230 -22.11 -9.93 -7.68
CA LEU C 230 -22.49 -9.12 -8.83
C LEU C 230 -23.80 -8.42 -8.62
N LEU C 231 -24.43 -8.66 -7.48
CA LEU C 231 -25.70 -8.04 -7.15
C LEU C 231 -25.59 -6.54 -6.95
N ASP C 232 -26.55 -5.74 -7.44
CA ASP C 232 -26.50 -4.29 -7.21
C ASP C 232 -27.12 -3.90 -5.90
N GLU C 233 -27.30 -2.60 -5.71
CA GLU C 233 -27.88 -2.11 -4.45
C GLU C 233 -29.25 -2.70 -4.24
N ASN C 234 -29.93 -3.14 -5.29
CA ASN C 234 -31.22 -3.77 -5.03
C ASN C 234 -31.24 -5.28 -4.94
N GLY C 235 -30.05 -5.90 -4.92
CA GLY C 235 -29.97 -7.33 -4.79
C GLY C 235 -30.17 -7.99 -6.10
N VAL C 236 -30.06 -7.22 -7.17
CA VAL C 236 -30.23 -7.82 -8.49
C VAL C 236 -28.88 -7.89 -9.28
N GLY C 237 -28.57 -9.02 -9.84
CA GLY C 237 -27.35 -9.12 -10.58
C GLY C 237 -27.64 -8.91 -12.07
N PRO C 238 -26.60 -8.94 -12.89
CA PRO C 238 -26.79 -8.77 -14.32
C PRO C 238 -27.83 -9.80 -14.77
N LEU C 239 -28.81 -9.41 -15.62
CA LEU C 239 -29.83 -10.38 -16.12
C LEU C 239 -29.50 -10.70 -17.57
N CYS C 240 -29.43 -11.98 -17.93
CA CYS C 240 -29.10 -12.41 -19.29
C CYS C 240 -30.29 -12.33 -20.21
N LYS C 241 -30.33 -11.20 -20.90
CA LYS C 241 -31.38 -10.80 -21.84
C LYS C 241 -31.74 -11.84 -22.90
N GLY C 242 -30.75 -12.33 -23.63
CA GLY C 242 -31.07 -13.36 -24.57
C GLY C 242 -30.50 -14.65 -24.03
N GLU C 243 -30.38 -14.82 -22.70
CA GLU C 243 -29.75 -16.01 -22.05
C GLU C 243 -28.27 -16.12 -22.49
N GLY C 244 -27.70 -14.98 -22.93
CA GLY C 244 -26.31 -14.88 -23.40
C GLY C 244 -25.59 -14.19 -22.23
N LEU C 245 -24.56 -14.82 -21.70
CA LEU C 245 -23.84 -14.20 -20.60
C LEU C 245 -22.52 -13.65 -21.18
N TYR C 246 -22.25 -12.36 -20.97
CA TYR C 246 -21.01 -11.77 -21.55
C TYR C 246 -19.87 -11.65 -20.56
N LEU C 247 -18.72 -12.19 -20.92
CA LEU C 247 -17.48 -12.13 -20.12
C LEU C 247 -16.50 -11.27 -20.91
N SER C 248 -15.90 -10.30 -20.23
CA SER C 248 -14.94 -9.42 -20.84
C SER C 248 -13.76 -9.22 -19.93
N CYS C 249 -12.58 -9.06 -20.54
CA CYS C 249 -11.39 -8.82 -19.73
C CYS C 249 -10.15 -8.42 -20.55
N VAL C 250 -9.16 -7.93 -19.82
CA VAL C 250 -7.85 -7.66 -20.35
C VAL C 250 -6.94 -7.73 -19.12
N ASP C 251 -5.84 -8.45 -19.25
CA ASP C 251 -4.85 -8.60 -18.19
C ASP C 251 -3.43 -8.47 -18.71
N ILE C 252 -2.97 -7.22 -18.73
CA ILE C 252 -1.63 -6.89 -19.18
C ILE C 252 -0.71 -6.87 -17.96
N MET C 253 0.38 -7.62 -18.05
CA MET C 253 1.37 -7.76 -17.01
C MET C 253 2.53 -6.79 -17.12
N GLY C 254 2.68 -6.20 -18.30
CA GLY C 254 3.76 -5.27 -18.60
C GLY C 254 4.42 -5.72 -19.91
N TRP C 255 5.70 -5.44 -20.05
CA TRP C 255 6.42 -5.83 -21.24
C TRP C 255 7.69 -6.64 -20.95
N ARG C 256 8.10 -7.41 -21.95
CA ARG C 256 9.41 -8.00 -21.89
C ARG C 256 10.16 -7.08 -22.91
N VAL C 257 11.48 -6.94 -22.76
CA VAL C 257 12.20 -6.17 -23.72
C VAL C 257 13.35 -6.97 -24.32
N THR C 258 13.48 -6.95 -25.65
CA THR C 258 14.53 -7.73 -26.29
C THR C 258 15.89 -7.08 -26.20
N ARG C 259 16.87 -7.85 -26.68
CA ARG C 259 18.25 -7.43 -26.75
C ARG C 259 18.50 -6.59 -28.01
N ASN C 260 17.49 -6.38 -28.85
CA ASN C 260 17.68 -5.55 -30.01
C ASN C 260 16.81 -4.33 -29.96
N TYR C 261 17.45 -3.21 -29.70
CA TYR C 261 16.80 -1.94 -29.70
C TYR C 261 15.74 -1.77 -28.71
N ASP C 262 15.84 -2.51 -27.60
CA ASP C 262 14.86 -2.44 -26.54
C ASP C 262 13.42 -2.61 -27.02
N VAL C 263 13.21 -3.49 -28.00
CA VAL C 263 11.86 -3.69 -28.48
C VAL C 263 11.04 -4.35 -27.35
N HIS C 264 9.90 -3.73 -27.07
CA HIS C 264 8.98 -4.15 -26.06
C HIS C 264 7.84 -4.98 -26.62
N HIS C 265 7.49 -6.03 -25.90
CA HIS C 265 6.38 -6.86 -26.26
C HIS C 265 5.48 -6.93 -25.02
N TRP C 266 4.19 -6.65 -25.18
CA TRP C 266 3.20 -6.72 -24.09
C TRP C 266 3.03 -8.17 -23.75
N ARG C 267 2.77 -8.45 -22.46
CA ARG C 267 2.54 -9.80 -21.97
C ARG C 267 1.16 -9.75 -21.35
N GLY C 268 0.33 -10.72 -21.70
CA GLY C 268 -0.99 -10.78 -21.14
C GLY C 268 -1.12 -12.16 -20.60
N LEU C 269 -2.06 -12.38 -19.68
CA LEU C 269 -2.26 -13.70 -19.08
C LEU C 269 -3.76 -14.02 -19.18
N PRO C 270 -4.15 -15.30 -19.26
CA PRO C 270 -5.58 -15.72 -19.33
C PRO C 270 -6.34 -15.49 -18.01
N ARG C 271 -7.63 -15.26 -18.12
CA ARG C 271 -8.43 -15.03 -16.92
C ARG C 271 -9.49 -16.13 -16.84
N TYR C 272 -9.66 -16.66 -15.66
CA TYR C 272 -10.65 -17.67 -15.43
C TYR C 272 -11.86 -17.01 -14.79
N PHE C 273 -13.04 -17.50 -15.17
CA PHE C 273 -14.31 -17.01 -14.65
C PHE C 273 -15.19 -18.21 -14.22
N LYS C 274 -15.76 -18.19 -13.01
CA LYS C 274 -16.72 -19.20 -12.60
C LYS C 274 -17.86 -18.33 -12.13
N ILE C 275 -18.94 -18.28 -12.91
CA ILE C 275 -20.10 -17.46 -12.59
C ILE C 275 -21.23 -18.33 -12.04
N THR C 276 -21.84 -17.87 -10.96
CA THR C 276 -22.98 -18.55 -10.36
C THR C 276 -24.20 -17.75 -10.80
N LEU C 277 -25.15 -18.47 -11.38
CA LEU C 277 -26.38 -17.83 -11.89
C LEU C 277 -27.60 -18.43 -11.23
N ARG C 278 -28.65 -17.65 -11.12
CA ARG C 278 -29.87 -18.21 -10.54
C ARG C 278 -31.03 -17.72 -11.43
N LYS C 279 -32.15 -18.43 -11.42
CA LYS C 279 -33.28 -17.99 -12.22
C LYS C 279 -34.05 -16.94 -11.43
N ARG C 280 -34.53 -15.94 -12.13
CA ARG C 280 -35.25 -14.86 -11.55
C ARG C 280 -36.57 -14.72 -12.30
N TRP C 281 -37.67 -14.48 -11.59
CA TRP C 281 -38.97 -14.25 -12.24
C TRP C 281 -38.98 -12.80 -12.69
N VAL C 282 -39.39 -12.55 -13.92
CA VAL C 282 -39.47 -11.17 -14.33
C VAL C 282 -40.81 -10.95 -14.93
N LYS C 283 -41.32 -9.76 -14.73
CA LYS C 283 -42.60 -9.37 -15.26
C LYS C 283 -42.29 -8.48 -16.46
N MET D 1 -21.31 -37.73 -2.62
CA MET D 1 -20.53 -37.12 -1.49
C MET D 1 -21.41 -36.15 -0.73
N GLU D 2 -22.25 -36.72 0.10
CA GLU D 2 -23.10 -35.90 0.92
C GLU D 2 -22.32 -35.56 2.22
N VAL D 3 -22.25 -34.28 2.54
CA VAL D 3 -21.55 -33.91 3.74
C VAL D 3 -22.61 -33.69 4.81
N LEU D 4 -22.46 -34.42 5.92
CA LEU D 4 -23.41 -34.30 7.00
C LEU D 4 -22.93 -33.42 8.16
N ASP D 5 -23.26 -33.81 9.38
CA ASP D 5 -22.91 -33.11 10.63
C ASP D 5 -21.43 -33.30 11.01
N LEU D 6 -20.96 -32.47 11.93
CA LEU D 6 -19.61 -32.57 12.46
C LEU D 6 -19.68 -33.71 13.47
N VAL D 7 -18.66 -34.53 13.55
CA VAL D 7 -18.65 -35.60 14.50
C VAL D 7 -18.29 -35.01 15.89
N THR D 8 -18.95 -35.42 16.97
CA THR D 8 -18.58 -34.87 18.28
C THR D 8 -18.03 -35.99 19.14
N GLY D 9 -17.48 -35.63 20.29
CA GLY D 9 -16.94 -36.63 21.16
C GLY D 9 -15.44 -36.61 21.23
N PRO D 10 -14.84 -37.51 22.05
CA PRO D 10 -13.37 -37.61 22.24
C PRO D 10 -12.61 -37.72 20.90
N ASP D 11 -11.59 -36.86 20.75
CA ASP D 11 -10.77 -36.85 19.54
C ASP D 11 -11.49 -36.62 18.20
N SER D 12 -12.44 -35.72 18.16
CA SER D 12 -13.13 -35.50 16.94
C SER D 12 -12.42 -34.31 16.25
N VAL D 13 -11.62 -33.57 17.02
CA VAL D 13 -10.83 -32.48 16.52
C VAL D 13 -9.35 -32.79 16.69
N THR D 14 -8.51 -32.39 15.75
CA THR D 14 -7.08 -32.65 15.85
C THR D 14 -6.25 -31.57 15.15
N GLU D 15 -5.01 -31.40 15.55
CA GLU D 15 -4.11 -30.45 14.94
C GLU D 15 -2.94 -31.14 14.32
N ILE D 16 -2.47 -30.64 13.20
CA ILE D 16 -1.36 -31.28 12.51
C ILE D 16 -0.39 -30.14 12.18
N GLU D 17 0.90 -30.34 12.43
CA GLU D 17 1.94 -29.33 12.15
C GLU D 17 2.94 -29.85 11.10
N ALA D 18 3.53 -28.95 10.37
CA ALA D 18 4.54 -29.36 9.39
C ALA D 18 5.23 -28.14 8.89
N PHE D 19 6.47 -28.30 8.47
CA PHE D 19 7.19 -27.19 7.88
C PHE D 19 7.60 -27.80 6.54
N LEU D 20 7.52 -27.03 5.46
CA LEU D 20 7.97 -27.53 4.15
C LEU D 20 9.17 -26.68 3.83
N ASN D 21 10.31 -27.33 3.61
CA ASN D 21 11.51 -26.60 3.26
C ASN D 21 11.44 -26.17 1.79
N PRO D 22 12.10 -25.06 1.44
CA PRO D 22 12.00 -24.63 0.02
C PRO D 22 12.74 -25.51 -0.93
N ARG D 23 12.33 -25.46 -2.19
CA ARG D 23 12.95 -26.27 -3.25
C ARG D 23 13.40 -25.32 -4.37
N MET D 24 14.49 -24.57 -4.13
CA MET D 24 14.95 -23.57 -5.07
C MET D 24 15.82 -24.08 -6.21
N GLY D 25 16.37 -25.29 -6.11
CA GLY D 25 17.19 -25.82 -7.18
C GLY D 25 18.27 -26.72 -6.66
N GLN D 26 19.00 -26.27 -5.62
CA GLN D 26 20.01 -27.12 -5.05
C GLN D 26 19.32 -28.07 -4.11
N PRO D 27 19.44 -29.41 -4.34
CA PRO D 27 18.80 -30.39 -3.46
C PRO D 27 19.45 -30.33 -2.10
N PRO D 28 18.82 -30.96 -1.09
CA PRO D 28 19.27 -31.03 0.31
C PRO D 28 20.62 -31.69 0.46
N THR D 29 20.93 -32.63 -0.42
CA THR D 29 22.24 -33.27 -0.39
C THR D 29 22.89 -32.99 -1.75
N PRO D 30 24.24 -33.01 -1.82
CA PRO D 30 25.19 -33.29 -0.73
C PRO D 30 25.06 -32.25 0.37
N GLU D 31 25.32 -32.63 1.60
CA GLU D 31 25.26 -31.67 2.68
C GLU D 31 26.49 -30.82 2.79
N SER D 32 27.59 -31.33 2.20
CA SER D 32 28.86 -30.69 2.27
C SER D 32 28.73 -29.20 1.93
N LEU D 33 29.26 -28.32 2.77
CA LEU D 33 29.25 -26.92 2.54
C LEU D 33 30.30 -26.52 1.51
N THR D 34 30.98 -27.50 0.92
CA THR D 34 31.98 -27.21 -0.08
C THR D 34 31.57 -27.97 -1.33
N GLU D 35 30.65 -28.90 -1.25
CA GLU D 35 30.33 -29.59 -2.45
C GLU D 35 28.95 -29.28 -3.02
N GLY D 36 28.35 -28.16 -2.59
CA GLY D 36 27.09 -27.79 -3.15
C GLY D 36 26.10 -27.50 -2.10
N GLY D 37 26.27 -28.18 -0.99
CA GLY D 37 25.38 -28.00 0.14
C GLY D 37 25.24 -26.55 0.62
N GLN D 38 26.25 -25.72 0.38
CA GLN D 38 26.22 -24.36 0.76
C GLN D 38 25.14 -23.61 -0.04
N TYR D 39 24.59 -24.19 -1.12
CA TYR D 39 23.50 -23.55 -1.86
C TYR D 39 22.12 -24.05 -1.48
N TYR D 40 22.01 -24.94 -0.52
CA TYR D 40 20.72 -25.43 -0.11
C TYR D 40 19.91 -24.25 0.52
N GLY D 41 18.69 -24.05 0.01
CA GLY D 41 17.87 -22.93 0.40
C GLY D 41 17.86 -21.91 -0.77
N TRP D 42 18.73 -22.15 -1.75
CA TRP D 42 18.94 -21.26 -2.90
C TRP D 42 18.94 -22.09 -4.17
N SER D 43 18.86 -21.41 -5.30
CA SER D 43 18.98 -22.11 -6.55
C SER D 43 20.48 -22.01 -6.93
N ARG D 44 20.91 -22.74 -7.98
CA ARG D 44 22.24 -22.59 -8.46
C ARG D 44 22.18 -21.38 -9.41
N GLY D 45 23.33 -20.92 -9.92
CA GLY D 45 23.39 -19.75 -10.77
C GLY D 45 22.44 -19.84 -11.94
N ILE D 46 21.60 -18.84 -12.08
CA ILE D 46 20.64 -18.84 -13.21
C ILE D 46 21.43 -18.68 -14.54
N ASN D 47 21.27 -19.63 -15.46
CA ASN D 47 21.97 -19.58 -16.74
C ASN D 47 20.99 -19.10 -17.75
N LEU D 48 21.40 -18.21 -18.62
CA LEU D 48 20.55 -17.60 -19.64
C LEU D 48 20.58 -18.25 -20.99
N ALA D 49 19.49 -18.09 -21.76
CA ALA D 49 19.34 -18.62 -23.13
C ALA D 49 20.55 -18.11 -23.91
N THR D 50 21.01 -18.85 -24.89
CA THR D 50 22.16 -18.37 -25.70
C THR D 50 21.66 -17.70 -26.97
N SER D 51 20.38 -17.89 -27.28
CA SER D 51 19.81 -17.26 -28.44
C SER D 51 18.32 -17.30 -28.25
N ASP D 52 17.57 -16.70 -29.17
CA ASP D 52 16.11 -16.68 -29.11
C ASP D 52 15.49 -18.05 -29.23
N THR D 53 16.29 -19.03 -29.68
CA THR D 53 15.76 -20.39 -29.87
C THR D 53 16.55 -21.41 -29.09
N GLU D 54 17.45 -20.96 -28.19
CA GLU D 54 18.25 -21.86 -27.34
C GLU D 54 18.16 -21.47 -25.89
N ASP D 55 17.12 -21.96 -25.23
CA ASP D 55 16.90 -21.63 -23.81
C ASP D 55 16.78 -22.92 -23.06
N SER D 56 17.87 -23.35 -22.44
CA SER D 56 17.87 -24.56 -21.68
C SER D 56 18.25 -24.32 -20.22
N PRO D 57 17.28 -23.96 -19.39
CA PRO D 57 17.61 -23.75 -17.97
C PRO D 57 18.04 -25.06 -17.28
N GLY D 58 19.07 -24.97 -16.44
CA GLY D 58 19.48 -26.13 -15.67
C GLY D 58 18.37 -26.40 -14.61
N ASN D 59 18.17 -27.68 -14.28
CA ASN D 59 17.14 -28.02 -13.31
C ASN D 59 17.38 -27.38 -11.98
N ASN D 60 18.65 -27.25 -11.59
CA ASN D 60 18.92 -26.67 -10.27
C ASN D 60 18.86 -25.16 -10.26
N THR D 61 18.39 -24.58 -11.34
CA THR D 61 18.23 -23.12 -11.38
C THR D 61 16.72 -22.78 -11.37
N LEU D 62 15.85 -23.81 -11.32
CA LEU D 62 14.42 -23.61 -11.39
C LEU D 62 13.69 -23.91 -10.09
N PRO D 63 13.19 -22.87 -9.35
CA PRO D 63 12.47 -23.23 -8.13
C PRO D 63 11.29 -24.17 -8.46
N THR D 64 11.02 -25.16 -7.59
CA THR D 64 9.90 -26.03 -7.86
C THR D 64 8.99 -25.97 -6.65
N TRP D 65 7.80 -26.52 -6.77
CA TRP D 65 6.86 -26.56 -5.67
C TRP D 65 7.29 -27.46 -4.54
N SER D 66 7.02 -27.05 -3.30
CA SER D 66 7.27 -27.94 -2.16
C SER D 66 5.88 -28.55 -1.93
N MET D 67 5.86 -29.81 -1.50
CA MET D 67 4.60 -30.40 -1.15
C MET D 67 4.87 -31.50 -0.18
N ALA D 68 3.88 -31.81 0.65
CA ALA D 68 3.96 -32.92 1.58
C ALA D 68 2.56 -33.47 1.68
N LYS D 69 2.46 -34.78 1.86
CA LYS D 69 1.19 -35.45 2.05
C LYS D 69 1.31 -36.01 3.45
N LEU D 70 0.46 -35.53 4.34
CA LEU D 70 0.46 -35.97 5.71
C LEU D 70 -0.63 -36.97 5.96
N GLN D 71 -0.27 -38.02 6.70
CA GLN D 71 -1.21 -39.09 7.10
C GLN D 71 -2.03 -38.69 8.37
N LEU D 72 -3.36 -38.74 8.31
CA LEU D 72 -4.12 -38.41 9.51
C LEU D 72 -4.61 -39.72 10.16
N PRO D 73 -5.07 -39.65 11.43
CA PRO D 73 -5.57 -40.83 12.17
C PRO D 73 -6.62 -41.55 11.35
N MET D 74 -6.59 -42.88 11.37
CA MET D 74 -7.54 -43.70 10.60
C MET D 74 -8.95 -43.49 11.12
N LEU D 75 -9.96 -43.75 10.29
CA LEU D 75 -11.32 -43.46 10.75
C LEU D 75 -12.46 -44.49 10.65
N ASN D 76 -12.52 -45.16 9.52
CA ASN D 76 -13.61 -46.07 9.31
C ASN D 76 -13.41 -47.57 9.31
N GLU D 77 -14.12 -48.19 10.28
CA GLU D 77 -14.22 -49.66 10.47
C GLU D 77 -14.80 -50.22 9.17
N ASP D 78 -16.10 -49.98 9.12
CA ASP D 78 -16.97 -50.36 8.02
C ASP D 78 -16.81 -49.35 6.84
N LEU D 79 -16.33 -49.84 5.70
CA LEU D 79 -16.23 -48.95 4.55
C LEU D 79 -17.55 -49.04 3.75
N THR D 80 -18.27 -50.17 3.92
CA THR D 80 -19.60 -50.34 3.29
C THR D 80 -20.72 -49.77 4.23
N CYS D 81 -20.33 -48.90 5.17
CA CYS D 81 -21.35 -48.31 6.04
C CYS D 81 -21.96 -47.05 5.37
N ASP D 82 -23.29 -47.00 5.35
CA ASP D 82 -24.05 -45.89 4.75
C ASP D 82 -23.40 -44.52 5.11
N THR D 83 -23.01 -44.38 6.39
CA THR D 83 -22.42 -43.13 6.89
C THR D 83 -21.03 -43.35 7.52
N LEU D 84 -20.01 -42.72 6.90
CA LEU D 84 -18.62 -42.77 7.34
C LEU D 84 -18.16 -41.43 7.88
N GLN D 85 -16.94 -41.38 8.38
CA GLN D 85 -16.37 -40.11 8.83
C GLN D 85 -15.18 -39.71 7.96
N MET D 86 -14.98 -38.43 7.79
CA MET D 86 -13.83 -37.95 7.05
C MET D 86 -13.17 -36.79 7.83
N TRP D 87 -11.87 -36.63 7.65
CA TRP D 87 -11.19 -35.51 8.29
C TRP D 87 -11.44 -34.28 7.41
N GLU D 88 -11.75 -33.15 8.03
CA GLU D 88 -12.03 -31.95 7.34
C GLU D 88 -11.04 -30.90 7.85
N ALA D 89 -10.32 -30.24 6.94
CA ALA D 89 -9.40 -29.20 7.35
C ALA D 89 -10.25 -27.93 7.50
N VAL D 90 -10.20 -27.38 8.70
CA VAL D 90 -11.00 -26.24 9.08
C VAL D 90 -10.26 -24.96 8.89
N SER D 91 -9.01 -24.97 9.30
CA SER D 91 -8.21 -23.74 9.24
C SER D 91 -6.74 -24.08 9.32
N VAL D 92 -5.92 -23.09 8.96
CA VAL D 92 -4.50 -23.27 8.99
C VAL D 92 -3.82 -21.99 9.45
N LYS D 93 -2.79 -22.16 10.31
CA LYS D 93 -1.95 -21.03 10.72
C LYS D 93 -0.71 -21.35 9.87
N THR D 94 -0.26 -20.44 9.03
CA THR D 94 0.91 -20.74 8.22
C THR D 94 1.90 -19.60 8.34
N GLU D 95 3.18 -19.86 8.19
CA GLU D 95 4.11 -18.79 8.35
C GLU D 95 5.35 -19.10 7.57
N VAL D 96 5.95 -18.09 6.95
CA VAL D 96 7.21 -18.24 6.20
C VAL D 96 8.24 -17.75 7.24
N VAL D 97 9.14 -18.65 7.58
CA VAL D 97 10.13 -18.39 8.58
C VAL D 97 11.51 -17.99 8.01
N GLY D 98 12.17 -17.01 8.64
CA GLY D 98 13.51 -16.65 8.27
C GLY D 98 13.77 -15.37 7.55
N SER D 99 12.78 -14.52 7.42
CA SER D 99 13.03 -13.30 6.68
C SER D 99 14.15 -12.48 7.31
N GLY D 100 14.30 -12.57 8.65
CA GLY D 100 15.34 -11.86 9.35
C GLY D 100 16.72 -12.26 8.84
N SER D 101 16.87 -13.48 8.31
CA SER D 101 18.18 -13.91 7.82
C SER D 101 18.61 -13.07 6.61
N LEU D 102 17.62 -12.41 5.98
CA LEU D 102 17.87 -11.56 4.83
C LEU D 102 18.59 -10.28 5.25
N LEU D 103 18.65 -10.05 6.57
CA LEU D 103 19.34 -8.94 7.13
C LEU D 103 20.84 -9.16 7.20
N ASP D 104 21.32 -10.32 6.80
CA ASP D 104 22.75 -10.54 6.70
C ASP D 104 23.18 -9.78 5.40
N VAL D 105 23.84 -8.65 5.52
CA VAL D 105 24.34 -7.89 4.40
C VAL D 105 25.84 -7.77 4.56
N HIS D 106 26.44 -8.79 5.14
CA HIS D 106 27.87 -8.76 5.37
C HIS D 106 28.57 -9.84 4.57
N GLY D 107 27.84 -10.58 3.78
CA GLY D 107 28.47 -11.65 2.98
C GLY D 107 29.27 -11.14 1.80
N PHE D 108 29.43 -11.97 0.77
CA PHE D 108 30.27 -11.67 -0.39
C PHE D 108 29.46 -11.44 -1.67
N ASN D 109 28.24 -10.95 -1.57
CA ASN D 109 27.44 -10.75 -2.78
C ASN D 109 27.97 -9.49 -3.42
N LYS D 110 27.44 -9.17 -4.59
CA LYS D 110 27.76 -7.94 -5.27
C LYS D 110 27.59 -6.85 -4.22
N PRO D 111 28.60 -5.98 -4.07
CA PRO D 111 28.49 -4.92 -3.06
C PRO D 111 27.70 -3.72 -3.56
N THR D 112 27.18 -2.91 -2.65
CA THR D 112 26.43 -1.75 -3.07
C THR D 112 27.33 -0.67 -3.67
N ASP D 113 28.61 -0.62 -3.29
CA ASP D 113 29.52 0.36 -3.88
C ASP D 113 30.41 -0.46 -4.82
N THR D 114 30.03 -0.59 -6.08
CA THR D 114 30.82 -1.39 -7.00
C THR D 114 32.08 -0.70 -7.47
N VAL D 115 32.14 0.63 -7.44
CA VAL D 115 33.36 1.32 -7.85
C VAL D 115 34.50 0.92 -6.92
N ASN D 116 34.26 0.86 -5.61
CA ASN D 116 35.38 0.49 -4.72
C ASN D 116 35.23 -0.87 -4.08
N THR D 117 34.18 -1.57 -4.44
CA THR D 117 33.90 -2.87 -3.85
C THR D 117 33.75 -2.69 -2.34
N LYS D 118 32.79 -1.84 -1.96
CA LYS D 118 32.52 -1.53 -0.56
C LYS D 118 31.02 -1.45 -0.35
N GLY D 119 30.63 -0.81 0.77
CA GLY D 119 29.23 -0.58 1.15
C GLY D 119 28.74 -1.84 1.87
N ILE D 120 27.68 -2.46 1.38
CA ILE D 120 27.25 -3.68 1.99
C ILE D 120 27.07 -4.75 0.92
N SER D 121 26.92 -5.99 1.35
CA SER D 121 26.70 -7.11 0.45
C SER D 121 25.26 -6.95 0.06
N THR D 122 24.94 -6.73 -1.21
CA THR D 122 23.56 -6.52 -1.55
C THR D 122 22.62 -7.59 -1.03
N PRO D 123 21.56 -7.17 -0.33
CA PRO D 123 20.65 -8.21 0.18
C PRO D 123 19.75 -8.79 -0.96
N VAL D 124 19.08 -9.89 -0.65
CA VAL D 124 18.15 -10.55 -1.54
C VAL D 124 17.07 -9.54 -1.95
N GLU D 125 16.78 -9.44 -3.26
CA GLU D 125 15.80 -8.47 -3.84
C GLU D 125 15.25 -9.10 -5.06
N GLY D 126 14.23 -8.48 -5.61
CA GLY D 126 13.72 -9.00 -6.85
C GLY D 126 12.32 -9.56 -6.78
N SER D 127 12.08 -10.49 -7.67
CA SER D 127 10.80 -11.13 -7.82
C SER D 127 10.53 -12.04 -6.65
N GLN D 128 9.30 -11.97 -6.16
CA GLN D 128 8.87 -12.74 -5.01
C GLN D 128 7.63 -13.51 -5.38
N TYR D 129 7.46 -14.68 -4.80
CA TYR D 129 6.32 -15.48 -5.16
C TYR D 129 5.97 -16.26 -3.93
N HIS D 130 4.75 -16.10 -3.44
CA HIS D 130 4.33 -16.85 -2.23
C HIS D 130 3.04 -17.50 -2.47
N VAL D 131 3.03 -18.83 -2.42
CA VAL D 131 1.80 -19.57 -2.62
C VAL D 131 1.73 -20.72 -1.62
N PHE D 132 0.55 -20.99 -1.08
CA PHE D 132 0.42 -22.17 -0.24
C PHE D 132 -0.97 -22.70 -0.50
N ALA D 133 -1.12 -24.00 -0.28
CA ALA D 133 -2.41 -24.66 -0.48
C ALA D 133 -2.51 -25.76 0.58
N VAL D 134 -3.73 -26.02 0.99
CA VAL D 134 -4.07 -27.10 1.90
C VAL D 134 -5.28 -27.75 1.23
N GLY D 135 -5.20 -29.06 1.02
CA GLY D 135 -6.30 -29.76 0.35
C GLY D 135 -6.36 -31.20 0.72
N GLY D 136 -7.46 -31.84 0.34
CA GLY D 136 -7.65 -33.26 0.64
C GLY D 136 -7.15 -34.19 -0.45
N GLU D 137 -6.51 -33.65 -1.50
CA GLU D 137 -5.93 -34.40 -2.59
C GLU D 137 -4.82 -33.48 -3.17
N PRO D 138 -3.99 -33.99 -4.10
CA PRO D 138 -2.93 -33.13 -4.64
C PRO D 138 -3.44 -31.85 -5.28
N LEU D 139 -2.64 -30.81 -5.22
CA LEU D 139 -3.00 -29.54 -5.81
C LEU D 139 -3.04 -29.78 -7.32
N ASP D 140 -4.14 -29.38 -7.96
CA ASP D 140 -4.28 -29.48 -9.45
C ASP D 140 -3.52 -28.29 -10.03
N LEU D 141 -2.66 -28.58 -11.00
CA LEU D 141 -1.83 -27.60 -11.69
C LEU D 141 -2.21 -27.38 -13.12
N GLN D 142 -2.12 -26.14 -13.55
CA GLN D 142 -2.41 -25.78 -14.95
C GLN D 142 -1.03 -25.28 -15.46
N GLY D 143 -0.50 -25.86 -16.53
CA GLY D 143 0.79 -25.39 -17.04
C GLY D 143 0.62 -24.13 -17.86
N LEU D 144 1.58 -23.22 -17.87
CA LEU D 144 1.51 -22.00 -18.69
C LEU D 144 2.94 -21.51 -18.55
N VAL D 145 3.62 -21.28 -19.66
CA VAL D 145 5.01 -20.86 -19.64
C VAL D 145 5.21 -19.56 -20.39
N THR D 146 6.35 -18.98 -20.17
CA THR D 146 6.71 -17.74 -20.85
C THR D 146 6.97 -18.06 -22.33
N ASP D 147 7.64 -19.18 -22.55
CA ASP D 147 8.07 -19.59 -23.87
C ASP D 147 7.91 -21.09 -24.11
N ALA D 148 7.01 -21.46 -25.03
CA ALA D 148 6.77 -22.88 -25.37
C ALA D 148 8.00 -23.49 -26.04
N ARG D 149 9.01 -22.69 -26.35
CA ARG D 149 10.18 -23.21 -26.98
C ARG D 149 11.26 -23.54 -25.98
N THR D 150 11.06 -23.21 -24.71
CA THR D 150 12.07 -23.50 -23.70
C THR D 150 12.35 -24.98 -23.67
N LYS D 151 13.63 -25.32 -23.59
CA LYS D 151 14.09 -26.68 -23.57
C LYS D 151 14.42 -27.13 -22.17
N TYR D 152 13.38 -27.46 -21.45
CA TYR D 152 13.54 -28.00 -20.09
C TYR D 152 14.14 -29.39 -20.20
N LYS D 153 14.98 -29.76 -19.22
CA LYS D 153 15.58 -31.08 -19.19
C LYS D 153 14.43 -32.07 -19.18
N GLU D 154 14.63 -33.23 -19.83
CA GLU D 154 13.59 -34.26 -19.84
C GLU D 154 13.62 -35.01 -18.54
N GLU D 155 14.77 -35.06 -17.87
CA GLU D 155 14.82 -35.77 -16.59
C GLU D 155 15.04 -34.88 -15.43
N GLY D 156 14.46 -35.24 -14.31
CA GLY D 156 14.67 -34.45 -13.13
C GLY D 156 13.65 -33.41 -12.80
N VAL D 157 12.71 -33.16 -13.70
CA VAL D 157 11.69 -32.13 -13.47
C VAL D 157 10.50 -32.62 -14.21
N VAL D 158 9.32 -32.28 -13.71
CA VAL D 158 8.09 -32.62 -14.39
C VAL D 158 7.63 -31.36 -15.10
N THR D 159 7.60 -31.41 -16.43
CA THR D 159 7.24 -30.25 -17.22
C THR D 159 6.03 -30.64 -18.06
N ILE D 160 5.49 -29.73 -18.85
CA ILE D 160 4.32 -30.05 -19.68
C ILE D 160 4.60 -31.26 -20.60
N LYS D 161 5.75 -31.30 -21.22
CA LYS D 161 6.07 -32.44 -22.04
C LYS D 161 6.08 -33.77 -21.28
N THR D 162 6.48 -33.75 -20.01
CA THR D 162 6.50 -34.98 -19.22
C THR D 162 5.09 -35.48 -19.20
N ILE D 163 4.15 -34.56 -19.12
CA ILE D 163 2.75 -34.98 -19.00
C ILE D 163 2.08 -35.35 -20.33
N THR D 164 2.27 -34.51 -21.34
CA THR D 164 1.65 -34.74 -22.62
C THR D 164 2.41 -35.68 -23.53
N LYS D 165 3.68 -35.94 -23.24
CA LYS D 165 4.48 -36.83 -24.08
C LYS D 165 4.78 -36.14 -25.42
N LYS D 166 4.41 -34.88 -25.54
CA LYS D 166 4.66 -34.15 -26.76
C LYS D 166 5.30 -32.81 -26.43
N ASP D 167 5.82 -32.15 -27.42
CA ASP D 167 6.41 -30.87 -27.24
C ASP D 167 5.35 -29.82 -26.91
N MET D 168 5.73 -28.76 -26.19
CA MET D 168 4.77 -27.73 -25.89
C MET D 168 4.33 -27.10 -27.18
N VAL D 169 3.15 -26.47 -27.15
CA VAL D 169 2.58 -25.79 -28.32
C VAL D 169 2.44 -24.31 -27.97
N ASN D 170 2.19 -23.48 -28.98
CA ASN D 170 2.13 -22.09 -28.68
C ASN D 170 1.05 -21.78 -27.64
N LYS D 171 0.00 -22.58 -27.59
CA LYS D 171 -1.11 -22.38 -26.64
C LYS D 171 -0.62 -22.51 -25.18
N ASP D 172 0.54 -23.14 -24.97
CA ASP D 172 1.11 -23.28 -23.64
C ASP D 172 1.66 -21.98 -23.03
N GLN D 173 1.74 -20.92 -23.83
CA GLN D 173 2.09 -19.62 -23.37
C GLN D 173 0.82 -18.88 -22.85
N VAL D 174 -0.39 -19.45 -23.07
CA VAL D 174 -1.65 -18.89 -22.54
C VAL D 174 -2.33 -20.07 -21.87
N LEU D 175 -3.63 -20.09 -21.78
CA LEU D 175 -4.29 -21.24 -21.14
C LEU D 175 -4.61 -22.38 -22.12
N ASN D 176 -3.91 -23.51 -22.01
CA ASN D 176 -4.12 -24.67 -22.82
C ASN D 176 -4.60 -25.73 -21.81
N PRO D 177 -5.90 -26.08 -21.86
CA PRO D 177 -6.53 -27.06 -20.94
C PRO D 177 -5.89 -28.41 -20.91
N ILE D 178 -5.15 -28.75 -21.94
CA ILE D 178 -4.52 -30.03 -22.00
C ILE D 178 -3.35 -30.11 -21.05
N SER D 179 -2.73 -28.97 -20.80
CA SER D 179 -1.52 -28.97 -19.94
C SER D 179 -1.85 -28.88 -18.48
N LYS D 180 -2.23 -30.03 -17.92
CA LYS D 180 -2.62 -30.13 -16.52
C LYS D 180 -1.82 -31.19 -15.85
N ALA D 181 -1.58 -31.06 -14.57
CA ALA D 181 -0.85 -32.10 -13.81
C ALA D 181 -1.35 -32.04 -12.37
N LYS D 182 -0.79 -32.85 -11.48
CA LYS D 182 -1.16 -32.79 -10.07
C LYS D 182 0.14 -32.64 -9.32
N LEU D 183 0.15 -31.85 -8.26
CA LEU D 183 1.40 -31.68 -7.50
C LEU D 183 1.52 -32.86 -6.59
N ASP D 184 2.15 -33.89 -7.12
CA ASP D 184 2.25 -35.13 -6.36
C ASP D 184 3.69 -35.48 -6.02
N LYS D 185 4.64 -34.58 -6.28
CA LYS D 185 6.02 -34.82 -5.94
C LYS D 185 6.58 -33.54 -5.45
N ASP D 186 7.43 -33.60 -4.45
CA ASP D 186 8.07 -32.42 -3.88
C ASP D 186 9.31 -32.10 -4.73
N GLY D 187 9.59 -30.82 -4.94
CA GLY D 187 10.78 -30.41 -5.69
C GLY D 187 10.92 -30.90 -7.11
N MET D 188 9.84 -30.98 -7.87
CA MET D 188 9.90 -31.54 -9.23
C MET D 188 9.15 -30.73 -10.26
N TYR D 189 8.13 -30.00 -9.80
CA TYR D 189 7.28 -29.19 -10.65
C TYR D 189 7.70 -27.75 -10.58
N PRO D 190 8.34 -27.26 -11.67
CA PRO D 190 8.78 -25.86 -11.66
C PRO D 190 7.64 -24.84 -11.53
N VAL D 191 7.83 -23.84 -10.66
CA VAL D 191 6.79 -22.86 -10.47
C VAL D 191 6.64 -21.91 -11.64
N GLU D 192 7.62 -21.88 -12.55
CA GLU D 192 7.49 -21.02 -13.71
C GLU D 192 6.67 -21.75 -14.78
N ILE D 193 6.29 -22.99 -14.51
CA ILE D 193 5.48 -23.77 -15.45
C ILE D 193 4.10 -24.11 -14.91
N TRP D 194 4.04 -24.49 -13.65
CA TRP D 194 2.81 -25.03 -13.02
C TRP D 194 2.15 -24.13 -12.04
N HIS D 195 0.90 -23.80 -12.32
CA HIS D 195 0.13 -22.88 -11.52
C HIS D 195 -1.10 -23.56 -10.99
N PRO D 196 -1.61 -23.09 -9.82
CA PRO D 196 -2.83 -23.71 -9.29
C PRO D 196 -3.89 -23.62 -10.42
N ASP D 197 -4.62 -24.69 -10.64
CA ASP D 197 -5.64 -24.74 -11.67
C ASP D 197 -6.96 -24.25 -11.07
N PRO D 198 -7.46 -23.08 -11.49
CA PRO D 198 -8.71 -22.58 -10.91
C PRO D 198 -9.93 -23.36 -11.39
N ALA D 199 -9.77 -24.17 -12.42
CA ALA D 199 -10.89 -24.89 -12.95
C ALA D 199 -11.03 -26.14 -12.19
N LYS D 200 -10.06 -26.48 -11.35
CA LYS D 200 -10.22 -27.71 -10.53
C LYS D 200 -10.07 -27.38 -9.07
N ASN D 201 -9.23 -28.09 -8.34
CA ASN D 201 -9.04 -27.77 -6.90
C ASN D 201 -10.29 -27.54 -6.07
N GLU D 202 -11.33 -28.31 -6.36
CA GLU D 202 -12.60 -28.26 -5.64
C GLU D 202 -12.37 -28.56 -4.15
N ASN D 203 -11.37 -29.39 -3.87
CA ASN D 203 -11.08 -29.87 -2.52
C ASN D 203 -9.74 -29.35 -1.94
N THR D 204 -9.30 -28.20 -2.42
CA THR D 204 -8.06 -27.61 -1.98
C THR D 204 -8.30 -26.09 -1.89
N ARG D 205 -7.69 -25.42 -0.92
CA ARG D 205 -7.81 -23.97 -0.89
C ARG D 205 -6.37 -23.50 -1.19
N TYR D 206 -6.17 -22.54 -2.12
CA TYR D 206 -4.83 -22.07 -2.37
C TYR D 206 -4.83 -20.62 -2.38
N PHE D 207 -3.67 -20.04 -2.03
CA PHE D 207 -3.58 -18.58 -1.94
C PHE D 207 -2.20 -18.17 -2.41
N GLY D 208 -2.09 -17.35 -3.44
CA GLY D 208 -0.77 -16.92 -3.86
C GLY D 208 -0.65 -15.47 -4.25
N ASN D 209 0.58 -14.96 -4.25
CA ASN D 209 0.78 -13.60 -4.68
C ASN D 209 2.16 -13.53 -5.32
N TYR D 210 2.29 -12.68 -6.30
CA TYR D 210 3.48 -12.50 -7.09
C TYR D 210 3.85 -11.04 -7.15
N THR D 211 5.15 -10.76 -6.98
CA THR D 211 5.65 -9.42 -7.11
C THR D 211 6.84 -9.56 -8.02
N GLY D 212 6.84 -8.86 -9.14
CA GLY D 212 7.94 -8.98 -10.04
C GLY D 212 9.03 -7.93 -9.82
N GLY D 213 9.76 -7.64 -10.88
CA GLY D 213 10.84 -6.69 -10.78
C GLY D 213 12.19 -7.36 -10.63
N THR D 214 13.25 -6.57 -10.72
CA THR D 214 14.59 -7.14 -10.63
C THR D 214 15.20 -6.77 -9.29
N THR D 215 14.82 -5.65 -8.70
CA THR D 215 15.43 -5.24 -7.45
C THR D 215 14.37 -4.86 -6.41
N THR D 216 13.16 -5.37 -6.62
CA THR D 216 12.07 -5.07 -5.77
C THR D 216 12.37 -5.48 -4.35
N PRO D 217 12.12 -4.58 -3.35
CA PRO D 217 12.37 -4.95 -1.96
C PRO D 217 11.43 -6.06 -1.49
N PRO D 218 11.98 -7.15 -0.94
CA PRO D 218 11.15 -8.24 -0.42
C PRO D 218 10.44 -7.68 0.83
N VAL D 219 9.20 -8.09 1.03
CA VAL D 219 8.38 -7.69 2.12
C VAL D 219 7.81 -8.99 2.68
N LEU D 220 7.74 -9.10 4.00
CA LEU D 220 7.18 -10.31 4.58
C LEU D 220 6.71 -10.05 6.04
N GLN D 221 5.52 -10.56 6.36
CA GLN D 221 5.01 -10.45 7.71
C GLN D 221 4.92 -11.78 8.28
N PHE D 222 5.08 -11.85 9.59
CA PHE D 222 4.99 -13.12 10.26
C PHE D 222 4.44 -12.87 11.64
N THR D 223 3.47 -13.69 12.04
CA THR D 223 2.86 -13.58 13.37
C THR D 223 2.21 -14.90 13.66
N ASN D 224 2.15 -15.30 14.93
CA ASN D 224 1.52 -16.56 15.28
C ASN D 224 0.08 -16.33 15.72
N THR D 225 -0.45 -15.19 15.35
CA THR D 225 -1.75 -14.84 15.81
C THR D 225 -2.81 -14.81 14.74
N LEU D 226 -2.50 -15.29 13.55
CA LEU D 226 -3.46 -15.26 12.43
C LEU D 226 -3.85 -16.62 11.97
N THR D 227 -5.10 -16.78 11.58
CA THR D 227 -5.57 -18.06 11.12
C THR D 227 -6.27 -17.90 9.82
N THR D 228 -6.08 -18.84 8.92
CA THR D 228 -6.77 -18.81 7.62
C THR D 228 -7.87 -19.91 7.69
N VAL D 229 -9.11 -19.47 7.57
CA VAL D 229 -10.27 -20.38 7.59
C VAL D 229 -10.28 -21.07 6.22
N LEU D 230 -10.42 -22.40 6.21
CA LEU D 230 -10.40 -23.17 5.00
C LEU D 230 -11.79 -23.58 4.57
N LEU D 231 -12.78 -23.21 5.33
CA LEU D 231 -14.18 -23.55 5.03
C LEU D 231 -14.70 -22.81 3.83
N ASP D 232 -15.47 -23.47 2.96
CA ASP D 232 -16.00 -22.79 1.78
C ASP D 232 -17.30 -22.10 2.11
N GLU D 233 -17.99 -21.63 1.06
CA GLU D 233 -19.26 -20.90 1.28
C GLU D 233 -20.26 -21.78 1.99
N ASN D 234 -20.10 -23.09 1.93
CA ASN D 234 -21.04 -23.92 2.67
C ASN D 234 -20.56 -24.39 4.04
N GLY D 235 -19.44 -23.84 4.53
CA GLY D 235 -18.96 -24.20 5.84
C GLY D 235 -18.24 -25.52 5.80
N VAL D 236 -17.86 -25.95 4.60
CA VAL D 236 -17.14 -27.20 4.50
C VAL D 236 -15.66 -26.95 4.10
N GLY D 237 -14.74 -27.59 4.81
CA GLY D 237 -13.35 -27.40 4.45
C GLY D 237 -12.87 -28.53 3.60
N PRO D 238 -11.63 -28.48 3.15
CA PRO D 238 -11.11 -29.57 2.34
C PRO D 238 -11.36 -30.91 3.09
N LEU D 239 -11.83 -31.98 2.41
CA LEU D 239 -12.07 -33.29 3.06
C LEU D 239 -10.95 -34.22 2.64
N CYS D 240 -10.30 -34.90 3.59
CA CYS D 240 -9.18 -35.81 3.30
C CYS D 240 -9.68 -37.14 2.87
N LYS D 241 -9.74 -37.28 1.54
CA LYS D 241 -10.21 -38.45 0.81
C LYS D 241 -9.61 -39.77 1.23
N GLY D 242 -8.28 -39.87 1.21
CA GLY D 242 -7.69 -41.10 1.69
C GLY D 242 -7.08 -40.83 3.06
N GLU D 243 -7.61 -39.84 3.84
CA GLU D 243 -7.06 -39.41 5.17
C GLU D 243 -5.63 -38.86 4.96
N GLY D 244 -5.34 -38.42 3.70
CA GLY D 244 -4.05 -37.88 3.29
C GLY D 244 -4.30 -36.38 3.22
N LEU D 245 -3.55 -35.59 3.97
CA LEU D 245 -3.72 -34.15 3.91
C LEU D 245 -2.56 -33.59 3.03
N TYR D 246 -2.87 -32.80 2.03
CA TYR D 246 -1.84 -32.27 1.16
C TYR D 246 -1.48 -30.83 1.44
N LEU D 247 -0.17 -30.57 1.65
CA LEU D 247 0.35 -29.24 1.90
C LEU D 247 1.24 -28.90 0.71
N SER D 248 1.06 -27.70 0.16
CA SER D 248 1.83 -27.25 -0.96
C SER D 248 2.22 -25.82 -0.77
N CYS D 249 3.41 -25.47 -1.25
CA CYS D 249 3.84 -24.06 -1.18
C CYS D 249 5.09 -23.78 -1.98
N VAL D 250 5.37 -22.49 -2.09
CA VAL D 250 6.58 -22.00 -2.72
C VAL D 250 6.72 -20.59 -2.17
N ASP D 251 7.92 -20.27 -1.67
CA ASP D 251 8.18 -18.95 -1.08
C ASP D 251 9.52 -18.40 -1.50
N ILE D 252 9.48 -17.69 -2.63
CA ILE D 252 10.65 -17.07 -3.22
C ILE D 252 10.72 -15.66 -2.72
N MET D 253 11.88 -15.32 -2.22
CA MET D 253 12.16 -13.98 -1.65
C MET D 253 12.84 -13.04 -2.64
N GLY D 254 13.40 -13.61 -3.71
CA GLY D 254 14.07 -12.83 -4.74
C GLY D 254 15.38 -13.51 -5.00
N TRP D 255 16.37 -12.71 -5.37
CA TRP D 255 17.70 -13.29 -5.66
C TRP D 255 18.82 -12.59 -4.90
N ARG D 256 19.95 -13.33 -4.75
CA ARG D 256 21.16 -12.68 -4.30
C ARG D 256 21.98 -12.70 -5.61
N VAL D 257 22.87 -11.74 -5.76
CA VAL D 257 23.68 -11.71 -6.96
C VAL D 257 25.15 -11.68 -6.60
N THR D 258 25.92 -12.54 -7.28
CA THR D 258 27.33 -12.63 -6.99
C THR D 258 28.16 -11.50 -7.59
N ARG D 259 29.42 -11.49 -7.19
CA ARG D 259 30.38 -10.55 -7.66
C ARG D 259 30.95 -11.01 -9.03
N ASN D 260 30.49 -12.14 -9.57
CA ASN D 260 30.99 -12.58 -10.85
C ASN D 260 29.87 -12.66 -11.84
N TYR D 261 29.88 -11.72 -12.75
CA TYR D 261 28.93 -11.66 -13.81
C TYR D 261 27.53 -11.55 -13.37
N ASP D 262 27.29 -10.92 -12.22
CA ASP D 262 25.95 -10.77 -11.71
C ASP D 262 25.12 -12.06 -11.71
N VAL D 263 25.75 -13.19 -11.38
CA VAL D 263 25.01 -14.44 -11.33
C VAL D 263 24.01 -14.35 -10.19
N HIS D 264 22.75 -14.63 -10.54
CA HIS D 264 21.63 -14.61 -9.62
C HIS D 264 21.29 -15.98 -9.09
N HIS D 265 20.95 -16.04 -7.81
CA HIS D 265 20.54 -17.28 -7.16
C HIS D 265 19.22 -16.95 -6.47
N TRP D 266 18.21 -17.73 -6.72
CA TRP D 266 16.94 -17.58 -6.06
C TRP D 266 17.11 -17.95 -4.58
N ARG D 267 16.32 -17.26 -3.73
CA ARG D 267 16.34 -17.55 -2.31
C ARG D 267 14.93 -17.93 -1.98
N GLY D 268 14.79 -19.03 -1.27
CA GLY D 268 13.45 -19.44 -0.82
C GLY D 268 13.52 -19.65 0.69
N LEU D 269 12.38 -19.58 1.37
CA LEU D 269 12.35 -19.74 2.81
C LEU D 269 11.33 -20.79 3.13
N PRO D 270 11.49 -21.54 4.26
CA PRO D 270 10.54 -22.62 4.67
C PRO D 270 9.22 -22.08 5.14
N ARG D 271 8.16 -22.88 4.98
CA ARG D 271 6.86 -22.43 5.41
C ARG D 271 6.32 -23.39 6.46
N TYR D 272 5.78 -22.84 7.51
CA TYR D 272 5.22 -23.62 8.57
C TYR D 272 3.69 -23.65 8.41
N PHE D 273 3.12 -24.81 8.72
CA PHE D 273 1.68 -25.06 8.64
C PHE D 273 1.18 -25.72 9.92
N LYS D 274 0.10 -25.20 10.50
CA LYS D 274 -0.53 -25.83 11.65
C LYS D 274 -1.99 -25.87 11.20
N ILE D 275 -2.45 -27.08 10.89
CA ILE D 275 -3.78 -27.30 10.37
C ILE D 275 -4.67 -27.89 11.46
N THR D 276 -5.86 -27.30 11.62
CA THR D 276 -6.83 -27.82 12.55
C THR D 276 -7.83 -28.59 11.71
N LEU D 277 -8.07 -29.83 12.11
CA LEU D 277 -8.98 -30.72 11.40
C LEU D 277 -10.07 -31.22 12.34
N ARG D 278 -11.23 -31.53 11.79
CA ARG D 278 -12.33 -32.05 12.62
C ARG D 278 -12.94 -33.18 11.83
N LYS D 279 -13.59 -34.12 12.49
CA LYS D 279 -14.20 -35.22 11.78
C LYS D 279 -15.56 -34.78 11.34
N ARG D 280 -15.88 -35.21 10.12
CA ARG D 280 -17.16 -34.88 9.51
C ARG D 280 -17.86 -36.17 9.16
N TRP D 281 -19.17 -36.24 9.33
CA TRP D 281 -19.96 -37.42 8.93
C TRP D 281 -20.22 -37.25 7.43
N VAL D 282 -19.99 -38.28 6.65
CA VAL D 282 -20.31 -38.13 5.24
C VAL D 282 -21.16 -39.32 4.84
N LYS D 283 -22.08 -39.06 3.93
CA LYS D 283 -22.94 -40.09 3.42
C LYS D 283 -22.36 -40.45 2.05
N MET E 1 -3.13 -27.90 32.90
CA MET E 1 -3.29 -26.41 32.88
C MET E 1 -4.69 -26.05 32.45
N GLU E 2 -5.58 -26.14 33.41
CA GLU E 2 -6.94 -25.78 33.14
C GLU E 2 -7.10 -24.29 33.40
N VAL E 3 -7.64 -23.55 32.43
CA VAL E 3 -7.83 -22.13 32.64
C VAL E 3 -9.27 -21.92 33.02
N LEU E 4 -9.47 -21.29 34.18
CA LEU E 4 -10.82 -21.06 34.65
C LEU E 4 -11.31 -19.63 34.42
N ASP E 5 -12.11 -19.11 35.36
CA ASP E 5 -12.67 -17.77 35.31
C ASP E 5 -11.62 -16.68 35.57
N LEU E 6 -12.01 -15.46 35.24
CA LEU E 6 -11.20 -14.28 35.53
C LEU E 6 -11.38 -13.99 37.02
N VAL E 7 -10.34 -13.56 37.70
CA VAL E 7 -10.44 -13.27 39.11
C VAL E 7 -11.04 -11.87 39.22
N THR E 8 -11.97 -11.66 40.16
CA THR E 8 -12.54 -10.31 40.30
C THR E 8 -12.18 -9.75 41.67
N GLY E 9 -12.46 -8.47 41.86
CA GLY E 9 -12.13 -7.86 43.13
C GLY E 9 -10.97 -6.88 43.04
N PRO E 10 -10.64 -6.26 44.18
CA PRO E 10 -9.56 -5.27 44.27
C PRO E 10 -8.24 -5.80 43.66
N ASP E 11 -7.62 -4.97 42.79
CA ASP E 11 -6.35 -5.33 42.14
C ASP E 11 -6.32 -6.63 41.35
N SER E 12 -7.36 -6.93 40.59
CA SER E 12 -7.35 -8.15 39.85
C SER E 12 -6.80 -7.82 38.45
N VAL E 13 -6.78 -6.54 38.13
CA VAL E 13 -6.28 -6.04 36.88
C VAL E 13 -5.11 -5.13 37.15
N THR E 14 -4.09 -5.16 36.30
CA THR E 14 -2.91 -4.31 36.48
C THR E 14 -2.26 -3.94 35.14
N GLU E 15 -1.54 -2.84 35.13
CA GLU E 15 -0.84 -2.37 33.94
C GLU E 15 0.63 -2.35 34.19
N ILE E 16 1.41 -2.73 33.21
CA ILE E 16 2.86 -2.75 33.32
C ILE E 16 3.40 -1.96 32.11
N GLU E 17 4.35 -1.07 32.32
CA GLU E 17 4.98 -0.29 31.26
C GLU E 17 6.49 -0.60 31.15
N ALA E 18 7.05 -0.46 29.97
CA ALA E 18 8.48 -0.70 29.82
C ALA E 18 8.89 -0.22 28.47
N PHE E 19 10.14 0.17 28.32
CA PHE E 19 10.63 0.57 27.02
C PHE E 19 11.84 -0.34 26.88
N LEU E 20 12.04 -0.93 25.70
CA LEU E 20 13.24 -1.75 25.48
C LEU E 20 14.09 -0.92 24.50
N ASN E 21 15.32 -0.62 24.89
CA ASN E 21 16.20 0.12 24.00
C ASN E 21 16.74 -0.81 22.95
N PRO E 22 17.08 -0.29 21.76
CA PRO E 22 17.58 -1.20 20.73
C PRO E 22 18.94 -1.76 21.02
N ARG E 23 19.25 -2.90 20.40
CA ARG E 23 20.54 -3.55 20.53
C ARG E 23 21.13 -3.73 19.14
N MET E 24 21.62 -2.64 18.55
CA MET E 24 22.16 -2.69 17.18
C MET E 24 23.60 -3.14 17.02
N GLY E 25 24.37 -3.15 18.11
CA GLY E 25 25.75 -3.59 18.02
C GLY E 25 26.68 -2.91 19.00
N GLN E 26 26.59 -1.59 19.06
CA GLN E 26 27.37 -0.85 20.01
C GLN E 26 26.66 -0.93 21.33
N PRO E 27 27.34 -1.47 22.36
CA PRO E 27 26.71 -1.56 23.68
C PRO E 27 26.48 -0.15 24.28
N PRO E 28 25.66 -0.07 25.33
CA PRO E 28 25.32 1.18 26.01
C PRO E 28 26.55 1.86 26.56
N THR E 29 27.59 1.09 26.92
CA THR E 29 28.80 1.68 27.45
C THR E 29 29.91 1.20 26.54
N PRO E 30 31.02 1.96 26.45
CA PRO E 30 31.31 3.22 27.17
C PRO E 30 30.32 4.28 26.78
N GLU E 31 30.02 5.20 27.67
CA GLU E 31 29.10 6.26 27.35
C GLU E 31 29.74 7.41 26.61
N SER E 32 31.06 7.48 26.71
CA SER E 32 31.80 8.55 26.11
C SER E 32 31.42 8.71 24.66
N LEU E 33 31.14 9.94 24.28
CA LEU E 33 30.76 10.26 22.90
C LEU E 33 31.99 10.32 21.98
N THR E 34 33.14 9.96 22.54
CA THR E 34 34.37 9.92 21.75
C THR E 34 34.96 8.54 21.85
N GLU E 35 34.45 7.70 22.73
CA GLU E 35 35.05 6.38 22.78
C GLU E 35 34.14 5.27 22.30
N GLY E 36 33.12 5.60 21.53
CA GLY E 36 32.25 4.55 21.04
C GLY E 36 30.80 4.80 21.40
N GLY E 37 30.59 5.49 22.51
CA GLY E 37 29.26 5.79 22.95
C GLY E 37 28.44 6.58 21.95
N GLN E 38 29.10 7.27 21.01
CA GLN E 38 28.38 8.04 19.98
C GLN E 38 27.70 7.07 19.01
N TYR E 39 28.02 5.77 19.03
CA TYR E 39 27.32 4.79 18.18
C TYR E 39 26.20 4.06 18.90
N TYR E 40 25.90 4.39 20.15
CA TYR E 40 24.85 3.70 20.84
C TYR E 40 23.50 4.06 20.18
N GLY E 41 22.72 3.01 19.82
CA GLY E 41 21.48 3.17 19.07
C GLY E 41 21.73 2.73 17.62
N TRP E 42 23.03 2.48 17.31
CA TRP E 42 23.50 2.08 15.96
C TRP E 42 24.41 0.88 16.05
N SER E 43 24.68 0.26 14.93
CA SER E 43 25.65 -0.79 14.93
C SER E 43 26.98 -0.11 14.62
N ARG E 44 28.07 -0.85 14.76
CA ARG E 44 29.35 -0.31 14.29
C ARG E 44 29.36 -0.63 12.73
N GLY E 45 30.38 -0.15 12.01
CA GLY E 45 30.49 -0.33 10.56
C GLY E 45 30.37 -1.75 10.12
N ILE E 46 29.47 -1.99 9.20
CA ILE E 46 29.28 -3.38 8.79
C ILE E 46 30.53 -3.80 7.98
N ASN E 47 31.19 -4.87 8.39
CA ASN E 47 32.36 -5.34 7.68
C ASN E 47 31.90 -6.54 6.81
N LEU E 48 32.39 -6.60 5.58
CA LEU E 48 32.02 -7.63 4.62
C LEU E 48 32.96 -8.82 4.54
N ALA E 49 32.42 -9.95 4.09
CA ALA E 49 33.18 -11.19 3.92
C ALA E 49 34.40 -10.86 3.02
N THR E 50 35.52 -11.56 3.18
CA THR E 50 36.66 -11.25 2.31
C THR E 50 36.72 -12.24 1.16
N SER E 51 35.88 -13.27 1.24
CA SER E 51 35.79 -14.24 0.18
C SER E 51 34.53 -15.03 0.41
N ASP E 52 34.24 -15.94 -0.52
CA ASP E 52 33.03 -16.75 -0.45
C ASP E 52 33.06 -17.70 0.79
N THR E 53 34.24 -17.88 1.36
CA THR E 53 34.38 -18.80 2.48
C THR E 53 34.94 -18.12 3.72
N GLU E 54 35.04 -16.79 3.71
CA GLU E 54 35.56 -16.03 4.83
C GLU E 54 34.61 -14.90 5.18
N ASP E 55 33.63 -15.19 6.02
CA ASP E 55 32.65 -14.18 6.38
C ASP E 55 32.58 -14.21 7.87
N SER E 56 33.25 -13.27 8.51
CA SER E 56 33.23 -13.18 9.99
C SER E 56 32.75 -11.84 10.44
N PRO E 57 31.43 -11.68 10.59
CA PRO E 57 30.89 -10.40 11.03
C PRO E 57 31.27 -10.06 12.48
N GLY E 58 31.64 -8.81 12.71
CA GLY E 58 31.98 -8.46 14.08
C GLY E 58 30.67 -8.44 14.87
N ASN E 59 30.75 -8.85 16.15
CA ASN E 59 29.54 -8.85 16.99
C ASN E 59 28.84 -7.49 17.06
N ASN E 60 29.58 -6.40 17.10
CA ASN E 60 28.97 -5.10 17.20
C ASN E 60 28.44 -4.59 15.88
N THR E 61 28.39 -5.44 14.85
CA THR E 61 27.81 -5.04 13.56
C THR E 61 26.46 -5.84 13.36
N LEU E 62 26.09 -6.70 14.31
CA LEU E 62 24.94 -7.55 14.20
C LEU E 62 23.82 -7.16 15.13
N PRO E 63 22.73 -6.60 14.61
CA PRO E 63 21.64 -6.27 15.57
C PRO E 63 21.18 -7.55 16.29
N THR E 64 20.82 -7.44 17.56
CA THR E 64 20.38 -8.63 18.31
C THR E 64 19.01 -8.27 18.87
N TRP E 65 18.31 -9.26 19.37
CA TRP E 65 17.02 -9.05 19.98
C TRP E 65 17.13 -8.32 21.29
N SER E 66 16.13 -7.46 21.54
CA SER E 66 16.04 -6.80 22.82
C SER E 66 15.06 -7.69 23.58
N MET E 67 15.24 -7.85 24.88
CA MET E 67 14.22 -8.58 25.65
C MET E 67 14.31 -8.07 27.09
N ALA E 68 13.20 -8.15 27.82
CA ALA E 68 13.18 -7.83 29.24
C ALA E 68 12.21 -8.80 29.85
N LYS E 69 12.52 -9.24 31.06
CA LYS E 69 11.62 -10.11 31.83
C LYS E 69 11.14 -9.22 32.99
N LEU E 70 9.86 -8.93 33.04
CA LEU E 70 9.32 -8.09 34.09
C LEU E 70 8.66 -8.95 35.17
N GLN E 71 8.89 -8.55 36.41
CA GLN E 71 8.32 -9.23 37.59
C GLN E 71 6.91 -8.70 37.90
N LEU E 72 5.91 -9.56 38.03
CA LEU E 72 4.55 -9.06 38.33
C LEU E 72 4.26 -9.35 39.79
N PRO E 73 3.24 -8.67 40.38
CA PRO E 73 2.86 -8.87 41.79
C PRO E 73 2.70 -10.34 42.09
N MET E 74 3.13 -10.77 43.28
CA MET E 74 3.05 -12.19 43.67
C MET E 74 1.60 -12.59 43.84
N LEU E 75 1.32 -13.87 43.71
CA LEU E 75 -0.08 -14.26 43.75
C LEU E 75 -0.60 -15.39 44.69
N ASN E 76 0.16 -16.47 44.74
CA ASN E 76 -0.32 -17.60 45.48
C ASN E 76 0.34 -18.02 46.79
N GLU E 77 -0.49 -17.97 47.83
CA GLU E 77 -0.17 -18.40 49.23
C GLU E 77 0.21 -19.88 49.14
N ASP E 78 -0.88 -20.62 48.97
CA ASP E 78 -0.90 -22.05 48.83
C ASP E 78 -0.50 -22.44 47.38
N LEU E 79 0.63 -23.13 47.22
CA LEU E 79 0.99 -23.58 45.87
C LEU E 79 0.35 -24.99 45.66
N THR E 80 0.09 -25.72 46.76
CA THR E 80 -0.58 -27.05 46.67
C THR E 80 -2.12 -26.87 46.69
N CYS E 81 -2.60 -25.65 46.39
CA CYS E 81 -4.06 -25.43 46.35
C CYS E 81 -4.60 -25.85 44.96
N ASP E 82 -5.68 -26.65 44.99
CA ASP E 82 -6.32 -27.13 43.77
C ASP E 82 -6.44 -25.99 42.69
N THR E 83 -6.86 -24.80 43.16
CA THR E 83 -7.04 -23.66 42.26
C THR E 83 -6.16 -22.44 42.67
N LEU E 84 -5.27 -22.05 41.74
CA LEU E 84 -4.37 -20.90 41.93
C LEU E 84 -4.73 -19.79 40.98
N GLN E 85 -4.03 -18.68 41.11
CA GLN E 85 -4.24 -17.55 40.21
C GLN E 85 -2.99 -17.32 39.40
N MET E 86 -3.16 -16.86 38.15
CA MET E 86 -2.05 -16.53 37.28
C MET E 86 -2.31 -15.18 36.61
N TRP E 87 -1.25 -14.43 36.32
CA TRP E 87 -1.38 -13.16 35.61
C TRP E 87 -1.55 -13.53 34.13
N GLU E 88 -2.51 -12.89 33.45
CA GLU E 88 -2.78 -13.13 32.06
C GLU E 88 -2.61 -11.77 31.34
N ALA E 89 -1.77 -11.75 30.30
CA ALA E 89 -1.59 -10.55 29.53
C ALA E 89 -2.77 -10.53 28.54
N VAL E 90 -3.56 -9.46 28.64
CA VAL E 90 -4.77 -9.27 27.87
C VAL E 90 -4.53 -8.47 26.62
N SER E 91 -3.71 -7.44 26.73
CA SER E 91 -3.45 -6.61 25.61
C SER E 91 -2.18 -5.79 25.83
N VAL E 92 -1.69 -5.19 24.74
CA VAL E 92 -0.53 -4.35 24.81
C VAL E 92 -0.67 -3.16 23.88
N LYS E 93 -0.20 -2.00 24.35
CA LYS E 93 -0.11 -0.79 23.54
C LYS E 93 1.40 -0.76 23.35
N THR E 94 1.88 -0.78 22.12
CA THR E 94 3.32 -0.75 21.90
C THR E 94 3.64 0.32 20.91
N GLU E 95 4.82 0.88 20.98
CA GLU E 95 5.14 1.98 20.05
C GLU E 95 6.64 2.12 19.88
N VAL E 96 7.08 2.35 18.67
CA VAL E 96 8.49 2.54 18.39
C VAL E 96 8.63 4.05 18.40
N VAL E 97 9.49 4.53 19.27
CA VAL E 97 9.66 5.94 19.47
C VAL E 97 10.91 6.52 18.80
N GLY E 98 10.77 7.70 18.22
CA GLY E 98 11.93 8.35 17.64
C GLY E 98 12.06 8.45 16.17
N SER E 99 11.06 8.04 15.41
CA SER E 99 11.22 8.13 13.94
C SER E 99 11.51 9.55 13.45
N GLY E 100 10.97 10.55 14.15
CA GLY E 100 11.23 11.95 13.79
C GLY E 100 12.73 12.26 13.83
N SER E 101 13.51 11.54 14.62
CA SER E 101 14.94 11.86 14.69
C SER E 101 15.59 11.56 13.35
N LEU E 102 14.89 10.77 12.53
CA LEU E 102 15.40 10.35 11.23
C LEU E 102 15.34 11.52 10.27
N LEU E 103 14.69 12.56 10.70
CA LEU E 103 14.56 13.78 9.91
C LEU E 103 15.80 14.65 10.05
N ASP E 104 16.77 14.25 10.86
CA ASP E 104 18.01 14.98 10.95
C ASP E 104 18.77 14.57 9.64
N VAL E 105 18.84 15.45 8.66
CA VAL E 105 19.56 15.20 7.42
C VAL E 105 20.64 16.28 7.29
N HIS E 106 21.10 16.79 8.44
CA HIS E 106 22.14 17.80 8.44
C HIS E 106 23.48 17.24 8.95
N GLY E 107 23.57 15.95 9.28
CA GLY E 107 24.81 15.41 9.77
C GLY E 107 25.88 15.26 8.68
N PHE E 108 26.80 14.34 8.93
CA PHE E 108 27.97 14.09 8.07
C PHE E 108 27.91 12.77 7.33
N ASN E 109 26.72 12.28 7.02
CA ASN E 109 26.65 10.99 6.28
C ASN E 109 26.98 11.30 4.85
N LYS E 110 27.03 10.25 4.05
CA LYS E 110 27.21 10.38 2.63
C LYS E 110 26.16 11.41 2.18
N PRO E 111 26.61 12.44 1.44
CA PRO E 111 25.65 13.47 1.00
C PRO E 111 24.91 13.02 -0.27
N THR E 112 23.77 13.63 -0.50
CA THR E 112 23.00 13.31 -1.68
C THR E 112 23.64 13.82 -2.96
N ASP E 113 24.41 14.88 -2.89
CA ASP E 113 25.12 15.34 -4.10
C ASP E 113 26.61 14.91 -3.90
N THR E 114 26.97 13.75 -4.41
CA THR E 114 28.33 13.28 -4.17
C THR E 114 29.32 13.93 -5.09
N VAL E 115 28.85 14.50 -6.21
CA VAL E 115 29.81 15.18 -7.07
C VAL E 115 30.40 16.38 -6.35
N ASN E 116 29.59 17.15 -5.64
CA ASN E 116 30.14 18.32 -4.95
C ASN E 116 30.15 18.22 -3.44
N THR E 117 29.73 17.07 -2.94
CA THR E 117 29.64 16.84 -1.52
C THR E 117 28.72 17.88 -0.95
N LYS E 118 27.49 17.88 -1.43
CA LYS E 118 26.46 18.84 -1.00
C LYS E 118 25.14 18.11 -0.88
N GLY E 119 24.05 18.89 -0.85
CA GLY E 119 22.71 18.36 -0.80
C GLY E 119 22.37 18.19 0.65
N ILE E 120 21.96 16.99 1.05
CA ILE E 120 21.69 16.77 2.44
C ILE E 120 22.46 15.52 2.81
N SER E 121 22.51 15.29 4.09
CA SER E 121 23.19 14.12 4.69
C SER E 121 22.19 13.01 4.42
N THR E 122 22.56 11.97 3.68
CA THR E 122 21.54 10.94 3.39
C THR E 122 20.86 10.36 4.62
N PRO E 123 19.52 10.39 4.69
CA PRO E 123 18.88 9.82 5.87
C PRO E 123 18.94 8.29 5.91
N VAL E 124 18.56 7.71 7.04
CA VAL E 124 18.56 6.28 7.24
C VAL E 124 17.59 5.71 6.24
N GLU E 125 17.98 4.61 5.59
CA GLU E 125 17.19 3.98 4.51
C GLU E 125 17.61 2.54 4.44
N GLY E 126 16.86 1.74 3.73
CA GLY E 126 17.27 0.36 3.62
C GLY E 126 16.32 -0.62 4.20
N SER E 127 16.91 -1.73 4.60
CA SER E 127 16.15 -2.84 5.20
C SER E 127 15.61 -2.49 6.59
N GLN E 128 14.37 -2.85 6.84
CA GLN E 128 13.70 -2.55 8.11
C GLN E 128 13.16 -3.85 8.66
N TYR E 129 13.06 -3.94 9.98
CA TYR E 129 12.64 -5.19 10.59
C TYR E 129 12.05 -4.79 11.90
N HIS E 130 10.79 -5.12 12.09
CA HIS E 130 10.11 -4.77 13.29
C HIS E 130 9.45 -5.97 13.80
N VAL E 131 9.84 -6.39 15.01
CA VAL E 131 9.18 -7.54 15.64
C VAL E 131 8.99 -7.24 17.14
N PHE E 132 7.87 -7.65 17.71
CA PHE E 132 7.70 -7.54 19.15
C PHE E 132 6.88 -8.77 19.58
N ALA E 133 7.09 -9.16 20.83
CA ALA E 133 6.40 -10.32 21.36
C ALA E 133 6.15 -10.00 22.82
N VAL E 134 5.07 -10.59 23.34
CA VAL E 134 4.71 -10.50 24.75
C VAL E 134 4.31 -11.94 25.06
N GLY E 135 4.94 -12.51 26.07
CA GLY E 135 4.59 -13.88 26.44
C GLY E 135 4.86 -14.14 27.91
N GLY E 136 4.42 -15.33 28.34
CA GLY E 136 4.58 -15.71 29.71
C GLY E 136 5.82 -16.52 30.00
N GLU E 137 6.67 -16.68 29.00
CA GLU E 137 7.95 -17.38 29.09
C GLU E 137 8.82 -16.81 27.95
N PRO E 138 10.12 -17.14 27.91
CA PRO E 138 10.94 -16.58 26.84
C PRO E 138 10.42 -16.89 25.46
N LEU E 139 10.66 -15.99 24.51
CA LEU E 139 10.29 -16.22 23.14
C LEU E 139 11.11 -17.40 22.60
N ASP E 140 10.43 -18.41 22.06
CA ASP E 140 11.09 -19.57 21.46
C ASP E 140 11.60 -19.08 20.05
N LEU E 141 12.88 -19.38 19.74
CA LEU E 141 13.59 -19.00 18.54
C LEU E 141 13.92 -20.19 17.68
N GLN E 142 13.81 -20.00 16.38
CA GLN E 142 14.17 -21.02 15.43
C GLN E 142 15.33 -20.39 14.70
N GLY E 143 16.49 -21.06 14.63
CA GLY E 143 17.62 -20.47 13.90
C GLY E 143 17.51 -20.75 12.38
N LEU E 144 17.94 -19.80 11.53
CA LEU E 144 17.92 -20.03 10.08
C LEU E 144 18.83 -18.89 9.61
N VAL E 145 19.84 -19.22 8.81
CA VAL E 145 20.78 -18.23 8.37
C VAL E 145 20.89 -18.19 6.87
N THR E 146 21.49 -17.10 6.41
CA THR E 146 21.75 -16.92 4.98
C THR E 146 22.82 -17.94 4.55
N ASP E 147 23.84 -18.08 5.38
CA ASP E 147 24.95 -18.91 5.11
C ASP E 147 25.42 -19.70 6.33
N ALA E 148 25.28 -21.01 6.29
CA ALA E 148 25.77 -21.90 7.36
C ALA E 148 27.28 -21.86 7.47
N ARG E 149 27.94 -21.16 6.55
CA ARG E 149 29.39 -21.11 6.62
C ARG E 149 29.87 -19.87 7.35
N THR E 150 28.96 -18.94 7.63
CA THR E 150 29.35 -17.75 8.33
C THR E 150 30.08 -18.08 9.65
N LYS E 151 31.17 -17.38 9.87
CA LYS E 151 31.97 -17.53 11.06
C LYS E 151 31.65 -16.48 12.14
N TYR E 152 30.57 -16.71 12.83
CA TYR E 152 30.17 -15.86 13.95
C TYR E 152 31.14 -16.05 15.10
N LYS E 153 31.47 -14.98 15.80
CA LYS E 153 32.37 -15.04 16.92
C LYS E 153 31.80 -16.09 17.88
N GLU E 154 32.67 -16.82 18.58
CA GLU E 154 32.21 -17.80 19.54
C GLU E 154 31.81 -17.14 20.84
N GLU E 155 32.38 -15.97 21.11
CA GLU E 155 32.01 -15.28 22.32
C GLU E 155 31.25 -14.02 22.09
N GLY E 156 30.39 -13.67 23.02
CA GLY E 156 29.69 -12.43 22.92
C GLY E 156 28.35 -12.47 22.24
N VAL E 157 27.99 -13.60 21.65
CA VAL E 157 26.73 -13.69 20.91
C VAL E 157 26.31 -15.12 21.09
N VAL E 158 25.01 -15.35 21.08
CA VAL E 158 24.48 -16.69 21.09
C VAL E 158 24.06 -17.01 19.64
N THR E 159 24.71 -18.00 19.04
CA THR E 159 24.44 -18.40 17.66
C THR E 159 24.02 -19.88 17.70
N ILE E 160 23.73 -20.47 16.57
CA ILE E 160 23.34 -21.87 16.51
C ILE E 160 24.42 -22.78 17.09
N LYS E 161 25.66 -22.53 16.78
CA LYS E 161 26.73 -23.33 17.32
C LYS E 161 26.80 -23.22 18.86
N THR E 162 26.49 -22.06 19.42
CA THR E 162 26.48 -21.90 20.87
C THR E 162 25.49 -22.96 21.43
N ILE E 163 24.39 -23.15 20.74
CA ILE E 163 23.38 -24.05 21.22
C ILE E 163 23.63 -25.51 20.95
N THR E 164 24.03 -25.81 19.72
CA THR E 164 24.27 -27.19 19.36
C THR E 164 25.67 -27.69 19.72
N LYS E 165 26.62 -26.81 19.99
CA LYS E 165 27.96 -27.28 20.31
C LYS E 165 28.63 -27.84 19.05
N LYS E 166 27.98 -27.66 17.91
CA LYS E 166 28.56 -28.13 16.65
C LYS E 166 28.46 -27.05 15.61
N ASP E 167 29.19 -27.22 14.53
CA ASP E 167 29.13 -26.28 13.44
C ASP E 167 27.77 -26.34 12.72
N MET E 168 27.38 -25.20 12.13
CA MET E 168 26.12 -25.18 11.42
C MET E 168 26.20 -26.17 10.28
N VAL E 169 25.05 -26.63 9.80
CA VAL E 169 24.98 -27.58 8.71
C VAL E 169 24.18 -26.89 7.61
N ASN E 170 24.19 -27.47 6.41
CA ASN E 170 23.51 -26.83 5.32
C ASN E 170 22.05 -26.64 5.59
N LYS E 171 21.45 -27.54 6.40
CA LYS E 171 20.04 -27.44 6.76
C LYS E 171 19.73 -26.16 7.51
N ASP E 172 20.75 -25.48 8.05
CA ASP E 172 20.54 -24.25 8.82
C ASP E 172 20.23 -23.07 7.96
N GLN E 173 20.29 -23.27 6.64
CA GLN E 173 19.93 -22.21 5.69
C GLN E 173 18.46 -22.33 5.38
N VAL E 174 17.83 -23.41 5.83
CA VAL E 174 16.37 -23.63 5.70
C VAL E 174 15.89 -23.97 7.12
N LEU E 175 14.82 -24.70 7.26
CA LEU E 175 14.32 -25.08 8.59
C LEU E 175 14.93 -26.35 9.13
N ASN E 176 15.83 -26.22 10.13
CA ASN E 176 16.48 -27.33 10.80
C ASN E 176 15.90 -27.28 12.24
N PRO E 177 15.01 -28.21 12.58
CA PRO E 177 14.36 -28.27 13.89
C PRO E 177 15.31 -28.35 15.06
N ILE E 178 16.55 -28.73 14.79
CA ILE E 178 17.51 -28.85 15.84
C ILE E 178 17.96 -27.49 16.33
N SER E 179 17.93 -26.51 15.41
CA SER E 179 18.43 -25.22 15.76
C SER E 179 17.43 -24.32 16.40
N LYS E 180 17.20 -24.57 17.68
CA LYS E 180 16.25 -23.81 18.48
C LYS E 180 16.92 -23.23 19.70
N ALA E 181 16.38 -22.14 20.22
CA ALA E 181 16.90 -21.55 21.42
C ALA E 181 15.74 -20.76 22.09
N LYS E 182 16.02 -20.06 23.16
CA LYS E 182 14.99 -19.25 23.82
C LYS E 182 15.58 -17.87 23.98
N LEU E 183 14.76 -16.84 23.78
CA LEU E 183 15.32 -15.49 23.90
C LEU E 183 15.35 -15.17 25.42
N ASP E 184 16.45 -15.54 26.05
CA ASP E 184 16.58 -15.37 27.47
C ASP E 184 17.67 -14.38 27.85
N LYS E 185 18.27 -13.69 26.86
CA LYS E 185 19.26 -12.66 27.16
C LYS E 185 19.01 -11.50 26.20
N ASP E 186 19.21 -10.32 26.70
CA ASP E 186 19.06 -9.13 25.92
C ASP E 186 20.37 -8.85 25.16
N GLY E 187 20.28 -8.40 23.90
CA GLY E 187 21.49 -8.07 23.17
C GLY E 187 22.46 -9.18 22.86
N MET E 188 22.00 -10.41 22.67
CA MET E 188 22.90 -11.53 22.49
C MET E 188 22.56 -12.45 21.36
N TYR E 189 21.29 -12.46 20.99
CA TYR E 189 20.78 -13.30 19.90
C TYR E 189 20.60 -12.48 18.64
N PRO E 190 21.50 -12.69 17.64
CA PRO E 190 21.40 -11.92 16.38
C PRO E 190 20.09 -12.20 15.61
N VAL E 191 19.44 -11.13 15.18
CA VAL E 191 18.18 -11.28 14.47
C VAL E 191 18.37 -11.86 13.05
N GLU E 192 19.62 -11.90 12.55
CA GLU E 192 19.80 -12.49 11.23
C GLU E 192 19.96 -14.00 11.43
N ILE E 193 19.91 -14.47 12.69
CA ILE E 193 20.00 -15.93 12.96
C ILE E 193 18.73 -16.51 13.58
N TRP E 194 18.15 -15.74 14.47
CA TRP E 194 17.08 -16.23 15.32
C TRP E 194 15.75 -15.62 15.04
N HIS E 195 14.80 -16.48 14.69
CA HIS E 195 13.47 -16.05 14.36
C HIS E 195 12.44 -16.64 15.31
N PRO E 196 11.30 -15.93 15.46
CA PRO E 196 10.25 -16.53 16.34
C PRO E 196 9.96 -17.95 15.78
N ASP E 197 9.88 -18.94 16.65
CA ASP E 197 9.60 -20.32 16.26
C ASP E 197 8.07 -20.50 16.22
N PRO E 198 7.49 -20.68 15.01
CA PRO E 198 6.04 -20.86 14.92
C PRO E 198 5.59 -22.21 15.44
N ALA E 199 6.52 -23.13 15.63
CA ALA E 199 6.14 -24.47 16.10
C ALA E 199 6.04 -24.45 17.63
N LYS E 200 6.45 -23.38 18.27
CA LYS E 200 6.34 -23.30 19.73
C LYS E 200 5.62 -22.03 20.11
N ASN E 201 6.13 -21.26 21.02
CA ASN E 201 5.46 -20.02 21.39
C ASN E 201 3.96 -20.11 21.65
N GLU E 202 3.55 -21.18 22.32
CA GLU E 202 2.15 -21.42 22.68
C GLU E 202 1.68 -20.35 23.65
N ASN E 203 2.61 -19.80 24.42
CA ASN E 203 2.33 -18.83 25.47
C ASN E 203 2.92 -17.45 25.22
N THR E 204 3.14 -17.13 23.94
CA THR E 204 3.69 -15.85 23.59
C THR E 204 2.94 -15.41 22.31
N ARG E 205 2.69 -14.12 22.15
CA ARG E 205 2.08 -13.62 20.90
C ARG E 205 3.22 -12.77 20.25
N TYR E 206 3.56 -13.03 18.97
CA TYR E 206 4.62 -12.23 18.34
C TYR E 206 4.12 -11.73 17.00
N PHE E 207 4.64 -10.58 16.63
CA PHE E 207 4.20 -9.94 15.40
C PHE E 207 5.41 -9.33 14.75
N GLY E 208 5.72 -9.69 13.51
CA GLY E 208 6.87 -9.04 12.88
C GLY E 208 6.64 -8.74 11.42
N ASN E 209 7.44 -7.85 10.91
CA ASN E 209 7.38 -7.54 9.48
C ASN E 209 8.80 -7.12 9.03
N TYR E 210 9.12 -7.51 7.83
CA TYR E 210 10.42 -7.28 7.23
C TYR E 210 10.26 -6.55 5.88
N THR E 211 11.08 -5.54 5.65
CA THR E 211 11.09 -4.86 4.37
C THR E 211 12.56 -4.84 3.95
N GLY E 212 12.86 -5.37 2.79
CA GLY E 212 14.22 -5.42 2.35
C GLY E 212 14.65 -4.24 1.54
N GLY E 213 15.70 -4.45 0.76
CA GLY E 213 16.19 -3.38 -0.06
C GLY E 213 17.37 -2.67 0.51
N THR E 214 18.03 -1.83 -0.30
CA THR E 214 19.24 -1.15 0.15
C THR E 214 18.92 0.31 0.43
N THR E 215 17.94 0.89 -0.27
CA THR E 215 17.63 2.29 -0.07
C THR E 215 16.15 2.51 0.14
N THR E 216 15.45 1.44 0.53
CA THR E 216 14.05 1.51 0.76
C THR E 216 13.71 2.57 1.81
N PRO E 217 12.75 3.46 1.52
CA PRO E 217 12.39 4.45 2.51
C PRO E 217 11.76 3.80 3.78
N PRO E 218 12.24 4.20 4.96
CA PRO E 218 11.67 3.65 6.20
C PRO E 218 10.30 4.31 6.33
N VAL E 219 9.37 3.55 6.88
CA VAL E 219 8.02 4.01 7.10
C VAL E 219 7.68 3.59 8.56
N LEU E 220 7.01 4.45 9.29
CA LEU E 220 6.65 4.11 10.66
C LEU E 220 5.46 4.94 11.16
N GLN E 221 4.53 4.27 11.84
CA GLN E 221 3.39 4.98 12.41
C GLN E 221 3.47 4.88 13.86
N PHE E 222 2.94 5.85 14.57
CA PHE E 222 2.96 5.85 16.01
C PHE E 222 1.76 6.59 16.44
N THR E 223 1.05 6.00 17.40
CA THR E 223 -0.14 6.62 17.97
C THR E 223 -0.36 5.98 19.34
N ASN E 224 -0.97 6.70 20.28
CA ASN E 224 -1.18 6.13 21.59
C ASN E 224 -2.63 5.64 21.70
N THR E 225 -3.26 5.50 20.54
CA THR E 225 -4.65 5.15 20.53
C THR E 225 -4.93 3.71 20.06
N LEU E 226 -3.90 2.89 19.90
CA LEU E 226 -4.13 1.56 19.40
C LEU E 226 -3.74 0.51 20.42
N THR E 227 -4.47 -0.60 20.44
CA THR E 227 -4.20 -1.67 21.35
C THR E 227 -4.13 -2.97 20.61
N THR E 228 -3.20 -3.83 20.98
CA THR E 228 -3.11 -5.14 20.40
C THR E 228 -3.66 -6.11 21.47
N VAL E 229 -4.70 -6.85 21.13
CA VAL E 229 -5.32 -7.82 21.99
C VAL E 229 -4.42 -9.04 21.92
N LEU E 230 -4.06 -9.60 23.06
CA LEU E 230 -3.18 -10.75 23.16
C LEU E 230 -3.92 -12.05 23.41
N LEU E 231 -5.24 -11.98 23.58
CA LEU E 231 -6.09 -13.14 23.79
C LEU E 231 -6.12 -14.07 22.57
N ASP E 232 -6.14 -15.38 22.78
CA ASP E 232 -6.17 -16.30 21.64
C ASP E 232 -7.59 -16.61 21.27
N GLU E 233 -7.76 -17.62 20.41
CA GLU E 233 -9.11 -17.96 19.94
C GLU E 233 -9.96 -18.38 21.11
N ASN E 234 -9.34 -18.81 22.21
CA ASN E 234 -10.21 -19.11 23.35
C ASN E 234 -10.39 -18.01 24.40
N GLY E 235 -9.92 -16.81 24.10
CA GLY E 235 -10.09 -15.70 25.03
C GLY E 235 -9.06 -15.73 26.11
N VAL E 236 -8.00 -16.49 25.89
CA VAL E 236 -6.94 -16.57 26.88
C VAL E 236 -5.65 -15.90 26.38
N GLY E 237 -5.07 -15.05 27.19
CA GLY E 237 -3.87 -14.37 26.78
C GLY E 237 -2.69 -15.11 27.35
N PRO E 238 -1.47 -14.65 27.04
CA PRO E 238 -0.29 -15.30 27.56
C PRO E 238 -0.44 -15.37 29.10
N LEU E 239 -0.12 -16.53 29.72
CA LEU E 239 -0.19 -16.67 31.21
C LEU E 239 1.23 -16.64 31.78
N CYS E 240 1.51 -15.78 32.77
CA CYS E 240 2.84 -15.64 33.38
C CYS E 240 3.13 -16.71 34.36
N LYS E 241 3.80 -17.72 33.85
CA LYS E 241 4.19 -18.93 34.54
C LYS E 241 4.89 -18.73 35.85
N GLY E 242 5.96 -17.95 35.86
CA GLY E 242 6.60 -17.70 37.12
C GLY E 242 6.30 -16.25 37.51
N GLU E 243 5.15 -15.69 37.07
CA GLU E 243 4.78 -14.26 37.29
C GLU E 243 5.83 -13.36 36.62
N GLY E 244 6.58 -13.93 35.65
CA GLY E 244 7.61 -13.23 34.88
C GLY E 244 6.96 -12.92 33.52
N LEU E 245 6.89 -11.65 33.14
CA LEU E 245 6.30 -11.26 31.88
C LEU E 245 7.45 -11.00 30.88
N TYR E 246 7.46 -11.69 29.73
CA TYR E 246 8.58 -11.47 28.78
C TYR E 246 8.25 -10.53 27.64
N LEU E 247 9.10 -9.55 27.41
CA LEU E 247 8.90 -8.57 26.35
C LEU E 247 10.11 -8.75 25.47
N SER E 248 9.85 -8.82 24.13
CA SER E 248 10.91 -9.01 23.16
C SER E 248 10.65 -8.14 21.97
N CYS E 249 11.73 -7.63 21.37
CA CYS E 249 11.58 -6.83 20.18
C CYS E 249 12.86 -6.53 19.44
N VAL E 250 12.68 -6.01 18.23
CA VAL E 250 13.80 -5.53 17.40
C VAL E 250 13.13 -4.58 16.43
N ASP E 251 13.71 -3.40 16.32
CA ASP E 251 13.20 -2.34 15.44
C ASP E 251 14.31 -1.64 14.67
N ILE E 252 14.63 -2.23 13.53
CA ILE E 252 15.66 -1.73 12.65
C ILE E 252 14.99 -0.82 11.65
N MET E 253 15.51 0.39 11.55
CA MET E 253 15.02 1.40 10.63
C MET E 253 15.73 1.45 9.27
N GLY E 254 16.89 0.80 9.21
CA GLY E 254 17.70 0.79 8.02
C GLY E 254 19.13 1.15 8.42
N TRP E 255 19.87 1.74 7.47
CA TRP E 255 21.24 2.12 7.73
C TRP E 255 21.50 3.58 7.43
N ARG E 256 22.55 4.10 8.07
CA ARG E 256 23.04 5.41 7.66
C ARG E 256 24.35 4.98 6.96
N VAL E 257 24.83 5.76 6.00
CA VAL E 257 26.09 5.39 5.36
C VAL E 257 27.07 6.57 5.44
N THR E 258 28.29 6.25 5.82
CA THR E 258 29.30 7.29 5.97
C THR E 258 29.89 7.74 4.64
N ARG E 259 30.70 8.78 4.75
CA ARG E 259 31.39 9.35 3.63
C ARG E 259 32.70 8.60 3.36
N ASN E 260 32.99 7.54 4.12
CA ASN E 260 34.18 6.75 3.86
C ASN E 260 33.84 5.35 3.52
N TYR E 261 33.98 5.02 2.24
CA TYR E 261 33.74 3.69 1.73
C TYR E 261 32.36 3.20 1.95
N ASP E 262 31.40 4.11 1.99
CA ASP E 262 30.02 3.70 2.14
C ASP E 262 29.79 2.76 3.31
N VAL E 263 30.51 3.00 4.42
CA VAL E 263 30.30 2.14 5.57
C VAL E 263 28.88 2.36 6.11
N HIS E 264 28.17 1.25 6.28
CA HIS E 264 26.79 1.26 6.75
C HIS E 264 26.72 0.97 8.21
N HIS E 265 25.80 1.64 8.90
CA HIS E 265 25.59 1.42 10.33
C HIS E 265 24.09 1.22 10.47
N TRP E 266 23.67 0.16 11.12
CA TRP E 266 22.24 -0.11 11.36
C TRP E 266 21.78 0.91 12.35
N ARG E 267 20.52 1.33 12.23
CA ARG E 267 19.87 2.24 13.13
C ARG E 267 18.66 1.48 13.71
N GLY E 268 18.55 1.51 15.02
CA GLY E 268 17.42 0.88 15.68
C GLY E 268 16.78 1.96 16.54
N LEU E 269 15.53 1.76 16.91
CA LEU E 269 14.79 2.73 17.75
C LEU E 269 14.17 1.93 18.90
N PRO E 270 13.97 2.57 20.07
CA PRO E 270 13.39 1.92 21.26
C PRO E 270 11.89 1.64 21.10
N ARG E 271 11.43 0.61 21.76
CA ARG E 271 10.06 0.29 21.69
C ARG E 271 9.43 0.37 23.09
N TYR E 272 8.27 1.01 23.14
CA TYR E 272 7.50 1.12 24.35
C TYR E 272 6.42 0.07 24.36
N PHE E 273 6.19 -0.48 25.55
CA PHE E 273 5.17 -1.50 25.82
C PHE E 273 4.31 -1.10 27.06
N LYS E 274 2.98 -1.11 26.95
CA LYS E 274 2.11 -0.92 28.11
C LYS E 274 1.22 -2.13 28.03
N ILE E 275 1.44 -3.09 28.94
CA ILE E 275 0.70 -4.34 28.97
C ILE E 275 -0.36 -4.32 30.04
N THR E 276 -1.59 -4.72 29.68
CA THR E 276 -2.67 -4.81 30.64
C THR E 276 -2.77 -6.27 30.98
N LEU E 277 -2.74 -6.59 32.28
CA LEU E 277 -2.81 -7.96 32.76
C LEU E 277 -4.00 -8.12 33.69
N ARG E 278 -4.51 -9.34 33.79
CA ARG E 278 -5.63 -9.57 34.70
C ARG E 278 -5.34 -10.90 35.37
N LYS E 279 -5.89 -11.13 36.54
CA LYS E 279 -5.66 -12.40 37.21
C LYS E 279 -6.64 -13.41 36.70
N ARG E 280 -6.16 -14.62 36.53
CA ARG E 280 -6.97 -15.70 36.01
C ARG E 280 -6.89 -16.85 37.00
N TRP E 281 -8.01 -17.54 37.23
CA TRP E 281 -8.03 -18.71 38.13
C TRP E 281 -7.54 -19.88 37.25
N VAL E 282 -6.60 -20.67 37.77
CA VAL E 282 -6.17 -21.81 37.01
C VAL E 282 -6.24 -23.00 37.89
N LYS E 283 -6.58 -24.12 37.29
CA LYS E 283 -6.69 -25.39 38.00
C LYS E 283 -5.43 -26.13 37.60
N GLY F 1 3.42 0.63 -3.56
CA GLY F 1 4.62 0.09 -4.26
C GLY F 1 5.14 -1.15 -3.56
N GLY F 2 6.46 -1.39 -3.64
CA GLY F 2 7.06 -2.59 -3.09
C GLY F 2 7.83 -2.57 -1.74
N GLY F 3 7.33 -1.84 -0.76
CA GLY F 3 7.97 -1.74 0.56
C GLY F 3 6.96 -1.67 1.71
N GLY F 4 6.22 -2.76 1.92
CA GLY F 4 5.16 -2.85 2.94
C GLY F 4 5.55 -2.95 4.42
N GLY F 5 4.53 -2.79 5.27
CA GLY F 5 4.66 -2.83 6.73
C GLY F 5 3.27 -3.11 7.32
N GLY F 6 3.15 -4.09 8.22
CA GLY F 6 1.84 -4.38 8.79
C GLY F 6 1.82 -5.12 10.13
N GLY F 7 2.98 -5.20 10.77
CA GLY F 7 3.10 -5.82 12.08
C GLY F 7 3.98 -4.82 12.81
N GLY F 8 4.87 -5.31 13.67
CA GLY F 8 5.76 -4.43 14.44
C GLY F 8 6.02 -2.94 14.16
N ALA F 9 5.37 -2.34 13.17
CA ALA F 9 5.59 -0.93 12.88
C ALA F 9 4.48 0.03 13.35
N ALA F 10 4.15 -0.06 14.64
CA ALA F 10 3.12 0.70 15.35
C ALA F 10 1.72 0.93 14.71
N SER F 11 1.42 0.16 13.66
CA SER F 11 0.12 0.10 12.96
C SER F 11 -0.78 1.29 12.64
N HIS F 12 -1.61 1.08 11.62
CA HIS F 12 -2.54 2.09 11.09
C HIS F 12 -3.83 2.41 11.86
N GLN F 13 -4.07 3.70 12.00
CA GLN F 13 -5.24 4.25 12.67
C GLN F 13 -6.29 4.46 11.59
N ARG F 14 -7.53 4.64 11.99
CA ARG F 14 -8.57 4.92 11.02
C ARG F 14 -9.36 6.14 11.43
N VAL F 15 -10.43 6.34 10.69
CA VAL F 15 -11.29 7.47 10.89
C VAL F 15 -12.67 6.90 10.72
N THR F 16 -13.67 7.65 11.09
CA THR F 16 -14.99 7.15 10.89
C THR F 16 -15.68 8.06 9.90
N PRO F 17 -16.38 7.48 8.93
CA PRO F 17 -17.09 8.27 7.94
C PRO F 17 -18.18 9.01 8.72
N ASP F 18 -18.37 10.28 8.41
CA ASP F 18 -19.33 11.12 9.09
C ASP F 18 -20.69 10.53 9.42
N TRP F 19 -21.35 9.95 8.43
CA TRP F 19 -22.68 9.38 8.64
C TRP F 19 -22.71 8.20 9.61
N MET F 20 -21.56 7.58 9.85
CA MET F 20 -21.47 6.42 10.74
C MET F 20 -21.18 6.90 12.18
N LEU F 21 -20.95 8.20 12.32
CA LEU F 21 -20.61 8.81 13.58
C LEU F 21 -21.57 8.55 14.73
N PRO F 22 -22.89 8.69 14.52
CA PRO F 22 -23.82 8.43 15.62
C PRO F 22 -23.62 7.05 16.26
N LEU F 23 -23.77 6.02 15.44
CA LEU F 23 -23.61 4.64 15.89
C LEU F 23 -22.40 4.59 16.76
N ILE F 24 -21.24 4.63 16.12
CA ILE F 24 -19.93 4.61 16.75
C ILE F 24 -19.90 5.46 18.02
N LEU F 25 -20.65 6.57 17.99
CA LEU F 25 -20.71 7.45 19.13
C LEU F 25 -21.58 6.86 20.23
N GLY F 26 -22.80 6.49 19.86
CA GLY F 26 -23.75 5.93 20.82
C GLY F 26 -23.24 4.79 21.68
N LEU F 27 -22.13 4.17 21.25
CA LEU F 27 -21.55 3.07 22.00
C LEU F 27 -20.64 3.51 23.13
N TYR F 28 -20.32 4.81 23.19
CA TYR F 28 -19.42 5.34 24.20
C TYR F 28 -19.93 6.53 25.03
N GLY F 29 -21.24 6.65 25.19
CA GLY F 29 -21.80 7.74 25.99
C GLY F 29 -22.06 7.23 27.39
#